data_2ICA
# 
_entry.id   2ICA 
# 
_audit_conform.dict_name       mmcif_pdbx.dic 
_audit_conform.dict_version    5.377 
_audit_conform.dict_location   http://mmcif.pdb.org/dictionaries/ascii/mmcif_pdbx.dic 
# 
loop_
_database_2.database_id 
_database_2.database_code 
_database_2.pdbx_database_accession 
_database_2.pdbx_DOI 
PDB   2ICA         pdb_00002ica 10.2210/pdb2ica/pdb 
RCSB  RCSB039405   ?            ?                   
WWPDB D_1000039405 ?            ?                   
# 
_pdbx_database_status.entry_id                        2ICA 
_pdbx_database_status.deposit_site                    RCSB 
_pdbx_database_status.process_site                    RCSB 
_pdbx_database_status.recvd_initial_deposition_date   2006-09-12 
_pdbx_database_status.status_code                     REL 
_pdbx_database_status.status_code_sf                  REL 
_pdbx_database_status.status_code_mr                  ? 
_pdbx_database_status.SG_entry                        ? 
_pdbx_database_status.pdb_format_compatible           Y 
_pdbx_database_status.status_code_cs                  ? 
_pdbx_database_status.methods_development_category    ? 
_pdbx_database_status.status_code_nmr_data            ? 
# 
loop_
_audit_author.name 
_audit_author.pdbx_ordinal 
'Sheriff, S.'  1 
'Einspahr, H.' 2 
# 
_citation.id                        primary 
_citation.title                     
;Discovery and Development of 5-[(5S,9R)-9- (4-Cyanophenyl)-3-(3,5-dichlorophenyl)-1- methyl-2,4-dioxo-1,3,7-triazaspiro[4.4]non- 7-yl-methyl]-3-thiophenecarboxylic acid (BMS-587101)-A Small Molecule Antagonist Leukocyte Function Associated Antigen-1.
;
_citation.journal_abbrev            J.Med.Chem. 
_citation.journal_volume            49 
_citation.page_first                6946 
_citation.page_last                 6949 
_citation.year                      2006 
_citation.journal_id_ASTM           JMCMAR 
_citation.country                   US 
_citation.journal_id_ISSN           0022-2623 
_citation.journal_id_CSD            0151 
_citation.book_publisher            ? 
_citation.pdbx_database_id_PubMed   17125246 
_citation.pdbx_database_id_DOI      10.1021/jm0610806 
# 
loop_
_citation_author.citation_id 
_citation_author.name 
_citation_author.ordinal 
_citation_author.identifier_ORCID 
primary 'Potin, D.'        1  ? 
primary 'Launay, M.'       2  ? 
primary 'Monatlik, F.'     3  ? 
primary 'Malabre, P.'      4  ? 
primary 'Fabreguettes, M.' 5  ? 
primary 'Fouquet, A.'      6  ? 
primary 'Maillet, M.'      7  ? 
primary 'Nicolai, E.'      8  ? 
primary 'Dorgeret, L.'     9  ? 
primary 'Chevallier, F.'   10 ? 
primary 'Besse, D.'        11 ? 
primary 'Dufort, M.'       12 ? 
primary 'Caussade, F.'     13 ? 
primary 'Ahmad, S.Z.'      14 ? 
primary 'Stetsko, D.K.'    15 ? 
primary 'Skala, S.'        16 ? 
primary 'Davis, P.M.'      17 ? 
primary 'Balimane, P.'     18 ? 
primary 'Patel, K.'        19 ? 
primary 'Yang, Z.'         20 ? 
primary 'Marathe, P.'      21 ? 
primary 'Postelneck, J.'   22 ? 
primary 'Townsend, R.M.'   23 ? 
primary 'Goldfarb, V.'     24 ? 
primary 'Sheriff, S.'      25 ? 
primary 'Einspahr, H.'     26 ? 
primary 'Kish, K.'         27 ? 
primary 'Malley, M.F.'     28 ? 
primary 'Dimarco, J.D.'    29 ? 
primary 'Gougoutas, J.Z.'  30 ? 
primary 'Kadiyala, P.'     31 ? 
primary 'Cheney, D.L.'     32 ? 
primary 'Tejwani, R.W.'    33 ? 
primary 'Murphy, D.K.'     34 ? 
primary 'McIntyre, K.W.'   35 ? 
primary 'Yang, X.'         36 ? 
primary 'Chao, S.'         37 ? 
primary 'Leith, L.'        38 ? 
primary 'Xiao, Z.'         39 ? 
primary 'Mathur, A.'       40 ? 
primary 'Chen, B.C.'       41 ? 
primary 'Wu, D.R.'         42 ? 
primary 'Traeger, S.C.'    43 ? 
primary 'McKinnon, M.'     44 ? 
primary 'Barrish, J.C.'    45 ? 
primary 'Robl, J.A.'       46 ? 
primary 'Iwanowicz, E.J.'  47 ? 
primary 'Suchard, S.J.'    48 ? 
primary 'Dhar, T.G.'       49 ? 
# 
_cell.entry_id           2ICA 
_cell.length_a           40.300 
_cell.length_b           63.400 
_cell.length_c           63.300 
_cell.angle_alpha        90.00 
_cell.angle_beta         90.00 
_cell.angle_gamma        90.00 
_cell.Z_PDB              4 
_cell.pdbx_unique_axis   ? 
_cell.length_a_esd       ? 
_cell.length_b_esd       ? 
_cell.length_c_esd       ? 
_cell.angle_alpha_esd    ? 
_cell.angle_beta_esd     ? 
_cell.angle_gamma_esd    ? 
# 
_symmetry.entry_id                         2ICA 
_symmetry.space_group_name_H-M             'P 21 21 21' 
_symmetry.pdbx_full_space_group_name_H-M   ? 
_symmetry.cell_setting                     ? 
_symmetry.Int_Tables_number                19 
_symmetry.space_group_name_Hall            ? 
# 
loop_
_entity.id 
_entity.type 
_entity.src_method 
_entity.pdbx_description 
_entity.formula_weight 
_entity.pdbx_number_of_molecules 
_entity.pdbx_ec 
_entity.pdbx_mutation 
_entity.pdbx_fragment 
_entity.details 
1 polymer     man 'Integrin alpha-L' 20935.980 1   ? ? 'VWFA domain, residues 154-332' ? 
2 non-polymer syn 
;5-[(5S,9R)-9-(4-CYANOPHENYL)-3-(3,5-DICHLOROPHENYL)-1-METHYL-2,4-DIOXO-1,3,7-TRIAZASPIRO [4.4]NON-7-YL]METHYL]-3-THIOPHENECARBOXYLICACID
;
555.432   1   ? ? ?                               ? 
3 water       nat water 18.015    144 ? ? ?                               ? 
# 
_entity_name_com.entity_id   1 
_entity_name_com.name        
'Leukocyte adhesion glycoprotein LFA-1 alpha chain, LFA-1A, Leukocyte function-associated molecule 1 alpha chain, CD11a antigen' 
# 
_entity_poly.entity_id                      1 
_entity_poly.type                           'polypeptide(L)' 
_entity_poly.nstd_linkage                   no 
_entity_poly.nstd_monomer                   no 
_entity_poly.pdbx_seq_one_letter_code       
;GSHMNVDLVFLFDGSMSLQPDEFQKILDFMKDVMKKLSNTSYQFAAVQFSTSYKTEFDFSDYVKRKDPDALLKHVKHMLL
LTNTFGAINYVATEVFREELGARPDATKVLIIITDGEATDSGNIDAAKDIIRYIIGIGKHFQTKESQETLHKFASKPASE
FVKILDTFEKLKDLFTELQKKIY
;
_entity_poly.pdbx_seq_one_letter_code_can   
;GSHMNVDLVFLFDGSMSLQPDEFQKILDFMKDVMKKLSNTSYQFAAVQFSTSYKTEFDFSDYVKRKDPDALLKHVKHMLL
LTNTFGAINYVATEVFREELGARPDATKVLIIITDGEATDSGNIDAAKDIIRYIIGIGKHFQTKESQETLHKFASKPASE
FVKILDTFEKLKDLFTELQKKIY
;
_entity_poly.pdbx_strand_id                 A 
_entity_poly.pdbx_target_identifier         ? 
# 
loop_
_entity_poly_seq.entity_id 
_entity_poly_seq.num 
_entity_poly_seq.mon_id 
_entity_poly_seq.hetero 
1 1   GLY n 
1 2   SER n 
1 3   HIS n 
1 4   MET n 
1 5   ASN n 
1 6   VAL n 
1 7   ASP n 
1 8   LEU n 
1 9   VAL n 
1 10  PHE n 
1 11  LEU n 
1 12  PHE n 
1 13  ASP n 
1 14  GLY n 
1 15  SER n 
1 16  MET n 
1 17  SER n 
1 18  LEU n 
1 19  GLN n 
1 20  PRO n 
1 21  ASP n 
1 22  GLU n 
1 23  PHE n 
1 24  GLN n 
1 25  LYS n 
1 26  ILE n 
1 27  LEU n 
1 28  ASP n 
1 29  PHE n 
1 30  MET n 
1 31  LYS n 
1 32  ASP n 
1 33  VAL n 
1 34  MET n 
1 35  LYS n 
1 36  LYS n 
1 37  LEU n 
1 38  SER n 
1 39  ASN n 
1 40  THR n 
1 41  SER n 
1 42  TYR n 
1 43  GLN n 
1 44  PHE n 
1 45  ALA n 
1 46  ALA n 
1 47  VAL n 
1 48  GLN n 
1 49  PHE n 
1 50  SER n 
1 51  THR n 
1 52  SER n 
1 53  TYR n 
1 54  LYS n 
1 55  THR n 
1 56  GLU n 
1 57  PHE n 
1 58  ASP n 
1 59  PHE n 
1 60  SER n 
1 61  ASP n 
1 62  TYR n 
1 63  VAL n 
1 64  LYS n 
1 65  ARG n 
1 66  LYS n 
1 67  ASP n 
1 68  PRO n 
1 69  ASP n 
1 70  ALA n 
1 71  LEU n 
1 72  LEU n 
1 73  LYS n 
1 74  HIS n 
1 75  VAL n 
1 76  LYS n 
1 77  HIS n 
1 78  MET n 
1 79  LEU n 
1 80  LEU n 
1 81  LEU n 
1 82  THR n 
1 83  ASN n 
1 84  THR n 
1 85  PHE n 
1 86  GLY n 
1 87  ALA n 
1 88  ILE n 
1 89  ASN n 
1 90  TYR n 
1 91  VAL n 
1 92  ALA n 
1 93  THR n 
1 94  GLU n 
1 95  VAL n 
1 96  PHE n 
1 97  ARG n 
1 98  GLU n 
1 99  GLU n 
1 100 LEU n 
1 101 GLY n 
1 102 ALA n 
1 103 ARG n 
1 104 PRO n 
1 105 ASP n 
1 106 ALA n 
1 107 THR n 
1 108 LYS n 
1 109 VAL n 
1 110 LEU n 
1 111 ILE n 
1 112 ILE n 
1 113 ILE n 
1 114 THR n 
1 115 ASP n 
1 116 GLY n 
1 117 GLU n 
1 118 ALA n 
1 119 THR n 
1 120 ASP n 
1 121 SER n 
1 122 GLY n 
1 123 ASN n 
1 124 ILE n 
1 125 ASP n 
1 126 ALA n 
1 127 ALA n 
1 128 LYS n 
1 129 ASP n 
1 130 ILE n 
1 131 ILE n 
1 132 ARG n 
1 133 TYR n 
1 134 ILE n 
1 135 ILE n 
1 136 GLY n 
1 137 ILE n 
1 138 GLY n 
1 139 LYS n 
1 140 HIS n 
1 141 PHE n 
1 142 GLN n 
1 143 THR n 
1 144 LYS n 
1 145 GLU n 
1 146 SER n 
1 147 GLN n 
1 148 GLU n 
1 149 THR n 
1 150 LEU n 
1 151 HIS n 
1 152 LYS n 
1 153 PHE n 
1 154 ALA n 
1 155 SER n 
1 156 LYS n 
1 157 PRO n 
1 158 ALA n 
1 159 SER n 
1 160 GLU n 
1 161 PHE n 
1 162 VAL n 
1 163 LYS n 
1 164 ILE n 
1 165 LEU n 
1 166 ASP n 
1 167 THR n 
1 168 PHE n 
1 169 GLU n 
1 170 LYS n 
1 171 LEU n 
1 172 LYS n 
1 173 ASP n 
1 174 LEU n 
1 175 PHE n 
1 176 THR n 
1 177 GLU n 
1 178 LEU n 
1 179 GLN n 
1 180 LYS n 
1 181 LYS n 
1 182 ILE n 
1 183 TYR n 
# 
_entity_src_gen.entity_id                          1 
_entity_src_gen.pdbx_src_id                        1 
_entity_src_gen.pdbx_alt_source_flag               sample 
_entity_src_gen.pdbx_seq_type                      ? 
_entity_src_gen.pdbx_beg_seq_num                   ? 
_entity_src_gen.pdbx_end_seq_num                   ? 
_entity_src_gen.gene_src_common_name               human 
_entity_src_gen.gene_src_genus                     Homo 
_entity_src_gen.pdbx_gene_src_gene                 'ITGAL, CD11A' 
_entity_src_gen.gene_src_species                   ? 
_entity_src_gen.gene_src_strain                    ? 
_entity_src_gen.gene_src_tissue                    ? 
_entity_src_gen.gene_src_tissue_fraction           ? 
_entity_src_gen.gene_src_details                   ? 
_entity_src_gen.pdbx_gene_src_fragment             ? 
_entity_src_gen.pdbx_gene_src_scientific_name      'Homo sapiens' 
_entity_src_gen.pdbx_gene_src_ncbi_taxonomy_id     9606 
_entity_src_gen.pdbx_gene_src_variant              ? 
_entity_src_gen.pdbx_gene_src_cell_line            ? 
_entity_src_gen.pdbx_gene_src_atcc                 ? 
_entity_src_gen.pdbx_gene_src_organ                ? 
_entity_src_gen.pdbx_gene_src_organelle            ? 
_entity_src_gen.pdbx_gene_src_cell                 ? 
_entity_src_gen.pdbx_gene_src_cellular_location    ? 
_entity_src_gen.host_org_common_name               ? 
_entity_src_gen.pdbx_host_org_scientific_name      'Escherichia coli BL21(DE3)' 
_entity_src_gen.pdbx_host_org_ncbi_taxonomy_id     469008 
_entity_src_gen.host_org_genus                     Escherichia 
_entity_src_gen.pdbx_host_org_gene                 ? 
_entity_src_gen.pdbx_host_org_organ                ? 
_entity_src_gen.host_org_species                   'Escherichia coli' 
_entity_src_gen.pdbx_host_org_tissue               ? 
_entity_src_gen.pdbx_host_org_tissue_fraction      ? 
_entity_src_gen.pdbx_host_org_strain               'BL21(DE3)' 
_entity_src_gen.pdbx_host_org_variant              ? 
_entity_src_gen.pdbx_host_org_cell_line            ? 
_entity_src_gen.pdbx_host_org_atcc                 ? 
_entity_src_gen.pdbx_host_org_culture_collection   ? 
_entity_src_gen.pdbx_host_org_cell                 ? 
_entity_src_gen.pdbx_host_org_organelle            ? 
_entity_src_gen.pdbx_host_org_cellular_location    ? 
_entity_src_gen.pdbx_host_org_vector_type          plasmid 
_entity_src_gen.pdbx_host_org_vector               ? 
_entity_src_gen.host_org_details                   ? 
_entity_src_gen.expression_system_id               ? 
_entity_src_gen.plasmid_name                       PET28A 
_entity_src_gen.plasmid_details                    ? 
_entity_src_gen.pdbx_description                   'MINIMAL MEDIA' 
# 
_struct_ref.id                         1 
_struct_ref.db_name                    UNP 
_struct_ref.db_code                    ITAL_HUMAN 
_struct_ref.pdbx_db_accession          P20701 
_struct_ref.entity_id                  1 
_struct_ref.pdbx_seq_one_letter_code   
;NVDLVFLFDGSMSLQPDEFQKILDFMKDVMKKLSNTSYQFAAVQFSTSYKTEFDFSDYVKRKDPDALLKHVKHMLLLTNT
FGAINYVATEVFREELGARPDATKVLIIITDGEATDSGNIDAAKDIIRYIIGIGKHFQTKESQETLHKFASKPASEFVKI
LDTFEKLKDLFTELQKKIY
;
_struct_ref.pdbx_align_begin           154 
_struct_ref.pdbx_db_isoform            ? 
# 
_struct_ref_seq.align_id                      1 
_struct_ref_seq.ref_id                        1 
_struct_ref_seq.pdbx_PDB_id_code              2ICA 
_struct_ref_seq.pdbx_strand_id                A 
_struct_ref_seq.seq_align_beg                 5 
_struct_ref_seq.pdbx_seq_align_beg_ins_code   ? 
_struct_ref_seq.seq_align_end                 183 
_struct_ref_seq.pdbx_seq_align_end_ins_code   ? 
_struct_ref_seq.pdbx_db_accession             P20701 
_struct_ref_seq.db_align_beg                  154 
_struct_ref_seq.pdbx_db_align_beg_ins_code    ? 
_struct_ref_seq.db_align_end                  332 
_struct_ref_seq.pdbx_db_align_end_ins_code    ? 
_struct_ref_seq.pdbx_auth_seq_align_beg       129 
_struct_ref_seq.pdbx_auth_seq_align_end       307 
# 
loop_
_struct_ref_seq_dif.align_id 
_struct_ref_seq_dif.pdbx_pdb_id_code 
_struct_ref_seq_dif.mon_id 
_struct_ref_seq_dif.pdbx_pdb_strand_id 
_struct_ref_seq_dif.seq_num 
_struct_ref_seq_dif.pdbx_pdb_ins_code 
_struct_ref_seq_dif.pdbx_seq_db_name 
_struct_ref_seq_dif.pdbx_seq_db_accession_code 
_struct_ref_seq_dif.db_mon_id 
_struct_ref_seq_dif.pdbx_seq_db_seq_num 
_struct_ref_seq_dif.details 
_struct_ref_seq_dif.pdbx_auth_seq_num 
_struct_ref_seq_dif.pdbx_ordinal 
1 2ICA GLY A 1 ? UNP P20701 ? ? 'cloning artifact' 125 1 
1 2ICA SER A 2 ? UNP P20701 ? ? 'cloning artifact' 126 2 
1 2ICA HIS A 3 ? UNP P20701 ? ? 'cloning artifact' 127 3 
1 2ICA MET A 4 ? UNP P20701 ? ? 'cloning artifact' 128 4 
# 
loop_
_chem_comp.id 
_chem_comp.type 
_chem_comp.mon_nstd_flag 
_chem_comp.name 
_chem_comp.pdbx_synonyms 
_chem_comp.formula 
_chem_comp.formula_weight 
2IC non-polymer         . 
;5-[(5S,9R)-9-(4-CYANOPHENYL)-3-(3,5-DICHLOROPHENYL)-1-METHYL-2,4-DIOXO-1,3,7-TRIAZASPIRO [4.4]NON-7-YL]METHYL]-3-THIOPHENECARBOXYLICACID
;
? 'C26 H20 Cl2 N4 O4 S' 555.432 
ALA 'L-peptide linking' y ALANINE ? 'C3 H7 N O2'          89.093  
ARG 'L-peptide linking' y ARGININE ? 'C6 H15 N4 O2 1'      175.209 
ASN 'L-peptide linking' y ASPARAGINE ? 'C4 H8 N2 O3'         132.118 
ASP 'L-peptide linking' y 'ASPARTIC ACID' ? 'C4 H7 N O4'          133.103 
GLN 'L-peptide linking' y GLUTAMINE ? 'C5 H10 N2 O3'        146.144 
GLU 'L-peptide linking' y 'GLUTAMIC ACID' ? 'C5 H9 N O4'          147.129 
GLY 'peptide linking'   y GLYCINE ? 'C2 H5 N O2'          75.067  
HIS 'L-peptide linking' y HISTIDINE ? 'C6 H10 N3 O2 1'      156.162 
HOH non-polymer         . WATER ? 'H2 O'                18.015  
ILE 'L-peptide linking' y ISOLEUCINE ? 'C6 H13 N O2'         131.173 
LEU 'L-peptide linking' y LEUCINE ? 'C6 H13 N O2'         131.173 
LYS 'L-peptide linking' y LYSINE ? 'C6 H15 N2 O2 1'      147.195 
MET 'L-peptide linking' y METHIONINE ? 'C5 H11 N O2 S'       149.211 
PHE 'L-peptide linking' y PHENYLALANINE ? 'C9 H11 N O2'         165.189 
PRO 'L-peptide linking' y PROLINE ? 'C5 H9 N O2'          115.130 
SER 'L-peptide linking' y SERINE ? 'C3 H7 N O3'          105.093 
THR 'L-peptide linking' y THREONINE ? 'C4 H9 N O3'          119.119 
TYR 'L-peptide linking' y TYROSINE ? 'C9 H11 N O3'         181.189 
VAL 'L-peptide linking' y VALINE ? 'C5 H11 N O2'         117.146 
# 
_exptl.entry_id          2ICA 
_exptl.method            'X-RAY DIFFRACTION' 
_exptl.crystals_number   1 
# 
_exptl_crystal.id                    1 
_exptl_crystal.density_meas          ? 
_exptl_crystal.density_Matthews      2.01 
_exptl_crystal.density_percent_sol   38.94 
_exptl_crystal.description           ? 
_exptl_crystal.F_000                 ? 
_exptl_crystal.preparation           ? 
# 
_exptl_crystal_grow.crystal_id      1 
_exptl_crystal_grow.method          ? 
_exptl_crystal_grow.temp            293 
_exptl_crystal_grow.temp_details    ? 
_exptl_crystal_grow.pH              8.9 
_exptl_crystal_grow.pdbx_details    
'80% (w/v) sodium citrate, 5% (v/v) glycerol, measured pH 8.9, vapor diffusion, hanging drop, temperature 293K' 
_exptl_crystal_grow.pdbx_pH_range   . 
# 
_diffrn.id                     1 
_diffrn.ambient_temp           100.0 
_diffrn.ambient_temp_details   ? 
_diffrn.crystal_id             1 
# 
_diffrn_detector.diffrn_id              1 
_diffrn_detector.detector               'IMAGE PLATE' 
_diffrn_detector.type                   RIGAKU 
_diffrn_detector.pdbx_collection_date   2002-05-01 
_diffrn_detector.details                
;"BLUE" CONFOCAL
;
# 
_diffrn_radiation.diffrn_id                        1 
_diffrn_radiation.wavelength_id                    1 
_diffrn_radiation.pdbx_monochromatic_or_laue_m_l   M 
_diffrn_radiation.monochromator                    ? 
_diffrn_radiation.pdbx_diffrn_protocol             'SINGLE WAVELENGTH' 
_diffrn_radiation.pdbx_scattering_type             x-ray 
# 
_diffrn_radiation_wavelength.id           1 
_diffrn_radiation_wavelength.wavelength   1.5418 
_diffrn_radiation_wavelength.wt           1.0 
# 
_diffrn_source.diffrn_id                   1 
_diffrn_source.source                      'ROTATING ANODE' 
_diffrn_source.type                        'RIGAKU RU200' 
_diffrn_source.pdbx_synchrotron_site       ? 
_diffrn_source.pdbx_synchrotron_beamline   ? 
_diffrn_source.pdbx_wavelength             1.5418 
_diffrn_source.pdbx_wavelength_list        ? 
# 
_reflns.entry_id                     2ICA 
_reflns.observed_criterion_sigma_I   0.000 
_reflns.observed_criterion_sigma_F   ? 
_reflns.d_resolution_low             50.000 
_reflns.d_resolution_high            1.560 
_reflns.number_obs                   23466 
_reflns.number_all                   ? 
_reflns.percent_possible_obs         98.5 
_reflns.pdbx_Rmerge_I_obs            0.041 
_reflns.pdbx_Rsym_value              ? 
_reflns.pdbx_netI_over_sigmaI        35.6 
_reflns.B_iso_Wilson_estimate        16.60 
_reflns.pdbx_redundancy              4.000 
_reflns.R_free_details               ? 
_reflns.limit_h_max                  ? 
_reflns.limit_h_min                  ? 
_reflns.limit_k_max                  ? 
_reflns.limit_k_min                  ? 
_reflns.limit_l_max                  ? 
_reflns.limit_l_min                  ? 
_reflns.observed_criterion_F_max     ? 
_reflns.observed_criterion_F_min     ? 
_reflns.pdbx_chi_squared             ? 
_reflns.pdbx_scaling_rejects         ? 
_reflns.pdbx_diffrn_id               1 
_reflns.pdbx_ordinal                 1 
# 
_reflns_shell.d_res_high             1.56 
_reflns_shell.d_res_low              1.62 
_reflns_shell.percent_possible_all   86.3 
_reflns_shell.Rmerge_I_obs           0.237 
_reflns_shell.pdbx_Rsym_value        ? 
_reflns_shell.meanI_over_sigI_obs    4.600 
_reflns_shell.pdbx_redundancy        2.50 
_reflns_shell.percent_possible_obs   ? 
_reflns_shell.number_unique_all      ? 
_reflns_shell.number_measured_all    ? 
_reflns_shell.number_measured_obs    ? 
_reflns_shell.number_unique_obs      ? 
_reflns_shell.pdbx_chi_squared       ? 
_reflns_shell.pdbx_diffrn_id         ? 
_reflns_shell.pdbx_ordinal           1 
# 
_refine.entry_id                                 2ICA 
_refine.ls_number_reflns_obs                     23387 
_refine.ls_number_reflns_all                     23387 
_refine.pdbx_ls_sigma_I                          ? 
_refine.pdbx_ls_sigma_F                          0.000 
_refine.pdbx_data_cutoff_high_absF               1021678.820 
_refine.pdbx_data_cutoff_low_absF                0.0000 
_refine.pdbx_data_cutoff_high_rms_absF           ? 
_refine.ls_d_res_low                             34.01 
_refine.ls_d_res_high                            1.56 
_refine.ls_percent_reflns_obs                    98.2 
_refine.ls_R_factor_obs                          0.192 
_refine.ls_R_factor_all                          ? 
_refine.ls_R_factor_R_work                       0.191 
_refine.ls_R_factor_R_free                       0.223 
_refine.ls_R_factor_R_free_error                 0.006 
_refine.ls_R_factor_R_free_error_details         ? 
_refine.ls_percent_reflns_R_free                 5.800 
_refine.ls_number_reflns_R_free                  1364 
_refine.ls_number_parameters                     ? 
_refine.ls_number_restraints                     ? 
_refine.occupancy_min                            ? 
_refine.occupancy_max                            ? 
_refine.correlation_coeff_Fo_to_Fc               ? 
_refine.correlation_coeff_Fo_to_Fc_free          ? 
_refine.B_iso_mean                               15.70 
_refine.aniso_B[1][1]                            -1.34000 
_refine.aniso_B[2][2]                            1.43000 
_refine.aniso_B[3][3]                            -0.09000 
_refine.aniso_B[1][2]                            0.00000 
_refine.aniso_B[1][3]                            0.00000 
_refine.aniso_B[2][3]                            0.00000 
_refine.solvent_model_details                    'FLAT MODEL' 
_refine.solvent_model_param_ksol                 0.382105 
_refine.solvent_model_param_bsol                 48.3322 
_refine.pdbx_solvent_vdw_probe_radii             ? 
_refine.pdbx_solvent_ion_probe_radii             ? 
_refine.pdbx_solvent_shrinkage_radii             ? 
_refine.pdbx_ls_cross_valid_method               THROUGHOUT 
_refine.details                                  ? 
_refine.pdbx_starting_model                      'PDB ENTRY 1LFA CHAIN A' 
_refine.pdbx_method_to_determine_struct          'MOLECULAR REPLACEMENT' 
_refine.pdbx_isotropic_thermal_model             RESTRAINED 
_refine.pdbx_stereochemistry_target_values       ? 
_refine.pdbx_stereochem_target_val_spec_case     ? 
_refine.pdbx_R_Free_selection_details            RANDOM 
_refine.pdbx_overall_ESU_R                       ? 
_refine.pdbx_overall_ESU_R_Free                  ? 
_refine.overall_SU_ML                            ? 
_refine.overall_SU_B                             ? 
_refine.ls_redundancy_reflns_obs                 ? 
_refine.B_iso_min                                ? 
_refine.B_iso_max                                ? 
_refine.overall_SU_R_Cruickshank_DPI             ? 
_refine.overall_SU_R_free                        ? 
_refine.ls_wR_factor_R_free                      ? 
_refine.ls_wR_factor_R_work                      ? 
_refine.overall_FOM_free_R_set                   ? 
_refine.overall_FOM_work_R_set                   ? 
_refine.pdbx_refine_id                           'X-RAY DIFFRACTION' 
_refine.pdbx_diffrn_id                           1 
_refine.pdbx_TLS_residual_ADP_flag               ? 
_refine.pdbx_overall_phase_error                 ? 
_refine.pdbx_overall_SU_R_free_Cruickshank_DPI   ? 
_refine.pdbx_overall_SU_R_Blow_DPI               ? 
_refine.pdbx_overall_SU_R_free_Blow_DPI          ? 
# 
_refine_analyze.entry_id                        2ICA 
_refine_analyze.Luzzati_coordinate_error_obs    0.17 
_refine_analyze.Luzzati_sigma_a_obs             0.06 
_refine_analyze.Luzzati_d_res_low_obs           5.00 
_refine_analyze.Luzzati_coordinate_error_free   0.20 
_refine_analyze.Luzzati_sigma_a_free            0.03 
_refine_analyze.Luzzati_d_res_low_free          ? 
_refine_analyze.number_disordered_residues      ? 
_refine_analyze.occupancy_sum_hydrogen          ? 
_refine_analyze.occupancy_sum_non_hydrogen      ? 
_refine_analyze.pdbx_Luzzati_d_res_high_obs     ? 
_refine_analyze.pdbx_refine_id                  'X-RAY DIFFRACTION' 
# 
_refine_hist.pdbx_refine_id                   'X-RAY DIFFRACTION' 
_refine_hist.cycle_id                         LAST 
_refine_hist.pdbx_number_atoms_protein        1414 
_refine_hist.pdbx_number_atoms_nucleic_acid   0 
_refine_hist.pdbx_number_atoms_ligand         37 
_refine_hist.number_atoms_solvent             144 
_refine_hist.number_atoms_total               1595 
_refine_hist.d_res_high                       1.56 
_refine_hist.d_res_low                        34.01 
# 
loop_
_refine_ls_restr.type 
_refine_ls_restr.dev_ideal 
_refine_ls_restr.dev_ideal_target 
_refine_ls_restr.weight 
_refine_ls_restr.number 
_refine_ls_restr.pdbx_refine_id 
_refine_ls_restr.pdbx_restraint_function 
c_bond_d                0.004 ?     ? ? 'X-RAY DIFFRACTION' ? 
c_bond_d_na             ?     ?     ? ? 'X-RAY DIFFRACTION' ? 
c_bond_d_prot           ?     ?     ? ? 'X-RAY DIFFRACTION' ? 
c_angle_d               ?     ?     ? ? 'X-RAY DIFFRACTION' ? 
c_angle_d_na            ?     ?     ? ? 'X-RAY DIFFRACTION' ? 
c_angle_d_prot          ?     ?     ? ? 'X-RAY DIFFRACTION' ? 
c_angle_deg             1.20  ?     ? ? 'X-RAY DIFFRACTION' ? 
c_angle_deg_na          ?     ?     ? ? 'X-RAY DIFFRACTION' ? 
c_angle_deg_prot        ?     ?     ? ? 'X-RAY DIFFRACTION' ? 
c_dihedral_angle_d      24.00 ?     ? ? 'X-RAY DIFFRACTION' ? 
c_dihedral_angle_d_na   ?     ?     ? ? 'X-RAY DIFFRACTION' ? 
c_dihedral_angle_d_prot ?     ?     ? ? 'X-RAY DIFFRACTION' ? 
c_improper_angle_d      0.64  ?     ? ? 'X-RAY DIFFRACTION' ? 
c_improper_angle_d_na   ?     ?     ? ? 'X-RAY DIFFRACTION' ? 
c_improper_angle_d_prot ?     ?     ? ? 'X-RAY DIFFRACTION' ? 
c_mcbond_it             1.070 1.500 ? ? 'X-RAY DIFFRACTION' ? 
c_mcangle_it            1.650 2.000 ? ? 'X-RAY DIFFRACTION' ? 
c_scbond_it             1.950 2.000 ? ? 'X-RAY DIFFRACTION' ? 
c_scangle_it            2.840 2.500 ? ? 'X-RAY DIFFRACTION' ? 
# 
_refine_ls_shell.pdbx_total_number_of_bins_used   8 
_refine_ls_shell.d_res_high                       1.56 
_refine_ls_shell.d_res_low                        1.63 
_refine_ls_shell.number_reflns_R_work             2428 
_refine_ls_shell.R_factor_R_work                  0.309 
_refine_ls_shell.percent_reflns_obs               87.40 
_refine_ls_shell.R_factor_R_free                  0.338 
_refine_ls_shell.R_factor_R_free_error            0.028 
_refine_ls_shell.percent_reflns_R_free            5.60 
_refine_ls_shell.number_reflns_R_free             143 
_refine_ls_shell.number_reflns_all                ? 
_refine_ls_shell.R_factor_all                     ? 
_refine_ls_shell.redundancy_reflns_obs            ? 
_refine_ls_shell.number_reflns_obs                ? 
_refine_ls_shell.pdbx_refine_id                   'X-RAY DIFFRACTION' 
# 
_pdbx_refine.entry_id                                    2ICA 
_pdbx_refine.R_factor_all_no_cutoff                      0.192 
_pdbx_refine.R_factor_obs_no_cutoff                      0.191 
_pdbx_refine.free_R_factor_no_cutoff                     0.223 
_pdbx_refine.free_R_error_no_cutoff                      0.006 
_pdbx_refine.free_R_val_test_set_size_perc_no_cutoff     5.8 
_pdbx_refine.free_R_val_test_set_ct_no_cutoff            1364 
_pdbx_refine.R_factor_all_4sig_cutoff                    ? 
_pdbx_refine.R_factor_obs_4sig_cutoff                    ? 
_pdbx_refine.free_R_factor_4sig_cutoff                   ? 
_pdbx_refine.free_R_val_test_set_size_perc_4sig_cutoff   ? 
_pdbx_refine.free_R_val_test_set_ct_4sig_cutoff          ? 
_pdbx_refine.number_reflns_obs_4sig_cutoff               ? 
_pdbx_refine.pdbx_refine_id                              'X-RAY DIFFRACTION' 
# 
loop_
_pdbx_xplor_file.serial_no 
_pdbx_xplor_file.param_file 
_pdbx_xplor_file.topol_file 
_pdbx_xplor_file.pdbx_refine_id 
1 PROTEIN_REP.PAR PROTEIN.TOP 'X-RAY DIFFRACTION' 
2 WATER_REP.PAR   WATER.TOP   'X-RAY DIFFRACTION' 
3 ION.PARAM       ION.TOP     'X-RAY DIFFRACTION' 
4 2IC.PAR         2IC.TOP     'X-RAY DIFFRACTION' 
# 
_struct.entry_id                  2ICA 
_struct.title                     
;CD11a (LFA1) I-domain complexed with BMS-587101 aka 5-[(5S, 9R)-9-(4-cyanophenyl)-3-(3,5-dichlorophenyl)-1-methyl-2,4-dioxo-1,3,7-triazaspiro [4.4]non-7-yl]methyl]-3-thiophenecarboxylicacid
;
_struct.pdbx_model_details        ? 
_struct.pdbx_CASP_flag            ? 
_struct.pdbx_model_type_details   ? 
# 
_struct_keywords.entry_id        2ICA 
_struct_keywords.text            'INHIBITOR, PROTEIN-LIGAND COMPLEX, CELL ADHESION' 
_struct_keywords.pdbx_keywords   'CELL ADHESION' 
# 
loop_
_struct_asym.id 
_struct_asym.pdbx_blank_PDB_chainid_flag 
_struct_asym.pdbx_modified 
_struct_asym.entity_id 
_struct_asym.details 
A N N 1 ? 
B N N 2 ? 
C N N 3 ? 
# 
loop_
_struct_conf.conf_type_id 
_struct_conf.id 
_struct_conf.pdbx_PDB_helix_id 
_struct_conf.beg_label_comp_id 
_struct_conf.beg_label_asym_id 
_struct_conf.beg_label_seq_id 
_struct_conf.pdbx_beg_PDB_ins_code 
_struct_conf.end_label_comp_id 
_struct_conf.end_label_asym_id 
_struct_conf.end_label_seq_id 
_struct_conf.pdbx_end_PDB_ins_code 
_struct_conf.beg_auth_comp_id 
_struct_conf.beg_auth_asym_id 
_struct_conf.beg_auth_seq_id 
_struct_conf.end_auth_comp_id 
_struct_conf.end_auth_asym_id 
_struct_conf.end_auth_seq_id 
_struct_conf.pdbx_PDB_helix_class 
_struct_conf.details 
_struct_conf.pdbx_PDB_helix_length 
HELX_P HELX_P1  1  GLN A 19  ? LEU A 37  ? GLN A 143 LEU A 161 1 ? 19 
HELX_P HELX_P2  2  ASP A 58  ? LYS A 66  ? ASP A 182 LYS A 190 1 ? 9  
HELX_P HELX_P3  3  ASP A 67  ? LYS A 73  ? ASP A 191 LYS A 197 1 ? 7  
HELX_P HELX_P4  4  ASN A 83  ? VAL A 95  ? ASN A 207 VAL A 219 1 ? 13 
HELX_P HELX_P5  5  ARG A 97  ? GLY A 101 ? ARG A 221 GLY A 225 5 ? 5  
HELX_P HELX_P6  6  ILE A 124 ? LYS A 128 ? ILE A 248 LYS A 252 5 ? 5  
HELX_P HELX_P7  7  LYS A 139 ? GLN A 142 ? LYS A 263 GLN A 266 5 ? 4  
HELX_P HELX_P8  8  THR A 143 ? THR A 149 ? THR A 267 THR A 273 1 ? 7  
HELX_P HELX_P9  9  LEU A 150 ? ALA A 154 ? LEU A 274 ALA A 278 5 ? 5  
HELX_P HELX_P10 10 PRO A 157 ? PHE A 161 ? PRO A 281 PHE A 285 1 ? 5  
# 
_struct_conf_type.id          HELX_P 
_struct_conf_type.criteria    ? 
_struct_conf_type.reference   ? 
# 
_struct_mon_prot_cis.pdbx_id                1 
_struct_mon_prot_cis.label_comp_id          LYS 
_struct_mon_prot_cis.label_seq_id           156 
_struct_mon_prot_cis.label_asym_id          A 
_struct_mon_prot_cis.label_alt_id           . 
_struct_mon_prot_cis.pdbx_PDB_ins_code      ? 
_struct_mon_prot_cis.auth_comp_id           LYS 
_struct_mon_prot_cis.auth_seq_id            280 
_struct_mon_prot_cis.auth_asym_id           A 
_struct_mon_prot_cis.pdbx_label_comp_id_2   PRO 
_struct_mon_prot_cis.pdbx_label_seq_id_2    157 
_struct_mon_prot_cis.pdbx_label_asym_id_2   A 
_struct_mon_prot_cis.pdbx_PDB_ins_code_2    ? 
_struct_mon_prot_cis.pdbx_auth_comp_id_2    PRO 
_struct_mon_prot_cis.pdbx_auth_seq_id_2     281 
_struct_mon_prot_cis.pdbx_auth_asym_id_2    A 
_struct_mon_prot_cis.pdbx_PDB_model_num     1 
_struct_mon_prot_cis.pdbx_omega_angle       1.63 
# 
_struct_sheet.id               A 
_struct_sheet.type             ? 
_struct_sheet.number_strands   6 
_struct_sheet.details          ? 
# 
loop_
_struct_sheet_order.sheet_id 
_struct_sheet_order.range_id_1 
_struct_sheet_order.range_id_2 
_struct_sheet_order.offset 
_struct_sheet_order.sense 
A 1 2 ? anti-parallel 
A 2 3 ? parallel      
A 3 4 ? parallel      
A 4 5 ? parallel      
A 5 6 ? parallel      
# 
loop_
_struct_sheet_range.sheet_id 
_struct_sheet_range.id 
_struct_sheet_range.beg_label_comp_id 
_struct_sheet_range.beg_label_asym_id 
_struct_sheet_range.beg_label_seq_id 
_struct_sheet_range.pdbx_beg_PDB_ins_code 
_struct_sheet_range.end_label_comp_id 
_struct_sheet_range.end_label_asym_id 
_struct_sheet_range.end_label_seq_id 
_struct_sheet_range.pdbx_end_PDB_ins_code 
_struct_sheet_range.beg_auth_comp_id 
_struct_sheet_range.beg_auth_asym_id 
_struct_sheet_range.beg_auth_seq_id 
_struct_sheet_range.end_auth_comp_id 
_struct_sheet_range.end_auth_asym_id 
_struct_sheet_range.end_auth_seq_id 
A 1 TYR A 53  ? PHE A 57  ? TYR A 177 PHE A 181 
A 2 TYR A 42  ? PHE A 49  ? TYR A 166 PHE A 173 
A 3 VAL A 6   ? ASP A 13  ? VAL A 130 ASP A 137 
A 4 THR A 107 ? THR A 114 ? THR A 231 THR A 238 
A 5 ILE A 131 ? ILE A 137 ? ILE A 255 ILE A 261 
A 6 VAL A 162 ? LEU A 165 ? VAL A 286 LEU A 289 
# 
loop_
_pdbx_struct_sheet_hbond.sheet_id 
_pdbx_struct_sheet_hbond.range_id_1 
_pdbx_struct_sheet_hbond.range_id_2 
_pdbx_struct_sheet_hbond.range_1_label_atom_id 
_pdbx_struct_sheet_hbond.range_1_label_comp_id 
_pdbx_struct_sheet_hbond.range_1_label_asym_id 
_pdbx_struct_sheet_hbond.range_1_label_seq_id 
_pdbx_struct_sheet_hbond.range_1_PDB_ins_code 
_pdbx_struct_sheet_hbond.range_1_auth_atom_id 
_pdbx_struct_sheet_hbond.range_1_auth_comp_id 
_pdbx_struct_sheet_hbond.range_1_auth_asym_id 
_pdbx_struct_sheet_hbond.range_1_auth_seq_id 
_pdbx_struct_sheet_hbond.range_2_label_atom_id 
_pdbx_struct_sheet_hbond.range_2_label_comp_id 
_pdbx_struct_sheet_hbond.range_2_label_asym_id 
_pdbx_struct_sheet_hbond.range_2_label_seq_id 
_pdbx_struct_sheet_hbond.range_2_PDB_ins_code 
_pdbx_struct_sheet_hbond.range_2_auth_atom_id 
_pdbx_struct_sheet_hbond.range_2_auth_comp_id 
_pdbx_struct_sheet_hbond.range_2_auth_asym_id 
_pdbx_struct_sheet_hbond.range_2_auth_seq_id 
A 1 2 O LYS A 54  ? O LYS A 178 N GLN A 48  ? N GLN A 172 
A 2 3 O VAL A 47  ? O VAL A 171 N PHE A 10  ? N PHE A 134 
A 3 4 N VAL A 9   ? N VAL A 133 O ILE A 111 ? O ILE A 235 
A 4 5 N ILE A 112 ? N ILE A 236 O ILE A 135 ? O ILE A 259 
A 5 6 N GLY A 136 ? N GLY A 260 O LYS A 36  ? O LYS A 160 
# 
_struct_site.id                   AC1 
_struct_site.pdbx_evidence_code   Software 
_struct_site.pdbx_auth_asym_id    A 
_struct_site.pdbx_auth_comp_id    2IC 
_struct_site.pdbx_auth_seq_id     1 
_struct_site.pdbx_auth_ins_code   ? 
_struct_site.pdbx_num_residues    11 
_struct_site.details              'BINDING SITE FOR RESIDUE 2IC A 1' 
# 
loop_
_struct_site_gen.id 
_struct_site_gen.site_id 
_struct_site_gen.pdbx_num_res 
_struct_site_gen.label_comp_id 
_struct_site_gen.label_asym_id 
_struct_site_gen.label_seq_id 
_struct_site_gen.pdbx_auth_ins_code 
_struct_site_gen.auth_comp_id 
_struct_site_gen.auth_asym_id 
_struct_site_gen.auth_seq_id 
_struct_site_gen.label_atom_id 
_struct_site_gen.label_alt_id 
_struct_site_gen.symmetry 
_struct_site_gen.details 
1  AC1 11 TYR A 42  ? TYR A 166 . ? 1_555 ? 
2  AC1 11 VAL A 109 ? VAL A 233 . ? 1_555 ? 
3  AC1 11 ILE A 111 ? ILE A 235 . ? 1_555 ? 
4  AC1 11 ILE A 131 ? ILE A 255 . ? 1_555 ? 
5  AC1 11 TYR A 133 ? TYR A 257 . ? 1_555 ? 
6  AC1 11 ILE A 135 ? ILE A 259 . ? 1_555 ? 
7  AC1 11 LYS A 163 ? LYS A 287 . ? 1_555 ? 
8  AC1 11 LEU A 178 ? LEU A 302 . ? 1_555 ? 
9  AC1 11 ILE A 182 ? ILE A 306 . ? 1_555 ? 
10 AC1 11 HOH C .   ? HOH A 324 . ? 1_555 ? 
11 AC1 11 HOH C .   ? HOH A 381 . ? 1_555 ? 
# 
_atom_sites.entry_id                    2ICA 
_atom_sites.fract_transf_matrix[1][1]   0.02474582 
_atom_sites.fract_transf_matrix[1][2]   -0.00174278 
_atom_sites.fract_transf_matrix[1][3]   -0.00058434 
_atom_sites.fract_transf_matrix[2][1]   0.00099133 
_atom_sites.fract_transf_matrix[2][2]   0.01530739 
_atom_sites.fract_transf_matrix[2][3]   -0.00367267 
_atom_sites.fract_transf_matrix[3][1]   0.00061940 
_atom_sites.fract_transf_matrix[3][2]   0.00364500 
_atom_sites.fract_transf_matrix[3][3]   0.01535927 
_atom_sites.fract_transf_vector[1]      0.040202 
_atom_sites.fract_transf_vector[2]      0.035820 
_atom_sites.fract_transf_vector[3]      0.434967 
# 
loop_
_atom_type.symbol 
C  
CL 
N  
O  
S  
# 
loop_
_atom_site.group_PDB 
_atom_site.id 
_atom_site.type_symbol 
_atom_site.label_atom_id 
_atom_site.label_alt_id 
_atom_site.label_comp_id 
_atom_site.label_asym_id 
_atom_site.label_entity_id 
_atom_site.label_seq_id 
_atom_site.pdbx_PDB_ins_code 
_atom_site.Cartn_x 
_atom_site.Cartn_y 
_atom_site.Cartn_z 
_atom_site.occupancy 
_atom_site.B_iso_or_equiv 
_atom_site.pdbx_formal_charge 
_atom_site.auth_seq_id 
_atom_site.auth_comp_id 
_atom_site.auth_asym_id 
_atom_site.auth_atom_id 
_atom_site.pdbx_PDB_model_num 
ATOM   1    N  N    . MET A 1 4   ? -17.645 -1.181  -11.744 1.00 30.82 ? 128 MET A N    1 
ATOM   2    C  CA   . MET A 1 4   ? -16.867 -0.361  -10.769 1.00 30.79 ? 128 MET A CA   1 
ATOM   3    C  C    . MET A 1 4   ? -15.369 -0.523  -11.003 1.00 28.91 ? 128 MET A C    1 
ATOM   4    O  O    . MET A 1 4   ? -14.703 -1.286  -10.302 1.00 31.30 ? 128 MET A O    1 
ATOM   5    C  CB   . MET A 1 4   ? -17.220 -0.778  -9.345  1.00 31.32 ? 128 MET A CB   1 
ATOM   6    N  N    . ASN A 1 5   ? -14.843 0.197   -11.990 1.00 26.70 ? 129 ASN A N    1 
ATOM   7    C  CA   . ASN A 1 5   ? -13.425 0.115   -12.320 1.00 21.92 ? 129 ASN A CA   1 
ATOM   8    C  C    . ASN A 1 5   ? -12.569 0.797   -11.260 1.00 19.01 ? 129 ASN A C    1 
ATOM   9    O  O    . ASN A 1 5   ? -12.629 2.012   -11.089 1.00 17.36 ? 129 ASN A O    1 
ATOM   10   C  CB   . ASN A 1 5   ? -13.155 0.765   -13.682 1.00 23.70 ? 129 ASN A CB   1 
ATOM   11   C  CG   . ASN A 1 5   ? -13.518 -0.140  -14.844 1.00 25.80 ? 129 ASN A CG   1 
ATOM   12   O  OD1  . ASN A 1 5   ? -13.190 0.151   -15.996 1.00 27.61 ? 129 ASN A OD1  1 
ATOM   13   N  ND2  . ASN A 1 5   ? -14.193 -1.244  -14.549 1.00 24.47 ? 129 ASN A ND2  1 
ATOM   14   N  N    . VAL A 1 6   ? -11.775 0.004   -10.550 1.00 15.09 ? 130 VAL A N    1 
ATOM   15   C  CA   . VAL A 1 6   ? -10.856 0.537   -9.554  1.00 13.50 ? 130 VAL A CA   1 
ATOM   16   C  C    . VAL A 1 6   ? -9.429  0.093   -9.847  1.00 12.29 ? 130 VAL A C    1 
ATOM   17   O  O    . VAL A 1 6   ? -9.157  -1.100  -9.978  1.00 12.38 ? 130 VAL A O    1 
ATOM   18   C  CB   . VAL A 1 6   ? -11.237 0.064   -8.136  1.00 12.83 ? 130 VAL A CB   1 
ATOM   19   C  CG1  . VAL A 1 6   ? -10.214 0.569   -7.125  1.00 15.27 ? 130 VAL A CG1  1 
ATOM   20   C  CG2  . VAL A 1 6   ? -12.632 0.566   -7.780  1.00 14.97 ? 130 VAL A CG2  1 
ATOM   21   N  N    . ASP A 1 7   ? -8.529  1.064   -9.961  1.00 10.11 ? 131 ASP A N    1 
ATOM   22   C  CA   . ASP A 1 7   ? -7.099  0.789   -10.056 1.00 9.75  ? 131 ASP A CA   1 
ATOM   23   C  C    . ASP A 1 7   ? -6.483  0.994   -8.678  1.00 9.74  ? 131 ASP A C    1 
ATOM   24   O  O    . ASP A 1 7   ? -6.322  2.130   -8.230  1.00 10.04 ? 131 ASP A O    1 
ATOM   25   C  CB   . ASP A 1 7   ? -6.429  1.740   -11.055 1.00 10.62 ? 131 ASP A CB   1 
ATOM   26   C  CG   . ASP A 1 7   ? -6.707  1.376   -12.505 1.00 11.25 ? 131 ASP A CG   1 
ATOM   27   O  OD1  . ASP A 1 7   ? -7.227  0.269   -12.773 1.00 11.94 ? 131 ASP A OD1  1 
ATOM   28   O  OD2  . ASP A 1 7   ? -6.400  2.208   -13.380 1.00 11.68 ? 131 ASP A OD2  1 
ATOM   29   N  N    . LEU A 1 8   ? -6.143  -0.103  -8.012  1.00 9.26  ? 132 LEU A N    1 
ATOM   30   C  CA   . LEU A 1 8   ? -5.635  -0.036  -6.647  1.00 7.74  ? 132 LEU A CA   1 
ATOM   31   C  C    . LEU A 1 8   ? -4.158  -0.406  -6.593  1.00 8.18  ? 132 LEU A C    1 
ATOM   32   O  O    . LEU A 1 8   ? -3.742  -1.428  -7.143  1.00 8.99  ? 132 LEU A O    1 
ATOM   33   C  CB   . LEU A 1 8   ? -6.444  -0.970  -5.737  1.00 9.46  ? 132 LEU A CB   1 
ATOM   34   C  CG   . LEU A 1 8   ? -6.161  -0.906  -4.231  1.00 9.21  ? 132 LEU A CG   1 
ATOM   35   C  CD1  . LEU A 1 8   ? -7.424  -1.268  -3.459  1.00 10.88 ? 132 LEU A CD1  1 
ATOM   36   C  CD2  . LEU A 1 8   ? -5.020  -1.849  -3.867  1.00 9.91  ? 132 LEU A CD2  1 
ATOM   37   N  N    . VAL A 1 9   ? -3.375  0.434   -5.925  1.00 8.25  ? 133 VAL A N    1 
ATOM   38   C  CA   . VAL A 1 9   ? -1.948  0.190   -5.741  1.00 7.72  ? 133 VAL A CA   1 
ATOM   39   C  C    . VAL A 1 9   ? -1.635  -0.062  -4.272  1.00 8.20  ? 133 VAL A C    1 
ATOM   40   O  O    . VAL A 1 9   ? -2.046  0.708   -3.405  1.00 9.18  ? 133 VAL A O    1 
ATOM   41   C  CB   . VAL A 1 9   ? -1.109  1.400   -6.212  1.00 7.23  ? 133 VAL A CB   1 
ATOM   42   C  CG1  . VAL A 1 9   ? 0.374   1.117   -6.008  1.00 10.34 ? 133 VAL A CG1  1 
ATOM   43   C  CG2  . VAL A 1 9   ? -1.400  1.696   -7.675  1.00 8.77  ? 133 VAL A CG2  1 
ATOM   44   N  N    . PHE A 1 10  ? -0.907  -1.139  -3.997  1.00 7.60  ? 134 PHE A N    1 
ATOM   45   C  CA   . PHE A 1 10  ? -0.343  -1.360  -2.665  1.00 6.61  ? 134 PHE A CA   1 
ATOM   46   C  C    . PHE A 1 10  ? 1.043   -0.744  -2.635  1.00 7.49  ? 134 PHE A C    1 
ATOM   47   O  O    . PHE A 1 10  ? 1.874   -1.042  -3.493  1.00 8.85  ? 134 PHE A O    1 
ATOM   48   C  CB   . PHE A 1 10  ? -0.213  -2.855  -2.359  1.00 7.72  ? 134 PHE A CB   1 
ATOM   49   C  CG   . PHE A 1 10  ? -1.520  -3.589  -2.303  1.00 9.54  ? 134 PHE A CG   1 
ATOM   50   C  CD1  . PHE A 1 10  ? -2.362  -3.454  -1.211  1.00 11.23 ? 134 PHE A CD1  1 
ATOM   51   C  CD2  . PHE A 1 10  ? -1.891  -4.441  -3.331  1.00 10.75 ? 134 PHE A CD2  1 
ATOM   52   C  CE1  . PHE A 1 10  ? -3.555  -4.161  -1.148  1.00 12.03 ? 134 PHE A CE1  1 
ATOM   53   C  CE2  . PHE A 1 10  ? -3.077  -5.149  -3.272  1.00 11.64 ? 134 PHE A CE2  1 
ATOM   54   C  CZ   . PHE A 1 10  ? -3.909  -5.008  -2.181  1.00 13.55 ? 134 PHE A CZ   1 
ATOM   55   N  N    . LEU A 1 11  ? 1.290   0.110   -1.648  1.00 6.87  ? 135 LEU A N    1 
ATOM   56   C  CA   . LEU A 1 11  ? 2.616   0.671   -1.431  1.00 6.83  ? 135 LEU A CA   1 
ATOM   57   C  C    . LEU A 1 11  ? 3.073   0.204   -0.057  1.00 8.09  ? 135 LEU A C    1 
ATOM   58   O  O    . LEU A 1 11  ? 2.582   0.684   0.969   1.00 8.95  ? 135 LEU A O    1 
ATOM   59   C  CB   . LEU A 1 11  ? 2.564   2.203   -1.484  1.00 8.38  ? 135 LEU A CB   1 
ATOM   60   C  CG   . LEU A 1 11  ? 3.888   2.925   -1.210  1.00 8.03  ? 135 LEU A CG   1 
ATOM   61   C  CD1  . LEU A 1 11  ? 4.908   2.558   -2.283  1.00 8.29  ? 135 LEU A CD1  1 
ATOM   62   C  CD2  . LEU A 1 11  ? 3.664   4.433   -1.188  1.00 10.77 ? 135 LEU A CD2  1 
ATOM   63   N  N    . PHE A 1 12  ? 3.994   -0.754  -0.033  1.00 7.66  ? 136 PHE A N    1 
ATOM   64   C  CA   . PHE A 1 12  ? 4.333   -1.400  1.226   1.00 7.71  ? 136 PHE A CA   1 
ATOM   65   C  C    . PHE A 1 12  ? 5.775   -1.212  1.671   1.00 8.11  ? 136 PHE A C    1 
ATOM   66   O  O    . PHE A 1 12  ? 6.713   -1.248  0.873   1.00 9.03  ? 136 PHE A O    1 
ATOM   67   C  CB   . PHE A 1 12  ? 3.966   -2.899  1.193   1.00 8.19  ? 136 PHE A CB   1 
ATOM   68   C  CG   . PHE A 1 12  ? 4.726   -3.711  0.176   1.00 7.13  ? 136 PHE A CG   1 
ATOM   69   C  CD1  . PHE A 1 12  ? 4.328   -3.735  -1.154  1.00 8.10  ? 136 PHE A CD1  1 
ATOM   70   C  CD2  . PHE A 1 12  ? 5.795   -4.505  0.564   1.00 9.07  ? 136 PHE A CD2  1 
ATOM   71   C  CE1  . PHE A 1 12  ? 4.979   -4.541  -2.076  1.00 8.57  ? 136 PHE A CE1  1 
ATOM   72   C  CE2  . PHE A 1 12  ? 6.449   -5.315  -0.354  1.00 8.83  ? 136 PHE A CE2  1 
ATOM   73   C  CZ   . PHE A 1 12  ? 6.039   -5.333  -1.676  1.00 9.11  ? 136 PHE A CZ   1 
ATOM   74   N  N    . ASP A 1 13  ? 5.910   -1.005  2.978   1.00 8.34  ? 137 ASP A N    1 
ATOM   75   C  CA   . ASP A 1 13  ? 7.152   -0.658  3.658   1.00 10.82 ? 137 ASP A CA   1 
ATOM   76   C  C    . ASP A 1 13  ? 8.101   -1.855  3.681   1.00 10.30 ? 137 ASP A C    1 
ATOM   77   O  O    . ASP A 1 13  ? 7.734   -2.936  4.139   1.00 11.11 ? 137 ASP A O    1 
ATOM   78   C  CB   . ASP A 1 13  ? 6.790   -0.237  5.087   1.00 11.03 ? 137 ASP A CB   1 
ATOM   79   C  CG   . ASP A 1 13  ? 7.926   0.439   5.831   1.00 11.91 ? 137 ASP A CG   1 
ATOM   80   O  OD1  . ASP A 1 13  ? 9.107   0.275   5.452   1.00 12.15 ? 137 ASP A OD1  1 
ATOM   81   O  OD2  . ASP A 1 13  ? 7.619   1.141   6.820   1.00 9.87  ? 137 ASP A OD2  1 
ATOM   82   N  N    . GLY A 1 14  ? 9.322   -1.649  3.195   1.00 8.94  ? 138 GLY A N    1 
ATOM   83   C  CA   . GLY A 1 14  ? 10.324  -2.697  3.244   1.00 9.59  ? 138 GLY A CA   1 
ATOM   84   C  C    . GLY A 1 14  ? 11.560  -2.301  4.032   1.00 10.33 ? 138 GLY A C    1 
ATOM   85   O  O    . GLY A 1 14  ? 12.658  -2.791  3.764   1.00 11.16 ? 138 GLY A O    1 
ATOM   86   N  N    . SER A 1 15  ? 11.398  -1.411  5.007   1.00 10.60 ? 139 SER A N    1 
ATOM   87   C  CA   . SER A 1 15  ? 12.555  -0.885  5.723   1.00 10.99 ? 139 SER A CA   1 
ATOM   88   C  C    . SER A 1 15  ? 13.128  -1.893  6.706   1.00 10.52 ? 139 SER A C    1 
ATOM   89   O  O    . SER A 1 15  ? 12.531  -2.934  6.978   1.00 10.91 ? 139 SER A O    1 
ATOM   90   C  CB   . SER A 1 15  ? 12.191  0.384   6.489   1.00 11.38 ? 139 SER A CB   1 
ATOM   91   O  OG   . SER A 1 15  ? 11.663  0.055   7.761   1.00 13.00 ? 139 SER A OG   1 
ATOM   92   N  N    . MET A 1 16  ? 14.293  -1.561  7.249   1.00 11.64 ? 140 MET A N    1 
ATOM   93   C  CA   . MET A 1 16  ? 14.999  -2.464  8.147   1.00 11.51 ? 140 MET A CA   1 
ATOM   94   C  C    . MET A 1 16  ? 14.308  -2.626  9.498   1.00 12.45 ? 140 MET A C    1 
ATOM   95   O  O    . MET A 1 16  ? 14.667  -3.513  10.270  1.00 12.80 ? 140 MET A O    1 
ATOM   96   C  CB   . MET A 1 16  ? 16.425  -1.967  8.370   1.00 11.98 ? 140 MET A CB   1 
ATOM   97   C  CG   . MET A 1 16  ? 16.497  -0.647  9.113   1.00 12.97 ? 140 MET A CG   1 
ATOM   98   S  SD   . MET A 1 16  ? 18.191  -0.089  9.382   1.00 15.10 ? 140 MET A SD   1 
ATOM   99   C  CE   . MET A 1 16  ? 18.694  0.306   7.719   1.00 15.21 ? 140 MET A CE   1 
ATOM   100  N  N    . SER A 1 17  ? 13.327  -1.780  9.798   1.00 12.28 ? 141 SER A N    1 
ATOM   101  C  CA   . SER A 1 17  ? 12.668  -1.878  11.097  1.00 12.27 ? 141 SER A CA   1 
ATOM   102  C  C    . SER A 1 17  ? 11.602  -2.970  11.133  1.00 12.83 ? 141 SER A C    1 
ATOM   103  O  O    . SER A 1 17  ? 11.170  -3.380  12.209  1.00 14.35 ? 141 SER A O    1 
ATOM   104  C  CB   . SER A 1 17  ? 12.059  -0.526  11.506  1.00 14.92 ? 141 SER A CB   1 
ATOM   105  O  OG   . SER A 1 17  ? 11.103  -0.068  10.572  1.00 16.35 ? 141 SER A OG   1 
ATOM   106  N  N    . LEU A 1 18  ? 11.185  -3.452  9.967   1.00 12.31 ? 142 LEU A N    1 
ATOM   107  C  CA   . LEU A 1 18  ? 10.241  -4.562  9.925   1.00 12.99 ? 142 LEU A CA   1 
ATOM   108  C  C    . LEU A 1 18  ? 10.949  -5.891  10.146  1.00 13.47 ? 142 LEU A C    1 
ATOM   109  O  O    . LEU A 1 18  ? 11.982  -6.164  9.535   1.00 14.67 ? 142 LEU A O    1 
ATOM   110  C  CB   . LEU A 1 18  ? 9.500   -4.603  8.583   1.00 13.38 ? 142 LEU A CB   1 
ATOM   111  C  CG   . LEU A 1 18  ? 8.299   -3.664  8.448   1.00 14.75 ? 142 LEU A CG   1 
ATOM   112  C  CD1  . LEU A 1 18  ? 8.777   -2.247  8.196   1.00 15.05 ? 142 LEU A CD1  1 
ATOM   113  C  CD2  . LEU A 1 18  ? 7.409   -4.137  7.309   1.00 15.90 ? 142 LEU A CD2  1 
ATOM   114  N  N    . GLN A 1 19  ? 10.389  -6.713  11.026  1.00 14.81 ? 143 GLN A N    1 
ATOM   115  C  CA   . GLN A 1 19  ? 10.875  -8.074  11.208  1.00 15.01 ? 143 GLN A CA   1 
ATOM   116  C  C    . GLN A 1 19  ? 10.481  -8.896  9.985   1.00 15.15 ? 143 GLN A C    1 
ATOM   117  O  O    . GLN A 1 19  ? 9.533   -8.559  9.275   1.00 15.54 ? 143 GLN A O    1 
ATOM   118  C  CB   . GLN A 1 19  ? 10.259  -8.691  12.467  1.00 16.72 ? 143 GLN A CB   1 
ATOM   119  C  CG   . GLN A 1 19  ? 10.529  -7.906  13.742  1.00 18.54 ? 143 GLN A CG   1 
ATOM   120  C  CD   . GLN A 1 19  ? 9.928   -8.565  14.970  1.00 18.75 ? 143 GLN A CD   1 
ATOM   121  O  OE1  . GLN A 1 19  ? 10.154  -9.746  15.226  1.00 22.01 ? 143 GLN A OE1  1 
ATOM   122  N  NE2  . GLN A 1 19  ? 9.157   -7.801  15.734  1.00 20.76 ? 143 GLN A NE2  1 
ATOM   123  N  N    . PRO A 1 20  ? 11.205  -9.991  9.721   1.00 14.93 ? 144 PRO A N    1 
ATOM   124  C  CA   . PRO A 1 20  ? 10.886  -10.816 8.551   1.00 14.76 ? 144 PRO A CA   1 
ATOM   125  C  C    . PRO A 1 20  ? 9.432   -11.297 8.519   1.00 15.55 ? 144 PRO A C    1 
ATOM   126  O  O    . PRO A 1 20  ? 8.792   -11.286 7.466   1.00 15.42 ? 144 PRO A O    1 
ATOM   127  C  CB   . PRO A 1 20  ? 11.880  -11.976 8.652   1.00 16.04 ? 144 PRO A CB   1 
ATOM   128  C  CG   . PRO A 1 20  ? 13.033  -11.402 9.420   1.00 16.27 ? 144 PRO A CG   1 
ATOM   129  C  CD   . PRO A 1 20  ? 12.411  -10.467 10.421  1.00 15.15 ? 144 PRO A CD   1 
ATOM   130  N  N    . ASP A 1 21  ? 8.905   -11.701 9.671   1.00 15.57 ? 145 ASP A N    1 
ATOM   131  C  CA   . ASP A 1 21  ? 7.543   -12.221 9.729   1.00 16.57 ? 145 ASP A CA   1 
ATOM   132  C  C    . ASP A 1 21  ? 6.523   -11.114 9.515   1.00 14.74 ? 145 ASP A C    1 
ATOM   133  O  O    . ASP A 1 21  ? 5.434   -11.352 8.991   1.00 15.54 ? 145 ASP A O    1 
ATOM   134  C  CB   . ASP A 1 21  ? 7.283   -12.903 11.074  1.00 19.85 ? 145 ASP A CB   1 
ATOM   135  C  CG   . ASP A 1 21  ? 8.004   -14.232 11.204  1.00 25.28 ? 145 ASP A CG   1 
ATOM   136  O  OD1  . ASP A 1 21  ? 8.025   -14.791 12.322  1.00 30.06 ? 145 ASP A OD1  1 
ATOM   137  O  OD2  . ASP A 1 21  ? 8.547   -14.721 10.190  1.00 28.23 ? 145 ASP A OD2  1 
ATOM   138  N  N    . GLU A 1 22  ? 6.880   -9.901  9.919   1.00 13.77 ? 146 GLU A N    1 
ATOM   139  C  CA   . GLU A 1 22  ? 6.005   -8.755  9.719   1.00 12.00 ? 146 GLU A CA   1 
ATOM   140  C  C    . GLU A 1 22  ? 5.900   -8.430  8.233   1.00 11.10 ? 146 GLU A C    1 
ATOM   141  O  O    . GLU A 1 22  ? 4.807   -8.198  7.717   1.00 12.02 ? 146 GLU A O    1 
ATOM   142  C  CB   . GLU A 1 22  ? 6.538   -7.548  10.498  1.00 12.75 ? 146 GLU A CB   1 
ATOM   143  C  CG   . GLU A 1 22  ? 6.558   -7.776  12.005  1.00 15.34 ? 146 GLU A CG   1 
ATOM   144  C  CD   . GLU A 1 22  ? 7.052   -6.575  12.792  1.00 16.17 ? 146 GLU A CD   1 
ATOM   145  O  OE1  . GLU A 1 22  ? 7.975   -5.879  12.319  1.00 15.78 ? 146 GLU A OE1  1 
ATOM   146  O  OE2  . GLU A 1 22  ? 6.516   -6.328  13.894  1.00 18.57 ? 146 GLU A OE2  1 
ATOM   147  N  N    . PHE A 1 23  ? 7.036   -8.436  7.544   1.00 11.02 ? 147 PHE A N    1 
ATOM   148  C  CA   . PHE A 1 23  ? 7.054   -8.184  6.107   1.00 10.35 ? 147 PHE A CA   1 
ATOM   149  C  C    . PHE A 1 23  ? 6.217   -9.244  5.387   1.00 11.65 ? 147 PHE A C    1 
ATOM   150  O  O    . PHE A 1 23  ? 5.446   -8.930  4.477   1.00 11.70 ? 147 PHE A O    1 
ATOM   151  C  CB   . PHE A 1 23  ? 8.507   -8.197  5.605   1.00 11.78 ? 147 PHE A CB   1 
ATOM   152  C  CG   . PHE A 1 23  ? 8.662   -7.851  4.149   1.00 11.56 ? 147 PHE A CG   1 
ATOM   153  C  CD1  . PHE A 1 23  ? 8.610   -6.531  3.727   1.00 11.78 ? 147 PHE A CD1  1 
ATOM   154  C  CD2  . PHE A 1 23  ? 8.901   -8.843  3.210   1.00 12.58 ? 147 PHE A CD2  1 
ATOM   155  C  CE1  . PHE A 1 23  ? 8.796   -6.204  2.393   1.00 12.34 ? 147 PHE A CE1  1 
ATOM   156  C  CE2  . PHE A 1 23  ? 9.087   -8.524  1.873   1.00 12.15 ? 147 PHE A CE2  1 
ATOM   157  C  CZ   . PHE A 1 23  ? 9.034   -7.202  1.467   1.00 11.07 ? 147 PHE A CZ   1 
ATOM   158  N  N    . GLN A 1 24  ? 6.344   -10.499 5.811   1.00 12.52 ? 148 GLN A N    1 
ATOM   159  C  CA   . GLN A 1 24  ? 5.566   -11.573 5.203   1.00 13.36 ? 148 GLN A CA   1 
ATOM   160  C  C    . GLN A 1 24  ? 4.063   -11.374 5.405   1.00 13.43 ? 148 GLN A C    1 
ATOM   161  O  O    . GLN A 1 24  ? 3.269   -11.636 4.503   1.00 13.09 ? 148 GLN A O    1 
ATOM   162  C  CB   . GLN A 1 24  ? 5.984   -12.931 5.777   1.00 14.38 ? 148 GLN A CB   1 
ATOM   163  C  CG   . GLN A 1 24  ? 5.253   -14.108 5.146   1.00 17.01 ? 148 GLN A CG   1 
ATOM   164  C  CD   . GLN A 1 24  ? 5.551   -14.256 3.663   1.00 18.49 ? 148 GLN A CD   1 
ATOM   165  O  OE1  . GLN A 1 24  ? 6.711   -14.254 3.249   1.00 20.78 ? 148 GLN A OE1  1 
ATOM   166  N  NE2  . GLN A 1 24  ? 4.501   -14.381 2.855   1.00 18.60 ? 148 GLN A NE2  1 
ATOM   167  N  N    . LYS A 1 25  ? 3.670   -10.906 6.584   1.00 12.09 ? 149 LYS A N    1 
ATOM   168  C  CA   . LYS A 1 25  ? 2.256   -10.675 6.847   1.00 13.23 ? 149 LYS A CA   1 
ATOM   169  C  C    . LYS A 1 25  ? 1.673   -9.598  5.934   1.00 12.31 ? 149 LYS A C    1 
ATOM   170  O  O    . LYS A 1 25  ? 0.489   -9.634  5.607   1.00 12.57 ? 149 LYS A O    1 
ATOM   171  C  CB   . LYS A 1 25  ? 2.039   -10.298 8.314   1.00 14.55 ? 149 LYS A CB   1 
ATOM   172  C  CG   . LYS A 1 25  ? 2.268   -11.458 9.274   1.00 18.75 ? 149 LYS A CG   1 
ATOM   173  C  CD   . LYS A 1 25  ? 1.932   -11.071 10.703  1.00 22.29 ? 149 LYS A CD   1 
ATOM   174  C  CE   . LYS A 1 25  ? 2.505   -12.073 11.692  1.00 26.16 ? 149 LYS A CE   1 
ATOM   175  N  NZ   . LYS A 1 25  ? 2.190   -13.476 11.317  1.00 26.14 ? 149 LYS A NZ   1 
ATOM   176  N  N    . ILE A 1 26  ? 2.504   -8.650  5.508   1.00 12.01 ? 150 ILE A N    1 
ATOM   177  C  CA   . ILE A 1 26  ? 2.061   -7.648  4.541   1.00 11.76 ? 150 ILE A CA   1 
ATOM   178  C  C    . ILE A 1 26  ? 1.767   -8.307  3.201   1.00 11.21 ? 150 ILE A C    1 
ATOM   179  O  O    . ILE A 1 26  ? 0.724   -8.067  2.597   1.00 12.51 ? 150 ILE A O    1 
ATOM   180  C  CB   . ILE A 1 26  ? 3.130   -6.558  4.317   1.00 11.82 ? 150 ILE A CB   1 
ATOM   181  C  CG1  . ILE A 1 26  ? 3.379   -5.798  5.620   1.00 13.73 ? 150 ILE A CG1  1 
ATOM   182  C  CG2  . ILE A 1 26  ? 2.671   -5.599  3.225   1.00 13.15 ? 150 ILE A CG2  1 
ATOM   183  C  CD1  . ILE A 1 26  ? 4.376   -4.663  5.486   1.00 15.49 ? 150 ILE A CD1  1 
ATOM   184  N  N    . LEU A 1 27  ? 2.687   -9.148  2.743   1.00 11.97 ? 151 LEU A N    1 
ATOM   185  C  CA   . LEU A 1 27  ? 2.493   -9.870  1.493   1.00 13.30 ? 151 LEU A CA   1 
ATOM   186  C  C    . LEU A 1 27  ? 1.223   -10.718 1.537   1.00 13.14 ? 151 LEU A C    1 
ATOM   187  O  O    . LEU A 1 27  ? 0.453   -10.746 0.577   1.00 14.00 ? 151 LEU A O    1 
ATOM   188  C  CB   . LEU A 1 27  ? 3.704   -10.763 1.200   1.00 13.74 ? 151 LEU A CB   1 
ATOM   189  C  CG   . LEU A 1 27  ? 5.065   -10.064 1.104   1.00 15.68 ? 151 LEU A CG   1 
ATOM   190  C  CD1  . LEU A 1 27  ? 6.137   -11.088 0.763   1.00 16.67 ? 151 LEU A CD1  1 
ATOM   191  C  CD2  . LEU A 1 27  ? 5.017   -8.973  0.048   1.00 16.71 ? 151 LEU A CD2  1 
ATOM   192  N  N    . ASP A 1 28  ? 0.993   -11.400 2.655   1.00 12.59 ? 152 ASP A N    1 
ATOM   193  C  CA   . ASP A 1 28  ? -0.187  -12.247 2.781   1.00 13.42 ? 152 ASP A CA   1 
ATOM   194  C  C    . ASP A 1 28  ? -1.465  -11.413 2.768   1.00 12.93 ? 152 ASP A C    1 
ATOM   195  O  O    . ASP A 1 28  ? -2.480  -11.835 2.211   1.00 12.52 ? 152 ASP A O    1 
ATOM   196  C  CB   . ASP A 1 28  ? -0.121  -13.073 4.069   1.00 14.83 ? 152 ASP A CB   1 
ATOM   197  C  CG   . ASP A 1 28  ? 0.938   -14.160 4.014   1.00 19.71 ? 152 ASP A CG   1 
ATOM   198  O  OD1  . ASP A 1 28  ? 1.498   -14.398 2.923   1.00 22.19 ? 152 ASP A OD1  1 
ATOM   199  O  OD2  . ASP A 1 28  ? 1.209   -14.780 5.065   1.00 24.61 ? 152 ASP A OD2  1 
ATOM   200  N  N    . PHE A 1 29  ? -1.412  -10.227 3.371   1.00 11.40 ? 153 PHE A N    1 
ATOM   201  C  CA   . PHE A 1 29  ? -2.558  -9.323  3.375   1.00 11.70 ? 153 PHE A CA   1 
ATOM   202  C  C    . PHE A 1 29  ? -2.898  -8.899  1.952   1.00 12.17 ? 153 PHE A C    1 
ATOM   203  O  O    . PHE A 1 29  ? -4.064  -8.892  1.553   1.00 11.31 ? 153 PHE A O    1 
ATOM   204  C  CB   . PHE A 1 29  ? -2.253  -8.082  4.217   1.00 11.75 ? 153 PHE A CB   1 
ATOM   205  C  CG   . PHE A 1 29  ? -3.330  -7.035  4.171   1.00 11.74 ? 153 PHE A CG   1 
ATOM   206  C  CD1  . PHE A 1 29  ? -4.511  -7.205  4.877   1.00 12.25 ? 153 PHE A CD1  1 
ATOM   207  C  CD2  . PHE A 1 29  ? -3.161  -5.878  3.424   1.00 11.29 ? 153 PHE A CD2  1 
ATOM   208  C  CE1  . PHE A 1 29  ? -5.506  -6.237  4.840   1.00 13.04 ? 153 PHE A CE1  1 
ATOM   209  C  CE2  . PHE A 1 29  ? -4.150  -4.910  3.385   1.00 12.14 ? 153 PHE A CE2  1 
ATOM   210  C  CZ   . PHE A 1 29  ? -5.323  -5.089  4.093   1.00 11.91 ? 153 PHE A CZ   1 
ATOM   211  N  N    . MET A 1 30  ? -1.872  -8.552  1.183   1.00 11.30 ? 154 MET A N    1 
ATOM   212  C  CA   . MET A 1 30  ? -2.087  -8.122  -0.191  1.00 11.03 ? 154 MET A CA   1 
ATOM   213  C  C    . MET A 1 30  ? -2.672  -9.255  -1.028  1.00 10.93 ? 154 MET A C    1 
ATOM   214  O  O    . MET A 1 30  ? -3.545  -9.028  -1.860  1.00 11.97 ? 154 MET A O    1 
ATOM   215  C  CB   . MET A 1 30  ? -0.773  -7.633  -0.806  1.00 11.75 ? 154 MET A CB   1 
ATOM   216  C  CG   . MET A 1 30  ? -0.255  -6.355  -0.171  1.00 12.18 ? 154 MET A CG   1 
ATOM   217  S  SD   . MET A 1 30  ? 1.219   -5.693  -0.979  1.00 17.25 ? 154 MET A SD   1 
ATOM   218  C  CE   . MET A 1 30  ? 2.420   -6.948  -0.604  1.00 17.46 ? 154 MET A CE   1 
ATOM   219  N  N    . LYS A 1 31  ? -2.200  -10.476 -0.795  1.00 11.98 ? 155 LYS A N    1 
ATOM   220  C  CA   . LYS A 1 31  ? -2.735  -11.640 -1.494  1.00 12.81 ? 155 LYS A CA   1 
ATOM   221  C  C    . LYS A 1 31  ? -4.188  -11.899 -1.103  1.00 13.36 ? 155 LYS A C    1 
ATOM   222  O  O    . LYS A 1 31  ? -5.014  -12.236 -1.953  1.00 13.50 ? 155 LYS A O    1 
ATOM   223  C  CB   . LYS A 1 31  ? -1.908  -12.885 -1.174  1.00 13.80 ? 155 LYS A CB   1 
ATOM   224  C  CG   . LYS A 1 31  ? -0.485  -12.859 -1.693  1.00 16.10 ? 155 LYS A CG   1 
ATOM   225  C  CD   . LYS A 1 31  ? 0.172   -14.208 -1.463  1.00 19.08 ? 155 LYS A CD   1 
ATOM   226  C  CE   . LYS A 1 31  ? 1.616   -14.214 -1.914  1.00 20.65 ? 155 LYS A CE   1 
ATOM   227  N  NZ   . LYS A 1 31  ? 2.217   -15.560 -1.721  1.00 21.78 ? 155 LYS A NZ   1 
ATOM   228  N  N    . ASP A 1 32  ? -4.493  -11.751 0.184   1.00 13.52 ? 156 ASP A N    1 
ATOM   229  C  CA   . ASP A 1 32  ? -5.859  -11.937 0.669   1.00 14.19 ? 156 ASP A CA   1 
ATOM   230  C  C    . ASP A 1 32  ? -6.820  -10.997 -0.050  1.00 13.60 ? 156 ASP A C    1 
ATOM   231  O  O    . ASP A 1 32  ? -7.888  -11.411 -0.497  1.00 13.41 ? 156 ASP A O    1 
ATOM   232  C  CB   . ASP A 1 32  ? -5.938  -11.672 2.176   1.00 15.25 ? 156 ASP A CB   1 
ATOM   233  C  CG   . ASP A 1 32  ? -5.394  -12.817 3.009   1.00 17.89 ? 156 ASP A CG   1 
ATOM   234  O  OD1  . ASP A 1 32  ? -5.278  -13.945 2.487   1.00 19.01 ? 156 ASP A OD1  1 
ATOM   235  O  OD2  . ASP A 1 32  ? -5.086  -12.586 4.198   1.00 19.54 ? 156 ASP A OD2  1 
ATOM   236  N  N    . VAL A 1 33  ? -6.438  -9.727  -0.154  1.00 13.24 ? 157 VAL A N    1 
ATOM   237  C  CA   . VAL A 1 33  ? -7.285  -8.728  -0.793  1.00 11.58 ? 157 VAL A CA   1 
ATOM   238  C  C    . VAL A 1 33  ? -7.459  -9.020  -2.281  1.00 12.88 ? 157 VAL A C    1 
ATOM   239  O  O    . VAL A 1 33  ? -8.568  -8.950  -2.808  1.00 12.72 ? 157 VAL A O    1 
ATOM   240  C  CB   . VAL A 1 33  ? -6.698  -7.303  -0.610  1.00 11.68 ? 157 VAL A CB   1 
ATOM   241  C  CG1  . VAL A 1 33  ? -7.458  -6.302  -1.463  1.00 11.85 ? 157 VAL A CG1  1 
ATOM   242  C  CG2  . VAL A 1 33  ? -6.777  -6.901  0.861   1.00 12.18 ? 157 VAL A CG2  1 
ATOM   243  N  N    . MET A 1 34  ? -6.366  -9.365  -2.952  1.00 12.65 ? 158 MET A N    1 
ATOM   244  C  CA   . MET A 1 34  ? -6.420  -9.606  -4.387  1.00 13.48 ? 158 MET A CA   1 
ATOM   245  C  C    . MET A 1 34  ? -7.224  -10.857 -4.718  1.00 13.32 ? 158 MET A C    1 
ATOM   246  O  O    . MET A 1 34  ? -7.973  -10.877 -5.691  1.00 13.96 ? 158 MET A O    1 
ATOM   247  C  CB   . MET A 1 34  ? -5.004  -9.719  -4.958  1.00 12.94 ? 158 MET A CB   1 
ATOM   248  C  CG   . MET A 1 34  ? -4.281  -8.386  -5.019  1.00 13.70 ? 158 MET A CG   1 
ATOM   249  S  SD   . MET A 1 34  ? -2.738  -8.463  -5.942  1.00 19.13 ? 158 MET A SD   1 
ATOM   250  C  CE   . MET A 1 34  ? -1.669  -9.142  -4.739  1.00 18.43 ? 158 MET A CE   1 
ATOM   251  N  N    . LYS A 1 35  ? -7.080  -11.896 -3.905  1.00 14.61 ? 159 LYS A N    1 
ATOM   252  C  CA   . LYS A 1 35  ? -7.859  -13.113 -4.121  1.00 15.78 ? 159 LYS A CA   1 
ATOM   253  C  C    . LYS A 1 35  ? -9.351  -12.847 -3.924  1.00 16.18 ? 159 LYS A C    1 
ATOM   254  O  O    . LYS A 1 35  ? -10.185 -13.368 -4.665  1.00 16.98 ? 159 LYS A O    1 
ATOM   255  C  CB   . LYS A 1 35  ? -7.388  -14.218 -3.173  1.00 17.92 ? 159 LYS A CB   1 
ATOM   256  C  CG   . LYS A 1 35  ? -5.969  -14.689 -3.464  1.00 21.89 ? 159 LYS A CG   1 
ATOM   257  C  CD   . LYS A 1 35  ? -5.628  -15.978 -2.734  1.00 25.64 ? 159 LYS A CD   1 
ATOM   258  C  CE   . LYS A 1 35  ? -5.533  -15.768 -1.234  1.00 27.81 ? 159 LYS A CE   1 
ATOM   259  N  NZ   . LYS A 1 35  ? -4.918  -16.948 -0.558  1.00 30.79 ? 159 LYS A NZ   1 
ATOM   260  N  N    . LYS A 1 36  ? -9.683  -12.026 -2.934  1.00 15.96 ? 160 LYS A N    1 
ATOM   261  C  CA   . LYS A 1 36  ? -11.075 -11.683 -2.671  1.00 15.32 ? 160 LYS A CA   1 
ATOM   262  C  C    . LYS A 1 36  ? -11.689 -10.949 -3.861  1.00 15.88 ? 160 LYS A C    1 
ATOM   263  O  O    . LYS A 1 36  ? -12.885 -11.077 -4.133  1.00 16.72 ? 160 LYS A O    1 
ATOM   264  C  CB   . LYS A 1 36  ? -11.170 -10.802 -1.422  1.00 17.57 ? 160 LYS A CB   1 
ATOM   265  C  CG   . LYS A 1 36  ? -12.587 -10.393 -1.060  1.00 20.74 ? 160 LYS A CG   1 
ATOM   266  C  CD   . LYS A 1 36  ? -13.420 -11.601 -0.670  1.00 23.99 ? 160 LYS A CD   1 
ATOM   267  C  CE   . LYS A 1 36  ? -14.874 -11.215 -0.452  1.00 26.86 ? 160 LYS A CE   1 
ATOM   268  N  NZ   . LYS A 1 36  ? -15.695 -12.382 -0.016  1.00 29.81 ? 160 LYS A NZ   1 
ATOM   269  N  N    . LEU A 1 37  ? -10.865 -10.182 -4.566  1.00 14.31 ? 161 LEU A N    1 
ATOM   270  C  CA   . LEU A 1 37  ? -11.353 -9.322  -5.636  1.00 14.44 ? 161 LEU A CA   1 
ATOM   271  C  C    . LEU A 1 37  ? -11.017 -9.862  -7.022  1.00 14.63 ? 161 LEU A C    1 
ATOM   272  O  O    . LEU A 1 37  ? -11.037 -9.125  -8.006  1.00 13.69 ? 161 LEU A O    1 
ATOM   273  C  CB   . LEU A 1 37  ? -10.787 -7.911  -5.464  1.00 15.50 ? 161 LEU A CB   1 
ATOM   274  C  CG   . LEU A 1 37  ? -11.400 -7.184  -4.264  1.00 16.76 ? 161 LEU A CG   1 
ATOM   275  C  CD1  . LEU A 1 37  ? -10.658 -5.894  -3.982  1.00 18.57 ? 161 LEU A CD1  1 
ATOM   276  C  CD2  . LEU A 1 37  ? -12.868 -6.916  -4.550  1.00 17.84 ? 161 LEU A CD2  1 
ATOM   277  N  N    . SER A 1 38  ? -10.715 -11.152 -7.098  1.00 16.77 ? 162 SER A N    1 
ATOM   278  C  CA   . SER A 1 38  ? -10.526 -11.792 -8.394  1.00 18.78 ? 162 SER A CA   1 
ATOM   279  C  C    . SER A 1 38  ? -11.841 -11.733 -9.166  1.00 19.67 ? 162 SER A C    1 
ATOM   280  O  O    . SER A 1 38  ? -12.917 -11.741 -8.572  1.00 19.18 ? 162 SER A O    1 
ATOM   281  C  CB   . SER A 1 38  ? -10.098 -13.250 -8.212  1.00 19.67 ? 162 SER A CB   1 
ATOM   282  O  OG   . SER A 1 38  ? -11.131 -14.009 -7.617  1.00 22.48 ? 162 SER A OG   1 
ATOM   283  N  N    . ASN A 1 39  ? -11.746 -11.657 -10.489 1.00 22.74 ? 163 ASN A N    1 
ATOM   284  C  CA   . ASN A 1 39  ? -12.930 -11.654 -11.341 1.00 23.39 ? 163 ASN A CA   1 
ATOM   285  C  C    . ASN A 1 39  ? -13.850 -10.475 -11.033 1.00 23.17 ? 163 ASN A C    1 
ATOM   286  O  O    . ASN A 1 39  ? -15.073 -10.589 -11.114 1.00 24.36 ? 163 ASN A O    1 
ATOM   287  C  CB   . ASN A 1 39  ? -13.690 -12.966 -11.185 1.00 25.71 ? 163 ASN A CB   1 
ATOM   288  N  N    . THR A 1 40  ? -13.253 -9.345  -10.667 1.00 20.86 ? 164 THR A N    1 
ATOM   289  C  CA   . THR A 1 40  ? -13.995 -8.095  -10.546 1.00 19.10 ? 164 THR A CA   1 
ATOM   290  C  C    . THR A 1 40  ? -13.385 -7.076  -11.497 1.00 19.04 ? 164 THR A C    1 
ATOM   291  O  O    . THR A 1 40  ? -12.515 -7.410  -12.301 1.00 20.67 ? 164 THR A O    1 
ATOM   292  C  CB   . THR A 1 40  ? -13.929 -7.525  -9.115  1.00 17.04 ? 164 THR A CB   1 
ATOM   293  O  OG1  . THR A 1 40  ? -12.596 -7.076  -8.839  1.00 15.53 ? 164 THR A OG1  1 
ATOM   294  C  CG2  . THR A 1 40  ? -14.316 -8.587  -8.101  1.00 17.42 ? 164 THR A CG2  1 
ATOM   295  N  N    . SER A 1 41  ? -13.838 -5.831  -11.403 1.00 19.90 ? 165 SER A N    1 
ATOM   296  C  CA   . SER A 1 41  ? -13.313 -4.775  -12.256 1.00 21.27 ? 165 SER A CA   1 
ATOM   297  C  C    . SER A 1 41  ? -12.092 -4.114  -11.626 1.00 20.20 ? 165 SER A C    1 
ATOM   298  O  O    . SER A 1 41  ? -11.603 -3.102  -12.121 1.00 20.61 ? 165 SER A O    1 
ATOM   299  C  CB   . SER A 1 41  ? -14.389 -3.724  -12.524 1.00 23.92 ? 165 SER A CB   1 
ATOM   300  O  OG   . SER A 1 41  ? -15.486 -4.293  -13.217 1.00 29.72 ? 165 SER A OG   1 
ATOM   301  N  N    . TYR A 1 42  ? -11.605 -4.691  -10.530 1.00 16.49 ? 166 TYR A N    1 
ATOM   302  C  CA   . TYR A 1 42  ? -10.375 -4.217  -9.905  1.00 14.50 ? 166 TYR A CA   1 
ATOM   303  C  C    . TYR A 1 42  ? -9.149  -4.648  -10.701 1.00 14.66 ? 166 TYR A C    1 
ATOM   304  O  O    . TYR A 1 42  ? -9.086  -5.769  -11.203 1.00 16.39 ? 166 TYR A O    1 
ATOM   305  C  CB   . TYR A 1 42  ? -10.257 -4.758  -8.477  1.00 14.58 ? 166 TYR A CB   1 
ATOM   306  C  CG   . TYR A 1 42  ? -10.968 -3.928  -7.434  1.00 15.15 ? 166 TYR A CG   1 
ATOM   307  C  CD1  . TYR A 1 42  ? -12.354 -3.873  -7.385  1.00 17.15 ? 166 TYR A CD1  1 
ATOM   308  C  CD2  . TYR A 1 42  ? -10.249 -3.202  -6.494  1.00 15.41 ? 166 TYR A CD2  1 
ATOM   309  C  CE1  . TYR A 1 42  ? -13.005 -3.118  -6.426  1.00 17.80 ? 166 TYR A CE1  1 
ATOM   310  C  CE2  . TYR A 1 42  ? -10.889 -2.448  -5.533  1.00 17.38 ? 166 TYR A CE2  1 
ATOM   311  C  CZ   . TYR A 1 42  ? -12.266 -2.408  -5.502  1.00 17.93 ? 166 TYR A CZ   1 
ATOM   312  O  OH   . TYR A 1 42  ? -12.902 -1.653  -4.545  1.00 20.29 ? 166 TYR A OH   1 
ATOM   313  N  N    . GLN A 1 43  ? -8.184  -3.740  -10.816 1.00 12.05 ? 167 GLN A N    1 
ATOM   314  C  CA   . GLN A 1 43  ? -6.833  -4.067  -11.263 1.00 11.73 ? 167 GLN A CA   1 
ATOM   315  C  C    . GLN A 1 43  ? -5.887  -3.687  -10.140 1.00 11.78 ? 167 GLN A C    1 
ATOM   316  O  O    . GLN A 1 43  ? -6.176  -2.773  -9.371  1.00 12.16 ? 167 GLN A O    1 
ATOM   317  C  CB   . GLN A 1 43  ? -6.448  -3.255  -12.493 1.00 15.64 ? 167 GLN A CB   1 
ATOM   318  C  CG   . GLN A 1 43  ? -7.152  -3.640  -13.759 1.00 19.58 ? 167 GLN A CG   1 
ATOM   319  C  CD   . GLN A 1 43  ? -6.611  -2.881  -14.949 1.00 20.57 ? 167 GLN A CD   1 
ATOM   320  O  OE1  . GLN A 1 43  ? -6.841  -3.263  -16.092 1.00 21.38 ? 167 GLN A OE1  1 
ATOM   321  N  NE2  . GLN A 1 43  ? -5.882  -1.794  -14.684 1.00 20.53 ? 167 GLN A NE2  1 
ATOM   322  N  N    . PHE A 1 44  ? -4.751  -4.370  -10.062 1.00 8.92  ? 168 PHE A N    1 
ATOM   323  C  CA   . PHE A 1 44  ? -3.807  -4.132  -8.978  1.00 10.14 ? 168 PHE A CA   1 
ATOM   324  C  C    . PHE A 1 44  ? -2.392  -3.864  -9.473  1.00 9.28  ? 168 PHE A C    1 
ATOM   325  O  O    . PHE A 1 44  ? -1.979  -4.363  -10.517 1.00 9.88  ? 168 PHE A O    1 
ATOM   326  C  CB   . PHE A 1 44  ? -3.792  -5.325  -8.016  1.00 10.27 ? 168 PHE A CB   1 
ATOM   327  C  CG   . PHE A 1 44  ? -5.101  -5.555  -7.307  1.00 11.12 ? 168 PHE A CG   1 
ATOM   328  C  CD1  . PHE A 1 44  ? -5.397  -4.882  -6.132  1.00 13.64 ? 168 PHE A CD1  1 
ATOM   329  C  CD2  . PHE A 1 44  ? -6.038  -6.442  -7.820  1.00 11.66 ? 168 PHE A CD2  1 
ATOM   330  C  CE1  . PHE A 1 44  ? -6.604  -5.086  -5.480  1.00 13.17 ? 168 PHE A CE1  1 
ATOM   331  C  CE2  . PHE A 1 44  ? -7.245  -6.649  -7.173  1.00 11.62 ? 168 PHE A CE2  1 
ATOM   332  C  CZ   . PHE A 1 44  ? -7.527  -5.970  -6.001  1.00 12.87 ? 168 PHE A CZ   1 
ATOM   333  N  N    . ALA A 1 45  ? -1.665  -3.055  -8.708  1.00 8.80  ? 169 ALA A N    1 
ATOM   334  C  CA   . ALA A 1 45  ? -0.221  -2.917  -8.844  1.00 8.68  ? 169 ALA A CA   1 
ATOM   335  C  C    . ALA A 1 45  ? 0.348   -2.899  -7.431  1.00 8.95  ? 169 ALA A C    1 
ATOM   336  O  O    . ALA A 1 45  ? -0.376  -2.629  -6.474  1.00 10.07 ? 169 ALA A O    1 
ATOM   337  C  CB   . ALA A 1 45  ? 0.127   -1.614  -9.569  1.00 11.62 ? 169 ALA A CB   1 
ATOM   338  N  N    . ALA A 1 46  ? 1.635   -3.196  -7.293  1.00 8.57  ? 170 ALA A N    1 
ATOM   339  C  CA   . ALA A 1 46  ? 2.268   -3.164  -5.984  1.00 8.42  ? 170 ALA A CA   1 
ATOM   340  C  C    . ALA A 1 46  ? 3.676   -2.608  -6.079  1.00 9.65  ? 170 ALA A C    1 
ATOM   341  O  O    . ALA A 1 46  ? 4.428   -2.941  -6.996  1.00 10.11 ? 170 ALA A O    1 
ATOM   342  C  CB   . ALA A 1 46  ? 2.298   -4.561  -5.377  1.00 10.77 ? 170 ALA A CB   1 
ATOM   343  N  N    . VAL A 1 47  ? 4.017   -1.760  -5.116  1.00 7.70  ? 171 VAL A N    1 
ATOM   344  C  CA   . VAL A 1 47  ? 5.333   -1.138  -5.039  1.00 7.10  ? 171 VAL A CA   1 
ATOM   345  C  C    . VAL A 1 47  ? 5.897   -1.335  -3.637  1.00 8.35  ? 171 VAL A C    1 
ATOM   346  O  O    . VAL A 1 47  ? 5.231   -1.026  -2.653  1.00 8.60  ? 171 VAL A O    1 
ATOM   347  C  CB   . VAL A 1 47  ? 5.240   0.379   -5.308  1.00 7.91  ? 171 VAL A CB   1 
ATOM   348  C  CG1  . VAL A 1 47  ? 6.610   1.024   -5.162  1.00 8.81  ? 171 VAL A CG1  1 
ATOM   349  C  CG2  . VAL A 1 47  ? 4.669   0.623   -6.694  1.00 10.23 ? 171 VAL A CG2  1 
ATOM   350  N  N    . GLN A 1 48  ? 7.122   -1.842  -3.545  1.00 8.16  ? 172 GLN A N    1 
ATOM   351  C  CA   . GLN A 1 48  ? 7.822   -1.862  -2.264  1.00 8.29  ? 172 GLN A CA   1 
ATOM   352  C  C    . GLN A 1 48  ? 8.648   -0.584  -2.149  1.00 8.73  ? 172 GLN A C    1 
ATOM   353  O  O    . GLN A 1 48  ? 9.284   -0.161  -3.116  1.00 8.72  ? 172 GLN A O    1 
ATOM   354  C  CB   . GLN A 1 48  ? 8.748   -3.085  -2.156  1.00 7.81  ? 172 GLN A CB   1 
ATOM   355  C  CG   . GLN A 1 48  ? 9.353   -3.236  -0.763  1.00 9.87  ? 172 GLN A CG   1 
ATOM   356  C  CD   . GLN A 1 48  ? 10.439  -4.299  -0.662  1.00 11.20 ? 172 GLN A CD   1 
ATOM   357  O  OE1  . GLN A 1 48  ? 11.163  -4.356  0.336   1.00 12.07 ? 172 GLN A OE1  1 
ATOM   358  N  NE2  . GLN A 1 48  ? 10.560  -5.146  -1.685  1.00 10.92 ? 172 GLN A NE2  1 
ATOM   359  N  N    . PHE A 1 49  ? 8.632   0.043   -0.977  1.00 8.10  ? 173 PHE A N    1 
ATOM   360  C  CA   . PHE A 1 49  ? 9.508   1.185   -0.757  1.00 8.29  ? 173 PHE A CA   1 
ATOM   361  C  C    . PHE A 1 49  ? 10.361  1.030   0.494   1.00 8.92  ? 173 PHE A C    1 
ATOM   362  O  O    . PHE A 1 49  ? 9.935   0.459   1.496   1.00 9.00  ? 173 PHE A O    1 
ATOM   363  C  CB   . PHE A 1 49  ? 8.705   2.497   -0.693  1.00 9.06  ? 173 PHE A CB   1 
ATOM   364  C  CG   . PHE A 1 49  ? 7.967   2.715   0.605   1.00 9.09  ? 173 PHE A CG   1 
ATOM   365  C  CD1  . PHE A 1 49  ? 6.745   2.105   0.837   1.00 9.46  ? 173 PHE A CD1  1 
ATOM   366  C  CD2  . PHE A 1 49  ? 8.481   3.566   1.573   1.00 9.18  ? 173 PHE A CD2  1 
ATOM   367  C  CE1  . PHE A 1 49  ? 6.046   2.339   2.010   1.00 10.78 ? 173 PHE A CE1  1 
ATOM   368  C  CE2  . PHE A 1 49  ? 7.784   3.804   2.753   1.00 9.58  ? 173 PHE A CE2  1 
ATOM   369  C  CZ   . PHE A 1 49  ? 6.569   3.191   2.967   1.00 10.22 ? 173 PHE A CZ   1 
ATOM   370  N  N    . SER A 1 50  ? 11.589  1.524   0.406   1.00 8.64  ? 174 SER A N    1 
ATOM   371  C  CA   . SER A 1 50  ? 12.465  1.613   1.564   1.00 9.03  ? 174 SER A CA   1 
ATOM   372  C  C    . SER A 1 50  ? 13.315  2.860   1.347   1.00 8.73  ? 174 SER A C    1 
ATOM   373  O  O    . SER A 1 50  ? 12.833  3.973   1.526   1.00 8.95  ? 174 SER A O    1 
ATOM   374  C  CB   . SER A 1 50  ? 13.336  0.356   1.665   1.00 9.60  ? 174 SER A CB   1 
ATOM   375  O  OG   . SER A 1 50  ? 14.034  0.312   2.899   1.00 9.90  ? 174 SER A OG   1 
ATOM   376  N  N    . THR A 1 51  ? 14.566  2.689   0.936   1.00 9.74  ? 175 THR A N    1 
ATOM   377  C  CA   . THR A 1 51  ? 15.327  3.832   0.453   1.00 9.60  ? 175 THR A CA   1 
ATOM   378  C  C    . THR A 1 51  ? 14.904  4.177   -0.969  1.00 10.78 ? 175 THR A C    1 
ATOM   379  O  O    . THR A 1 51  ? 14.692  5.343   -1.302  1.00 11.46 ? 175 THR A O    1 
ATOM   380  C  CB   . THR A 1 51  ? 16.835  3.547   0.481   1.00 10.92 ? 175 THR A CB   1 
ATOM   381  O  OG1  . THR A 1 51  ? 17.261  3.425   1.843   1.00 12.74 ? 175 THR A OG1  1 
ATOM   382  C  CG2  . THR A 1 51  ? 17.604  4.672   -0.201  1.00 11.48 ? 175 THR A CG2  1 
ATOM   383  N  N    . SER A 1 52  ? 14.780  3.151   -1.806  1.00 11.80 ? 176 SER A N    1 
ATOM   384  C  CA   . SER A 1 52  ? 14.312  3.335   -3.170  1.00 13.24 ? 176 SER A CA   1 
ATOM   385  C  C    . SER A 1 52  ? 12.946  2.689   -3.366  1.00 11.48 ? 176 SER A C    1 
ATOM   386  O  O    . SER A 1 52  ? 12.363  2.140   -2.427  1.00 11.14 ? 176 SER A O    1 
ATOM   387  C  CB   . SER A 1 52  ? 15.317  2.742   -4.160  1.00 15.99 ? 176 SER A CB   1 
ATOM   388  O  OG   . SER A 1 52  ? 14.970  3.083   -5.493  1.00 24.56 ? 176 SER A OG   1 
ATOM   389  N  N    . TYR A 1 53  ? 12.439  2.766   -4.590  1.00 10.61 ? 177 TYR A N    1 
ATOM   390  C  CA   . TYR A 1 53  ? 11.081  2.334   -4.882  1.00 9.25  ? 177 TYR A CA   1 
ATOM   391  C  C    . TYR A 1 53  ? 11.115  1.300   -5.990  1.00 11.77 ? 177 TYR A C    1 
ATOM   392  O  O    . TYR A 1 53  ? 11.607  1.569   -7.087  1.00 14.81 ? 177 TYR A O    1 
ATOM   393  C  CB   . TYR A 1 53  ? 10.242  3.546   -5.297  1.00 10.54 ? 177 TYR A CB   1 
ATOM   394  C  CG   . TYR A 1 53  ? 10.641  4.782   -4.529  1.00 10.72 ? 177 TYR A CG   1 
ATOM   395  C  CD1  . TYR A 1 53  ? 10.460  4.849   -3.154  1.00 12.26 ? 177 TYR A CD1  1 
ATOM   396  C  CD2  . TYR A 1 53  ? 11.295  5.835   -5.159  1.00 13.12 ? 177 TYR A CD2  1 
ATOM   397  C  CE1  . TYR A 1 53  ? 10.928  5.920   -2.423  1.00 13.14 ? 177 TYR A CE1  1 
ATOM   398  C  CE2  . TYR A 1 53  ? 11.767  6.915   -4.433  1.00 13.34 ? 177 TYR A CE2  1 
ATOM   399  C  CZ   . TYR A 1 53  ? 11.586  6.948   -3.066  1.00 13.38 ? 177 TYR A CZ   1 
ATOM   400  O  OH   . TYR A 1 53  ? 12.095  7.991   -2.330  1.00 14.34 ? 177 TYR A OH   1 
ATOM   401  N  N    . LYS A 1 54  ? 10.602  0.111   -5.700  1.00 10.70 ? 178 LYS A N    1 
ATOM   402  C  CA   . LYS A 1 54  ? 10.579  -0.948  -6.695  1.00 10.74 ? 178 LYS A CA   1 
ATOM   403  C  C    . LYS A 1 54  ? 9.149   -1.341  -7.012  1.00 9.88  ? 178 LYS A C    1 
ATOM   404  O  O    . LYS A 1 54  ? 8.394   -1.750  -6.129  1.00 10.19 ? 178 LYS A O    1 
ATOM   405  C  CB   . LYS A 1 54  ? 11.340  -2.176  -6.200  1.00 13.02 ? 178 LYS A CB   1 
ATOM   406  C  CG   . LYS A 1 54  ? 11.468  -3.256  -7.264  1.00 17.55 ? 178 LYS A CG   1 
ATOM   407  C  CD   . LYS A 1 54  ? 11.936  -4.577  -6.686  1.00 21.31 ? 178 LYS A CD   1 
ATOM   408  C  CE   . LYS A 1 54  ? 12.103  -5.611  -7.791  1.00 23.28 ? 178 LYS A CE   1 
ATOM   409  N  NZ   . LYS A 1 54  ? 10.914  -5.645  -8.691  1.00 22.60 ? 178 LYS A NZ   1 
ATOM   410  N  N    . THR A 1 55  ? 8.771   -1.225  -8.279  1.00 9.95  ? 179 THR A N    1 
ATOM   411  C  CA   . THR A 1 55  ? 7.483   -1.746  -8.693  1.00 9.56  ? 179 THR A CA   1 
ATOM   412  C  C    . THR A 1 55  ? 7.619   -3.257  -8.774  1.00 10.25 ? 179 THR A C    1 
ATOM   413  O  O    . THR A 1 55  ? 8.416   -3.774  -9.561  1.00 11.56 ? 179 THR A O    1 
ATOM   414  C  CB   . THR A 1 55  ? 7.067   -1.192  -10.062 1.00 10.18 ? 179 THR A CB   1 
ATOM   415  O  OG1  . THR A 1 55  ? 6.925   0.232   -9.974  1.00 11.23 ? 179 THR A OG1  1 
ATOM   416  C  CG2  . THR A 1 55  ? 5.746   -1.798  -10.503 1.00 10.17 ? 179 THR A CG2  1 
ATOM   417  N  N    . GLU A 1 56  ? 6.862   -3.964  -7.942  1.00 9.44  ? 180 GLU A N    1 
ATOM   418  C  CA   . GLU A 1 56  ? 6.910   -5.418  -7.941  1.00 9.83  ? 180 GLU A CA   1 
ATOM   419  C  C    . GLU A 1 56  ? 6.044   -5.964  -9.073  1.00 9.65  ? 180 GLU A C    1 
ATOM   420  O  O    . GLU A 1 56  ? 6.428   -6.919  -9.751  1.00 11.41 ? 180 GLU A O    1 
ATOM   421  C  CB   . GLU A 1 56  ? 6.447   -5.964  -6.587  1.00 10.11 ? 180 GLU A CB   1 
ATOM   422  C  CG   . GLU A 1 56  ? 7.272   -5.461  -5.394  1.00 10.56 ? 180 GLU A CG   1 
ATOM   423  C  CD   . GLU A 1 56  ? 8.706   -5.978  -5.380  1.00 13.02 ? 180 GLU A CD   1 
ATOM   424  O  OE1  . GLU A 1 56  ? 9.133   -6.614  -6.370  1.00 12.84 ? 180 GLU A OE1  1 
ATOM   425  O  OE2  . GLU A 1 56  ? 9.413   -5.747  -4.372  1.00 11.95 ? 180 GLU A OE2  1 
ATOM   426  N  N    . PHE A 1 57  ? 4.882   -5.352  -9.287  1.00 9.90  ? 181 PHE A N    1 
ATOM   427  C  CA   . PHE A 1 57  ? 4.143   -5.564  -10.527 1.00 9.31  ? 181 PHE A CA   1 
ATOM   428  C  C    . PHE A 1 57  ? 3.269   -4.364  -10.891 1.00 10.23 ? 181 PHE A C    1 
ATOM   429  O  O    . PHE A 1 57  ? 2.764   -3.659  -10.011 1.00 10.04 ? 181 PHE A O    1 
ATOM   430  C  CB   . PHE A 1 57  ? 3.294   -6.847  -10.450 1.00 9.68  ? 181 PHE A CB   1 
ATOM   431  C  CG   . PHE A 1 57  ? 2.235   -6.836  -9.378  1.00 9.69  ? 181 PHE A CG   1 
ATOM   432  C  CD1  . PHE A 1 57  ? 0.958   -6.367  -9.652  1.00 9.76  ? 181 PHE A CD1  1 
ATOM   433  C  CD2  . PHE A 1 57  ? 2.500   -7.341  -8.114  1.00 10.72 ? 181 PHE A CD2  1 
ATOM   434  C  CE1  . PHE A 1 57  ? -0.036  -6.406  -8.687  1.00 11.16 ? 181 PHE A CE1  1 
ATOM   435  C  CE2  . PHE A 1 57  ? 1.506   -7.381  -7.143  1.00 10.83 ? 181 PHE A CE2  1 
ATOM   436  C  CZ   . PHE A 1 57  ? 0.240   -6.913  -7.433  1.00 9.96  ? 181 PHE A CZ   1 
ATOM   437  N  N    . ASP A 1 58  ? 3.121   -4.128  -12.194 1.00 9.31  ? 182 ASP A N    1 
ATOM   438  C  CA   . ASP A 1 58  ? 2.275   -3.054  -12.717 1.00 9.67  ? 182 ASP A CA   1 
ATOM   439  C  C    . ASP A 1 58  ? 0.893   -3.610  -13.054 1.00 9.42  ? 182 ASP A C    1 
ATOM   440  O  O    . ASP A 1 58  ? 0.693   -4.823  -13.065 1.00 10.35 ? 182 ASP A O    1 
ATOM   441  C  CB   . ASP A 1 58  ? 2.899   -2.454  -13.984 1.00 12.02 ? 182 ASP A CB   1 
ATOM   442  C  CG   . ASP A 1 58  ? 4.097   -1.570  -13.693 1.00 12.96 ? 182 ASP A CG   1 
ATOM   443  O  OD1  . ASP A 1 58  ? 3.925   -0.540  -13.008 1.00 13.27 ? 182 ASP A OD1  1 
ATOM   444  O  OD2  . ASP A 1 58  ? 5.213   -1.903  -14.153 1.00 15.96 ? 182 ASP A OD2  1 
ATOM   445  N  N    . PHE A 1 59  ? -0.056  -2.725  -13.341 1.00 8.79  ? 183 PHE A N    1 
ATOM   446  C  CA   . PHE A 1 59  ? -1.403  -3.160  -13.689 1.00 8.61  ? 183 PHE A CA   1 
ATOM   447  C  C    . PHE A 1 59  ? -1.397  -4.159  -14.842 1.00 9.89  ? 183 PHE A C    1 
ATOM   448  O  O    . PHE A 1 59  ? -2.153  -5.125  -14.827 1.00 10.27 ? 183 PHE A O    1 
ATOM   449  C  CB   . PHE A 1 59  ? -2.274  -1.958  -14.058 1.00 9.94  ? 183 PHE A CB   1 
ATOM   450  C  CG   . PHE A 1 59  ? -2.485  -0.999  -12.925 1.00 9.68  ? 183 PHE A CG   1 
ATOM   451  C  CD1  . PHE A 1 59  ? -3.192  -1.383  -11.798 1.00 11.04 ? 183 PHE A CD1  1 
ATOM   452  C  CD2  . PHE A 1 59  ? -1.985  0.293   -12.991 1.00 11.03 ? 183 PHE A CD2  1 
ATOM   453  C  CE1  . PHE A 1 59  ? -3.398  -0.496  -10.753 1.00 11.27 ? 183 PHE A CE1  1 
ATOM   454  C  CE2  . PHE A 1 59  ? -2.185  1.186   -11.949 1.00 11.48 ? 183 PHE A CE2  1 
ATOM   455  C  CZ   . PHE A 1 59  ? -2.890  0.794   -10.832 1.00 10.88 ? 183 PHE A CZ   1 
ATOM   456  N  N    . SER A 1 60  ? -0.542  -3.934  -15.837 1.00 10.95 ? 184 SER A N    1 
ATOM   457  C  CA   . SER A 1 60  ? -0.504  -4.821  -16.996 1.00 11.79 ? 184 SER A CA   1 
ATOM   458  C  C    . SER A 1 60  ? 0.049   -6.202  -16.648 1.00 11.49 ? 184 SER A C    1 
ATOM   459  O  O    . SER A 1 60  ? -0.327  -7.197  -17.269 1.00 11.78 ? 184 SER A O    1 
ATOM   460  C  CB   . SER A 1 60  ? 0.320   -4.195  -18.126 1.00 13.17 ? 184 SER A CB   1 
ATOM   461  O  OG   . SER A 1 60  ? 1.645   -3.923  -17.710 1.00 17.11 ? 184 SER A OG   1 
ATOM   462  N  N    . ASP A 1 61  ? 0.935   -6.268  -15.656 1.00 9.66  ? 185 ASP A N    1 
ATOM   463  C  CA   . ASP A 1 61  ? 1.382   -7.560  -15.139 1.00 9.53  ? 185 ASP A CA   1 
ATOM   464  C  C    . ASP A 1 61  ? 0.210   -8.294  -14.495 1.00 11.03 ? 185 ASP A C    1 
ATOM   465  O  O    . ASP A 1 61  ? 0.046   -9.501  -14.677 1.00 11.83 ? 185 ASP A O    1 
ATOM   466  C  CB   . ASP A 1 61  ? 2.482   -7.377  -14.089 1.00 10.95 ? 185 ASP A CB   1 
ATOM   467  C  CG   . ASP A 1 61  ? 3.787   -6.872  -14.676 1.00 13.85 ? 185 ASP A CG   1 
ATOM   468  O  OD1  . ASP A 1 61  ? 4.259   -7.432  -15.691 1.00 12.63 ? 185 ASP A OD1  1 
ATOM   469  O  OD2  . ASP A 1 61  ? 4.350   -5.913  -14.112 1.00 13.04 ? 185 ASP A OD2  1 
ATOM   470  N  N    . TYR A 1 62  ? -0.598  -7.564  -13.730 1.00 11.22 ? 186 TYR A N    1 
ATOM   471  C  CA   . TYR A 1 62  ? -1.750  -8.163  -13.070 1.00 11.77 ? 186 TYR A CA   1 
ATOM   472  C  C    . TYR A 1 62  ? -2.765  -8.678  -14.080 1.00 12.30 ? 186 TYR A C    1 
ATOM   473  O  O    . TYR A 1 62  ? -3.278  -9.790  -13.945 1.00 13.31 ? 186 TYR A O    1 
ATOM   474  C  CB   . TYR A 1 62  ? -2.435  -7.158  -12.140 1.00 11.70 ? 186 TYR A CB   1 
ATOM   475  C  CG   . TYR A 1 62  ? -3.699  -7.719  -11.533 1.00 11.37 ? 186 TYR A CG   1 
ATOM   476  C  CD1  . TYR A 1 62  ? -3.640  -8.603  -10.465 1.00 10.86 ? 186 TYR A CD1  1 
ATOM   477  C  CD2  . TYR A 1 62  ? -4.947  -7.417  -12.067 1.00 11.89 ? 186 TYR A CD2  1 
ATOM   478  C  CE1  . TYR A 1 62  ? -4.786  -9.178  -9.949  1.00 13.66 ? 186 TYR A CE1  1 
ATOM   479  C  CE2  . TYR A 1 62  ? -6.101  -7.987  -11.556 1.00 12.50 ? 186 TYR A CE2  1 
ATOM   480  C  CZ   . TYR A 1 62  ? -6.013  -8.868  -10.499 1.00 13.58 ? 186 TYR A CZ   1 
ATOM   481  O  OH   . TYR A 1 62  ? -7.153  -9.452  -9.993  1.00 16.70 ? 186 TYR A OH   1 
ATOM   482  N  N    . VAL A 1 63  ? -3.059  -7.868  -15.090 1.00 11.94 ? 187 VAL A N    1 
ATOM   483  C  CA   . VAL A 1 63  ? -3.990  -8.282  -16.131 1.00 12.29 ? 187 VAL A CA   1 
ATOM   484  C  C    . VAL A 1 63  ? -3.489  -9.547  -16.819 1.00 12.42 ? 187 VAL A C    1 
ATOM   485  O  O    . VAL A 1 63  ? -4.269  -10.449 -17.113 1.00 14.79 ? 187 VAL A O    1 
ATOM   486  C  CB   . VAL A 1 63  ? -4.181  -7.170  -17.184 1.00 13.14 ? 187 VAL A CB   1 
ATOM   487  C  CG1  . VAL A 1 63  ? -5.086  -7.664  -18.302 1.00 13.95 ? 187 VAL A CG1  1 
ATOM   488  C  CG2  . VAL A 1 63  ? -4.789  -5.941  -16.532 1.00 13.37 ? 187 VAL A CG2  1 
ATOM   489  N  N    . LYS A 1 64  ? -2.183  -9.625  -17.056 1.00 13.03 ? 188 LYS A N    1 
ATOM   490  C  CA   . LYS A 1 64  ? -1.633  -10.780 -17.757 1.00 14.23 ? 188 LYS A CA   1 
ATOM   491  C  C    . LYS A 1 64  ? -1.737  -12.065 -16.934 1.00 15.75 ? 188 LYS A C    1 
ATOM   492  O  O    . LYS A 1 64  ? -2.000  -13.136 -17.483 1.00 17.28 ? 188 LYS A O    1 
ATOM   493  C  CB   . LYS A 1 64  ? -0.169  -10.541 -18.133 1.00 12.83 ? 188 LYS A CB   1 
ATOM   494  C  CG   . LYS A 1 64  ? 0.391   -11.617 -19.070 1.00 14.24 ? 188 LYS A CG   1 
ATOM   495  C  CD   . LYS A 1 64  ? 1.915   -11.682 -19.031 1.00 15.51 ? 188 LYS A CD   1 
ATOM   496  C  CE   . LYS A 1 64  ? 2.551   -10.434 -19.612 1.00 16.19 ? 188 LYS A CE   1 
ATOM   497  N  NZ   . LYS A 1 64  ? 4.038   -10.492 -19.495 1.00 15.78 ? 188 LYS A NZ   1 
ATOM   498  N  N    . ARG A 1 65  ? -1.537  -11.958 -15.621 1.00 16.87 ? 189 ARG A N    1 
ATOM   499  C  CA   . ARG A 1 65  ? -1.411  -13.137 -14.762 1.00 19.03 ? 189 ARG A CA   1 
ATOM   500  C  C    . ARG A 1 65  ? -2.602  -13.384 -13.836 1.00 20.09 ? 189 ARG A C    1 
ATOM   501  O  O    . ARG A 1 65  ? -3.062  -14.519 -13.699 1.00 22.16 ? 189 ARG A O    1 
ATOM   502  C  CB   . ARG A 1 65  ? -0.141  -13.032 -13.914 1.00 22.13 ? 189 ARG A CB   1 
ATOM   503  C  CG   . ARG A 1 65  ? 1.125   -12.901 -14.731 1.00 24.71 ? 189 ARG A CG   1 
ATOM   504  C  CD   . ARG A 1 65  ? 1.325   -14.117 -15.615 1.00 28.64 ? 189 ARG A CD   1 
ATOM   505  N  NE   . ARG A 1 65  ? 2.349   -15.007 -15.079 1.00 31.64 ? 189 ARG A NE   1 
ATOM   506  C  CZ   . ARG A 1 65  ? 3.653   -14.832 -15.269 1.00 33.16 ? 189 ARG A CZ   1 
ATOM   507  N  NH1  . ARG A 1 65  ? 4.085   -13.799 -15.981 1.00 34.83 ? 189 ARG A NH1  1 
ATOM   508  N  NH2  . ARG A 1 65  ? 4.522   -15.685 -14.748 1.00 35.71 ? 189 ARG A NH2  1 
ATOM   509  N  N    . LYS A 1 66  ? -3.083  -12.325 -13.194 1.00 20.63 ? 190 LYS A N    1 
ATOM   510  C  CA   . LYS A 1 66  ? -4.181  -12.423 -12.235 1.00 20.54 ? 190 LYS A CA   1 
ATOM   511  C  C    . LYS A 1 66  ? -3.926  -13.490 -11.171 1.00 20.08 ? 190 LYS A C    1 
ATOM   512  O  O    . LYS A 1 66  ? -4.852  -14.154 -10.704 1.00 20.81 ? 190 LYS A O    1 
ATOM   513  C  CB   . LYS A 1 66  ? -5.495  -12.710 -12.967 1.00 22.45 ? 190 LYS A CB   1 
ATOM   514  C  CG   . LYS A 1 66  ? -5.933  -11.576 -13.883 1.00 26.12 ? 190 LYS A CG   1 
ATOM   515  C  CD   . LYS A 1 66  ? -7.414  -11.645 -14.214 1.00 29.63 ? 190 LYS A CD   1 
ATOM   516  C  CE   . LYS A 1 66  ? -7.874  -10.367 -14.901 1.00 31.17 ? 190 LYS A CE   1 
ATOM   517  N  NZ   . LYS A 1 66  ? -9.312  -10.409 -15.283 1.00 33.41 ? 190 LYS A NZ   1 
ATOM   518  N  N    . ASP A 1 67  ? -2.661  -13.636 -10.791 1.00 18.78 ? 191 ASP A N    1 
ATOM   519  C  CA   . ASP A 1 67  ? -2.234  -14.646 -9.828  1.00 17.47 ? 191 ASP A CA   1 
ATOM   520  C  C    . ASP A 1 67  ? -1.352  -13.991 -8.764  1.00 16.86 ? 191 ASP A C    1 
ATOM   521  O  O    . ASP A 1 67  ? -0.162  -13.778 -8.979  1.00 15.82 ? 191 ASP A O    1 
ATOM   522  C  CB   . ASP A 1 67  ? -1.448  -15.739 -10.560 1.00 20.63 ? 191 ASP A CB   1 
ATOM   523  C  CG   . ASP A 1 67  ? -0.970  -16.846 -9.638  1.00 21.83 ? 191 ASP A CG   1 
ATOM   524  O  OD1  . ASP A 1 67  ? -0.971  -16.656 -8.403  1.00 21.95 ? 191 ASP A OD1  1 
ATOM   525  O  OD2  . ASP A 1 67  ? -0.588  -17.915 -10.158 1.00 24.29 ? 191 ASP A OD2  1 
ATOM   526  N  N    . PRO A 1 68  ? -1.929  -13.667 -7.596  1.00 15.83 ? 192 PRO A N    1 
ATOM   527  C  CA   . PRO A 1 68  ? -1.180  -12.954 -6.556  1.00 17.27 ? 192 PRO A CA   1 
ATOM   528  C  C    . PRO A 1 68  ? 0.093   -13.669 -6.109  1.00 15.85 ? 192 PRO A C    1 
ATOM   529  O  O    . PRO A 1 68  ? 1.094   -13.025 -5.806  1.00 16.34 ? 192 PRO A O    1 
ATOM   530  C  CB   . PRO A 1 68  ? -2.190  -12.813 -5.416  1.00 17.32 ? 192 PRO A CB   1 
ATOM   531  C  CG   . PRO A 1 68  ? -3.518  -12.866 -6.094  1.00 18.06 ? 192 PRO A CG   1 
ATOM   532  C  CD   . PRO A 1 68  ? -3.342  -13.847 -7.223  1.00 17.36 ? 192 PRO A CD   1 
ATOM   533  N  N    . ASP A 1 69  ? 0.059   -14.998 -6.066  1.00 16.84 ? 193 ASP A N    1 
ATOM   534  C  CA   . ASP A 1 69  ? 1.233   -15.754 -5.650  1.00 18.07 ? 193 ASP A CA   1 
ATOM   535  C  C    . ASP A 1 69  ? 2.369   -15.599 -6.654  1.00 16.71 ? 193 ASP A C    1 
ATOM   536  O  O    . ASP A 1 69  ? 3.516   -15.365 -6.273  1.00 16.61 ? 193 ASP A O    1 
ATOM   537  C  CB   . ASP A 1 69  ? 0.885   -17.236 -5.496  1.00 20.17 ? 193 ASP A CB   1 
ATOM   538  C  CG   . ASP A 1 69  ? -0.050  -17.497 -4.332  1.00 23.55 ? 193 ASP A CG   1 
ATOM   539  O  OD1  . ASP A 1 69  ? -1.026  -18.254 -4.515  1.00 27.21 ? 193 ASP A OD1  1 
ATOM   540  O  OD2  . ASP A 1 69  ? 0.189   -16.948 -3.236  1.00 24.22 ? 193 ASP A OD2  1 
ATOM   541  N  N    . ALA A 1 70  ? 2.047   -15.723 -7.937  1.00 15.44 ? 194 ALA A N    1 
ATOM   542  C  CA   . ALA A 1 70  ? 3.056   -15.590 -8.981  1.00 15.91 ? 194 ALA A CA   1 
ATOM   543  C  C    . ALA A 1 70  ? 3.587   -14.161 -9.050  1.00 14.50 ? 194 ALA A C    1 
ATOM   544  O  O    . ALA A 1 70  ? 4.776   -13.942 -9.281  1.00 15.25 ? 194 ALA A O    1 
ATOM   545  C  CB   . ALA A 1 70  ? 2.470   -15.997 -10.331 1.00 16.89 ? 194 ALA A CB   1 
ATOM   546  N  N    . LEU A 1 71  ? 2.703   -13.190 -8.839  1.00 14.06 ? 195 LEU A N    1 
ATOM   547  C  CA   . LEU A 1 71  ? 3.076   -11.786 -8.957  1.00 12.22 ? 195 LEU A CA   1 
ATOM   548  C  C    . LEU A 1 71  ? 4.024   -11.338 -7.848  1.00 11.92 ? 195 LEU A C    1 
ATOM   549  O  O    . LEU A 1 71  ? 4.833   -10.434 -8.047  1.00 12.30 ? 195 LEU A O    1 
ATOM   550  C  CB   . LEU A 1 71  ? 1.820   -10.908 -8.951  1.00 13.22 ? 195 LEU A CB   1 
ATOM   551  C  CG   . LEU A 1 71  ? 0.940   -11.024 -10.201 1.00 12.39 ? 195 LEU A CG   1 
ATOM   552  C  CD1  . LEU A 1 71  ? -0.407  -10.364 -9.951  1.00 13.62 ? 195 LEU A CD1  1 
ATOM   553  C  CD2  . LEU A 1 71  ? 1.644   -10.382 -11.383 1.00 13.48 ? 195 LEU A CD2  1 
ATOM   554  N  N    . LEU A 1 72  ? 3.927   -11.974 -6.684  1.00 12.49 ? 196 LEU A N    1 
ATOM   555  C  CA   . LEU A 1 72  ? 4.738   -11.577 -5.535  1.00 13.05 ? 196 LEU A CA   1 
ATOM   556  C  C    . LEU A 1 72  ? 5.845   -12.577 -5.195  1.00 13.74 ? 196 LEU A C    1 
ATOM   557  O  O    . LEU A 1 72  ? 6.540   -12.426 -4.190  1.00 14.24 ? 196 LEU A O    1 
ATOM   558  C  CB   . LEU A 1 72  ? 3.840   -11.378 -4.314  1.00 13.52 ? 196 LEU A CB   1 
ATOM   559  C  CG   . LEU A 1 72  ? 2.826   -10.237 -4.438  1.00 13.04 ? 196 LEU A CG   1 
ATOM   560  C  CD1  . LEU A 1 72  ? 1.823   -10.319 -3.303  1.00 14.87 ? 196 LEU A CD1  1 
ATOM   561  C  CD2  . LEU A 1 72  ? 3.551   -8.904  -4.435  1.00 13.79 ? 196 LEU A CD2  1 
ATOM   562  N  N    . LYS A 1 73  ? 6.007   -13.595 -6.034  1.00 15.34 ? 197 LYS A N    1 
ATOM   563  C  CA   . LYS A 1 73  ? 6.910   -14.702 -5.739  1.00 15.67 ? 197 LYS A CA   1 
ATOM   564  C  C    . LYS A 1 73  ? 8.357   -14.280 -5.481  1.00 14.98 ? 197 LYS A C    1 
ATOM   565  O  O    . LYS A 1 73  ? 9.062   -14.915 -4.696  1.00 16.19 ? 197 LYS A O    1 
ATOM   566  C  CB   . LYS A 1 73  ? 6.876   -15.717 -6.884  1.00 18.14 ? 197 LYS A CB   1 
ATOM   567  C  CG   . LYS A 1 73  ? 7.840   -16.879 -6.713  1.00 24.16 ? 197 LYS A CG   1 
ATOM   568  C  CD   . LYS A 1 73  ? 7.724   -17.876 -7.860  1.00 26.77 ? 197 LYS A CD   1 
ATOM   569  C  CE   . LYS A 1 73  ? 7.977   -17.220 -9.209  1.00 28.69 ? 197 LYS A CE   1 
ATOM   570  N  NZ   . LYS A 1 73  ? 6.759   -16.561 -9.757  1.00 30.02 ? 197 LYS A NZ   1 
ATOM   571  N  N    . HIS A 1 74  ? 8.804   -13.219 -6.142  1.00 14.47 ? 198 HIS A N    1 
ATOM   572  C  CA   . HIS A 1 74  ? 10.211  -12.839 -6.088  1.00 14.35 ? 198 HIS A CA   1 
ATOM   573  C  C    . HIS A 1 74  ? 10.490  -11.616 -5.229  1.00 14.92 ? 198 HIS A C    1 
ATOM   574  O  O    . HIS A 1 74  ? 11.596  -11.089 -5.248  1.00 15.37 ? 198 HIS A O    1 
ATOM   575  C  CB   . HIS A 1 74  ? 10.746  -12.590 -7.499  1.00 16.88 ? 198 HIS A CB   1 
ATOM   576  C  CG   . HIS A 1 74  ? 10.863  -13.831 -8.325  1.00 19.18 ? 198 HIS A CG   1 
ATOM   577  N  ND1  . HIS A 1 74  ? 11.465  -14.981 -7.858  1.00 20.46 ? 198 HIS A ND1  1 
ATOM   578  C  CD2  . HIS A 1 74  ? 10.460  -14.102 -9.589  1.00 20.00 ? 198 HIS A CD2  1 
ATOM   579  C  CE1  . HIS A 1 74  ? 11.427  -15.907 -8.800  1.00 20.74 ? 198 HIS A CE1  1 
ATOM   580  N  NE2  . HIS A 1 74  ? 10.823  -15.399 -9.859  1.00 21.83 ? 198 HIS A NE2  1 
ATOM   581  N  N    . VAL A 1 75  ? 9.493   -11.157 -4.481  1.00 13.68 ? 199 VAL A N    1 
ATOM   582  C  CA   . VAL A 1 75  ? 9.685   -9.987  -3.631  1.00 13.32 ? 199 VAL A CA   1 
ATOM   583  C  C    . VAL A 1 75  ? 10.766  -10.251 -2.589  1.00 13.64 ? 199 VAL A C    1 
ATOM   584  O  O    . VAL A 1 75  ? 10.744  -11.275 -1.903  1.00 16.33 ? 199 VAL A O    1 
ATOM   585  C  CB   . VAL A 1 75  ? 8.369   -9.594  -2.916  1.00 12.23 ? 199 VAL A CB   1 
ATOM   586  C  CG1  . VAL A 1 75  ? 8.631   -8.468  -1.928  1.00 14.52 ? 199 VAL A CG1  1 
ATOM   587  C  CG2  . VAL A 1 75  ? 7.334   -9.152  -3.937  1.00 12.14 ? 199 VAL A CG2  1 
ATOM   588  N  N    . LYS A 1 76  ? 11.725  -9.334  -2.493  1.00 13.11 ? 200 LYS A N    1 
ATOM   589  C  CA   . LYS A 1 76  ? 12.772  -9.419  -1.481  1.00 14.46 ? 200 LYS A CA   1 
ATOM   590  C  C    . LYS A 1 76  ? 12.762  -8.181  -0.599  1.00 13.25 ? 200 LYS A C    1 
ATOM   591  O  O    . LYS A 1 76  ? 12.727  -7.054  -1.092  1.00 13.71 ? 200 LYS A O    1 
ATOM   592  C  CB   . LYS A 1 76  ? 14.155  -9.555  -2.128  1.00 18.12 ? 200 LYS A CB   1 
ATOM   593  C  CG   . LYS A 1 76  ? 14.506  -10.958 -2.583  1.00 22.27 ? 200 LYS A CG   1 
ATOM   594  C  CD   . LYS A 1 76  ? 13.971  -11.218 -3.972  1.00 24.52 ? 200 LYS A CD   1 
ATOM   595  C  CE   . LYS A 1 76  ? 14.349  -12.596 -4.482  1.00 27.27 ? 200 LYS A CE   1 
ATOM   596  N  NZ   . LYS A 1 76  ? 13.852  -12.800 -5.869  1.00 23.33 ? 200 LYS A NZ   1 
ATOM   597  N  N    . HIS A 1 77  ? 12.808  -8.412  0.706   1.00 13.81 ? 201 HIS A N    1 
ATOM   598  C  CA   . HIS A 1 77  ? 12.795  -7.349  1.710   1.00 12.72 ? 201 HIS A CA   1 
ATOM   599  C  C    . HIS A 1 77  ? 14.041  -6.463  1.567   1.00 13.72 ? 201 HIS A C    1 
ATOM   600  O  O    . HIS A 1 77  ? 15.172  -6.932  1.718   1.00 14.04 ? 201 HIS A O    1 
ATOM   601  C  CB   . HIS A 1 77  ? 12.746  -8.002  3.098   1.00 12.82 ? 201 HIS A CB   1 
ATOM   602  C  CG   . HIS A 1 77  ? 12.423  -7.059  4.215   1.00 13.54 ? 201 HIS A CG   1 
ATOM   603  N  ND1  . HIS A 1 77  ? 12.191  -7.493  5.504   1.00 14.18 ? 201 HIS A ND1  1 
ATOM   604  C  CD2  . HIS A 1 77  ? 12.308  -5.711  4.244   1.00 13.33 ? 201 HIS A CD2  1 
ATOM   605  C  CE1  . HIS A 1 77  ? 11.949  -6.449  6.279   1.00 15.34 ? 201 HIS A CE1  1 
ATOM   606  N  NE2  . HIS A 1 77  ? 12.013  -5.357  5.539   1.00 13.24 ? 201 HIS A NE2  1 
ATOM   607  N  N    . MET A 1 78  ? 13.832  -5.181  1.277   1.00 12.31 ? 202 MET A N    1 
ATOM   608  C  CA   . MET A 1 78  ? 14.938  -4.276  0.972   1.00 12.32 ? 202 MET A CA   1 
ATOM   609  C  C    . MET A 1 78  ? 15.808  -3.965  2.188   1.00 13.24 ? 202 MET A C    1 
ATOM   610  O  O    . MET A 1 78  ? 17.030  -3.852  2.067   1.00 13.10 ? 202 MET A O    1 
ATOM   611  C  CB   . MET A 1 78  ? 14.405  -2.968  0.391   1.00 14.90 ? 202 MET A CB   1 
ATOM   612  C  CG   . MET A 1 78  ? 13.483  -3.157  -0.801  1.00 17.36 ? 202 MET A CG   1 
ATOM   613  S  SD   . MET A 1 78  ? 12.886  -1.588  -1.454  1.00 17.88 ? 202 MET A SD   1 
ATOM   614  C  CE   . MET A 1 78  ? 14.040  -1.405  -2.769  1.00 18.55 ? 202 MET A CE   1 
ATOM   615  N  N    . LEU A 1 79  ? 15.171  -3.809  3.344   1.00 14.14 ? 203 LEU A N    1 
ATOM   616  C  CA   . LEU A 1 79  ? 15.874  -3.632  4.615   1.00 14.17 ? 203 LEU A CA   1 
ATOM   617  C  C    . LEU A 1 79  ? 16.689  -2.339  4.705   1.00 14.32 ? 203 LEU A C    1 
ATOM   618  O  O    . LEU A 1 79  ? 17.806  -2.337  5.225   1.00 15.05 ? 203 LEU A O    1 
ATOM   619  C  CB   . LEU A 1 79  ? 16.791  -4.834  4.877   1.00 15.26 ? 203 LEU A CB   1 
ATOM   620  C  CG   . LEU A 1 79  ? 16.076  -6.158  5.154   1.00 17.97 ? 203 LEU A CG   1 
ATOM   621  C  CD1  . LEU A 1 79  ? 17.081  -7.301  5.157   1.00 17.42 ? 203 LEU A CD1  1 
ATOM   622  C  CD2  . LEU A 1 79  ? 15.349  -6.075  6.487   1.00 15.78 ? 203 LEU A CD2  1 
ATOM   623  N  N    . LEU A 1 80  ? 16.135  -1.236  4.210   1.00 13.18 ? 204 LEU A N    1 
ATOM   624  C  CA   . LEU A 1 80  ? 16.823  0.047   4.300   1.00 12.82 ? 204 LEU A CA   1 
ATOM   625  C  C    . LEU A 1 80  ? 15.969  1.121   4.981   1.00 11.68 ? 204 LEU A C    1 
ATOM   626  O  O    . LEU A 1 80  ? 15.420  0.875   6.054   1.00 11.57 ? 204 LEU A O    1 
ATOM   627  C  CB   . LEU A 1 80  ? 17.270  0.488   2.903   1.00 12.76 ? 204 LEU A CB   1 
ATOM   628  C  CG   . LEU A 1 80  ? 18.312  -0.467  2.302   1.00 14.09 ? 204 LEU A CG   1 
ATOM   629  C  CD1  . LEU A 1 80  ? 18.565  -0.118  0.844   1.00 14.82 ? 204 LEU A CD1  1 
ATOM   630  C  CD2  . LEU A 1 80  ? 19.607  -0.389  3.113   1.00 15.20 ? 204 LEU A CD2  1 
ATOM   631  N  N    . LEU A 1 81  ? 15.866  2.306   4.381   1.00 10.51 ? 205 LEU A N    1 
ATOM   632  C  CA   . LEU A 1 81  ? 15.162  3.423   5.015   1.00 9.69  ? 205 LEU A CA   1 
ATOM   633  C  C    . LEU A 1 81  ? 13.651  3.369   4.783   1.00 9.76  ? 205 LEU A C    1 
ATOM   634  O  O    . LEU A 1 81  ? 13.120  2.353   4.336   1.00 10.44 ? 205 LEU A O    1 
ATOM   635  C  CB   . LEU A 1 81  ? 15.719  4.755   4.502   1.00 12.40 ? 205 LEU A CB   1 
ATOM   636  C  CG   . LEU A 1 81  ? 17.214  4.978   4.748   1.00 14.87 ? 205 LEU A CG   1 
ATOM   637  C  CD1  . LEU A 1 81  ? 17.646  6.287   4.113   1.00 16.11 ? 205 LEU A CD1  1 
ATOM   638  C  CD2  . LEU A 1 81  ? 17.493  4.986   6.247   1.00 16.50 ? 205 LEU A CD2  1 
ATOM   639  N  N    . THR A 1 82  ? 12.963  4.465   5.102   1.00 8.74  ? 206 THR A N    1 
ATOM   640  C  CA   . THR A 1 82  ? 11.509  4.523   4.977   1.00 9.07  ? 206 THR A CA   1 
ATOM   641  C  C    . THR A 1 82  ? 11.107  5.825   4.283   1.00 8.73  ? 206 THR A C    1 
ATOM   642  O  O    . THR A 1 82  ? 10.506  6.709   4.896   1.00 8.80  ? 206 THR A O    1 
ATOM   643  C  CB   . THR A 1 82  ? 10.840  4.457   6.368   1.00 9.98  ? 206 THR A CB   1 
ATOM   644  O  OG1  . THR A 1 82  ? 11.349  3.323   7.085   1.00 9.40  ? 206 THR A OG1  1 
ATOM   645  C  CG2  . THR A 1 82  ? 9.326   4.323   6.234   1.00 9.66  ? 206 THR A CG2  1 
ATOM   646  N  N    . ASN A 1 83  ? 11.449  5.939   3.003   1.00 8.67  ? 207 ASN A N    1 
ATOM   647  C  CA   . ASN A 1 83  ? 11.280  7.195   2.279   1.00 8.51  ? 207 ASN A CA   1 
ATOM   648  C  C    . ASN A 1 83  ? 9.879   7.336   1.698   1.00 9.07  ? 207 ASN A C    1 
ATOM   649  O  O    . ASN A 1 83  ? 9.667   7.217   0.485   1.00 9.54  ? 207 ASN A O    1 
ATOM   650  C  CB   . ASN A 1 83  ? 12.330  7.306   1.170   1.00 10.04 ? 207 ASN A CB   1 
ATOM   651  C  CG   . ASN A 1 83  ? 13.713  7.618   1.715   1.00 10.22 ? 207 ASN A CG   1 
ATOM   652  O  OD1  . ASN A 1 83  ? 13.850  8.128   2.828   1.00 9.76  ? 207 ASN A OD1  1 
ATOM   653  N  ND2  . ASN A 1 83  ? 14.742  7.315   0.935   1.00 11.23 ? 207 ASN A ND2  1 
ATOM   654  N  N    . THR A 1 84  ? 8.931   7.616   2.583   1.00 8.19  ? 208 THR A N    1 
ATOM   655  C  CA   . THR A 1 84  ? 7.517   7.575   2.256   1.00 8.57  ? 208 THR A CA   1 
ATOM   656  C  C    . THR A 1 84  ? 7.087   8.691   1.309   1.00 9.01  ? 208 THR A C    1 
ATOM   657  O  O    . THR A 1 84  ? 6.229   8.481   0.456   1.00 7.92  ? 208 THR A O    1 
ATOM   658  C  CB   . THR A 1 84  ? 6.675   7.653   3.538   1.00 8.14  ? 208 THR A CB   1 
ATOM   659  O  OG1  . THR A 1 84  ? 7.254   6.792   4.526   1.00 8.09  ? 208 THR A OG1  1 
ATOM   660  C  CG2  . THR A 1 84  ? 5.245   7.204   3.264   1.00 10.31 ? 208 THR A CG2  1 
ATOM   661  N  N    . PHE A 1 85  ? 7.665   9.879   1.457   1.00 7.99  ? 209 PHE A N    1 
ATOM   662  C  CA   . PHE A 1 85  ? 7.328   10.972  0.544   1.00 8.62  ? 209 PHE A CA   1 
ATOM   663  C  C    . PHE A 1 85  ? 7.750   10.637  -0.881  1.00 9.09  ? 209 PHE A C    1 
ATOM   664  O  O    . PHE A 1 85  ? 6.974   10.800  -1.823  1.00 9.97  ? 209 PHE A O    1 
ATOM   665  C  CB   . PHE A 1 85  ? 8.003   12.276  0.974   1.00 8.28  ? 209 PHE A CB   1 
ATOM   666  C  CG   . PHE A 1 85  ? 7.347   12.945  2.149   1.00 8.55  ? 209 PHE A CG   1 
ATOM   667  C  CD1  . PHE A 1 85  ? 6.325   13.864  1.962   1.00 9.89  ? 209 PHE A CD1  1 
ATOM   668  C  CD2  . PHE A 1 85  ? 7.766   12.666  3.438   1.00 9.24  ? 209 PHE A CD2  1 
ATOM   669  C  CE1  . PHE A 1 85  ? 5.735   14.497  3.044   1.00 10.48 ? 209 PHE A CE1  1 
ATOM   670  C  CE2  . PHE A 1 85  ? 7.184   13.291  4.522   1.00 10.04 ? 209 PHE A CE2  1 
ATOM   671  C  CZ   . PHE A 1 85  ? 6.166   14.209  4.326   1.00 9.66  ? 209 PHE A CZ   1 
ATOM   672  N  N    . GLY A 1 86  ? 8.983   10.166  -1.039  1.00 8.59  ? 210 GLY A N    1 
ATOM   673  C  CA   . GLY A 1 86  ? 9.440   9.783   -2.362  1.00 8.55  ? 210 GLY A CA   1 
ATOM   674  C  C    . GLY A 1 86  ? 8.607   8.652   -2.934  1.00 8.84  ? 210 GLY A C    1 
ATOM   675  O  O    . GLY A 1 86  ? 8.326   8.615   -4.134  1.00 8.61  ? 210 GLY A O    1 
ATOM   676  N  N    . ALA A 1 87  ? 8.202   7.730   -2.071  1.00 7.22  ? 211 ALA A N    1 
ATOM   677  C  CA   . ALA A 1 87  ? 7.466   6.546   -2.504  1.00 7.25  ? 211 ALA A CA   1 
ATOM   678  C  C    . ALA A 1 87  ? 6.073   6.902   -3.024  1.00 7.76  ? 211 ALA A C    1 
ATOM   679  O  O    . ALA A 1 87  ? 5.617   6.364   -4.037  1.00 7.67  ? 211 ALA A O    1 
ATOM   680  C  CB   . ALA A 1 87  ? 7.361   5.559   -1.349  1.00 7.89  ? 211 ALA A CB   1 
ATOM   681  N  N    . ILE A 1 88  ? 5.396   7.811   -2.331  1.00 7.44  ? 212 ILE A N    1 
ATOM   682  C  CA   . ILE A 1 88  ? 4.051   8.194   -2.733  1.00 8.85  ? 212 ILE A CA   1 
ATOM   683  C  C    . ILE A 1 88  ? 4.081   9.000   -4.032  1.00 9.32  ? 212 ILE A C    1 
ATOM   684  O  O    . ILE A 1 88  ? 3.227   8.823   -4.902  1.00 9.67  ? 212 ILE A O    1 
ATOM   685  C  CB   . ILE A 1 88  ? 3.360   8.997   -1.608  1.00 8.88  ? 212 ILE A CB   1 
ATOM   686  C  CG1  . ILE A 1 88  ? 3.070   8.064   -0.429  1.00 8.70  ? 212 ILE A CG1  1 
ATOM   687  C  CG2  . ILE A 1 88  ? 2.082   9.639   -2.121  1.00 8.93  ? 212 ILE A CG2  1 
ATOM   688  C  CD1  . ILE A 1 88  ? 2.582   8.772   0.812   1.00 11.23 ? 212 ILE A CD1  1 
ATOM   689  N  N    . ASN A 1 89  ? 5.078   9.869   -4.174  1.00 9.33  ? 213 ASN A N    1 
ATOM   690  C  CA   . ASN A 1 89  ? 5.261   10.592  -5.426  1.00 8.68  ? 213 ASN A CA   1 
ATOM   691  C  C    . ASN A 1 89  ? 5.553   9.627   -6.568  1.00 8.52  ? 213 ASN A C    1 
ATOM   692  O  O    . ASN A 1 89  ? 5.064   9.806   -7.683  1.00 9.47  ? 213 ASN A O    1 
ATOM   693  C  CB   . ASN A 1 89  ? 6.404   11.599  -5.293  1.00 9.68  ? 213 ASN A CB   1 
ATOM   694  C  CG   . ASN A 1 89  ? 5.960   12.891  -4.653  1.00 9.90  ? 213 ASN A CG   1 
ATOM   695  O  OD1  . ASN A 1 89  ? 5.363   13.747  -5.312  1.00 11.32 ? 213 ASN A OD1  1 
ATOM   696  N  ND2  . ASN A 1 89  ? 6.244   13.046  -3.365  1.00 8.37  ? 213 ASN A ND2  1 
ATOM   697  N  N    . TYR A 1 90  ? 6.345   8.600   -6.279  1.00 9.31  ? 214 TYR A N    1 
ATOM   698  C  CA   . TYR A 1 90  ? 6.677   7.585   -7.271  1.00 8.18  ? 214 TYR A CA   1 
ATOM   699  C  C    . TYR A 1 90  ? 5.405   6.912   -7.774  1.00 8.87  ? 214 TYR A C    1 
ATOM   700  O  O    . TYR A 1 90  ? 5.217   6.735   -8.975  1.00 9.74  ? 214 TYR A O    1 
ATOM   701  C  CB   . TYR A 1 90  ? 7.622   6.549   -6.654  1.00 8.11  ? 214 TYR A CB   1 
ATOM   702  C  CG   . TYR A 1 90  ? 7.954   5.377   -7.552  1.00 9.92  ? 214 TYR A CG   1 
ATOM   703  C  CD1  . TYR A 1 90  ? 9.026   5.431   -8.435  1.00 10.66 ? 214 TYR A CD1  1 
ATOM   704  C  CD2  . TYR A 1 90  ? 7.205   4.208   -7.500  1.00 10.02 ? 214 TYR A CD2  1 
ATOM   705  C  CE1  . TYR A 1 90  ? 9.343   4.350   -9.241  1.00 9.64  ? 214 TYR A CE1  1 
ATOM   706  C  CE2  . TYR A 1 90  ? 7.513   3.122   -8.300  1.00 10.55 ? 214 TYR A CE2  1 
ATOM   707  C  CZ   . TYR A 1 90  ? 8.582   3.197   -9.168  1.00 11.72 ? 214 TYR A CZ   1 
ATOM   708  O  OH   . TYR A 1 90  ? 8.891   2.112   -9.958  1.00 12.51 ? 214 TYR A OH   1 
ATOM   709  N  N    . VAL A 1 91  ? 4.518   6.543   -6.857  1.00 7.69  ? 215 VAL A N    1 
ATOM   710  C  CA   . VAL A 1 91  ? 3.275   5.907   -7.267  1.00 8.74  ? 215 VAL A CA   1 
ATOM   711  C  C    . VAL A 1 91  ? 2.467   6.840   -8.170  1.00 9.62  ? 215 VAL A C    1 
ATOM   712  O  O    . VAL A 1 91  ? 1.969   6.425   -9.216  1.00 10.08 ? 215 VAL A O    1 
ATOM   713  C  CB   . VAL A 1 91  ? 2.435   5.506   -6.041  1.00 8.08  ? 215 VAL A CB   1 
ATOM   714  C  CG1  . VAL A 1 91  ? 1.052   5.064   -6.475  1.00 9.99  ? 215 VAL A CG1  1 
ATOM   715  C  CG2  . VAL A 1 91  ? 3.135   4.377   -5.294  1.00 8.34  ? 215 VAL A CG2  1 
ATOM   716  N  N    . ALA A 1 92  ? 2.365   8.104   -7.781  1.00 9.04  ? 216 ALA A N    1 
ATOM   717  C  CA   . ALA A 1 92  ? 1.554   9.061   -8.521  1.00 10.97 ? 216 ALA A CA   1 
ATOM   718  C  C    . ALA A 1 92  ? 2.044   9.238   -9.957  1.00 11.88 ? 216 ALA A C    1 
ATOM   719  O  O    . ALA A 1 92  ? 1.241   9.360   -10.883 1.00 13.81 ? 216 ALA A O    1 
ATOM   720  C  CB   . ALA A 1 92  ? 1.554   10.405  -7.801  1.00 12.43 ? 216 ALA A CB   1 
ATOM   721  N  N    . THR A 1 93  ? 3.359   9.252   -10.145 1.00 11.51 ? 217 THR A N    1 
ATOM   722  C  CA   . THR A 1 93  ? 3.913   9.584   -11.453 1.00 13.97 ? 217 THR A CA   1 
ATOM   723  C  C    . THR A 1 93  ? 4.395   8.374   -12.252 1.00 13.97 ? 217 THR A C    1 
ATOM   724  O  O    . THR A 1 93  ? 4.410   8.412   -13.483 1.00 14.47 ? 217 THR A O    1 
ATOM   725  C  CB   . THR A 1 93  ? 5.082   10.588  -11.326 1.00 16.44 ? 217 THR A CB   1 
ATOM   726  O  OG1  . THR A 1 93  ? 6.163   9.984   -10.608 1.00 18.83 ? 217 THR A OG1  1 
ATOM   727  C  CG2  . THR A 1 93  ? 4.629   11.835  -10.585 1.00 16.61 ? 217 THR A CG2  1 
ATOM   728  N  N    . GLU A 1 94  ? 4.783   7.305   -11.561 1.00 13.43 ? 218 GLU A N    1 
ATOM   729  C  CA   . GLU A 1 94  ? 5.440   6.178   -12.220 1.00 13.82 ? 218 GLU A CA   1 
ATOM   730  C  C    . GLU A 1 94  ? 4.608   4.900   -12.286 1.00 12.84 ? 218 GLU A C    1 
ATOM   731  O  O    . GLU A 1 94  ? 4.994   3.948   -12.966 1.00 14.83 ? 218 GLU A O    1 
ATOM   732  C  CB   . GLU A 1 94  ? 6.769   5.858   -11.530 1.00 16.16 ? 218 GLU A CB   1 
ATOM   733  C  CG   . GLU A 1 94  ? 7.714   7.041   -11.407 1.00 18.00 ? 218 GLU A CG   1 
ATOM   734  C  CD   . GLU A 1 94  ? 7.964   7.724   -12.735 1.00 22.50 ? 218 GLU A CD   1 
ATOM   735  O  OE1  . GLU A 1 94  ? 8.199   7.014   -13.737 1.00 22.63 ? 218 GLU A OE1  1 
ATOM   736  O  OE2  . GLU A 1 94  ? 7.922   8.970   -12.776 1.00 23.51 ? 218 GLU A OE2  1 
ATOM   737  N  N    . VAL A 1 95  ? 3.483   4.863   -11.577 1.00 11.85 ? 219 VAL A N    1 
ATOM   738  C  CA   . VAL A 1 95  ? 2.668   3.651   -11.545 1.00 11.58 ? 219 VAL A CA   1 
ATOM   739  C  C    . VAL A 1 95  ? 1.296   3.845   -12.185 1.00 12.21 ? 219 VAL A C    1 
ATOM   740  O  O    . VAL A 1 95  ? 0.840   3.005   -12.969 1.00 11.37 ? 219 VAL A O    1 
ATOM   741  C  CB   . VAL A 1 95  ? 2.484   3.146   -10.096 1.00 12.08 ? 219 VAL A CB   1 
ATOM   742  C  CG1  . VAL A 1 95  ? 1.602   1.906   -10.083 1.00 12.77 ? 219 VAL A CG1  1 
ATOM   743  C  CG2  . VAL A 1 95  ? 3.839   2.840   -9.483  1.00 12.45 ? 219 VAL A CG2  1 
ATOM   744  N  N    . PHE A 1 96  ? 0.638   4.953   -11.860 1.00 11.41 ? 220 PHE A N    1 
ATOM   745  C  CA   . PHE A 1 96  ? -0.633  5.280   -12.491 1.00 12.00 ? 220 PHE A CA   1 
ATOM   746  C  C    . PHE A 1 96  ? -0.385  5.875   -13.873 1.00 14.08 ? 220 PHE A C    1 
ATOM   747  O  O    . PHE A 1 96  ? -0.491  7.087   -14.066 1.00 15.33 ? 220 PHE A O    1 
ATOM   748  C  CB   . PHE A 1 96  ? -1.417  6.272   -11.628 1.00 12.54 ? 220 PHE A CB   1 
ATOM   749  C  CG   . PHE A 1 96  ? -2.091  5.642   -10.438 1.00 11.55 ? 220 PHE A CG   1 
ATOM   750  C  CD1  . PHE A 1 96  ? -3.187  4.807   -10.608 1.00 9.70  ? 220 PHE A CD1  1 
ATOM   751  C  CD2  . PHE A 1 96  ? -1.639  5.893   -9.152  1.00 9.62  ? 220 PHE A CD2  1 
ATOM   752  C  CE1  . PHE A 1 96  ? -3.823  4.232   -9.512  1.00 10.21 ? 220 PHE A CE1  1 
ATOM   753  C  CE2  . PHE A 1 96  ? -2.270  5.322   -8.051  1.00 11.74 ? 220 PHE A CE2  1 
ATOM   754  C  CZ   . PHE A 1 96  ? -3.365  4.490   -8.233  1.00 9.37  ? 220 PHE A CZ   1 
ATOM   755  N  N    . ARG A 1 97  ? -0.042  5.012   -14.823 1.00 14.46 ? 221 ARG A N    1 
ATOM   756  C  CA   . ARG A 1 97  ? 0.202   5.424   -16.202 1.00 14.51 ? 221 ARG A CA   1 
ATOM   757  C  C    . ARG A 1 97  ? -0.507  4.463   -17.150 1.00 15.02 ? 221 ARG A C    1 
ATOM   758  O  O    . ARG A 1 97  ? -0.513  3.253   -16.929 1.00 13.34 ? 221 ARG A O    1 
ATOM   759  C  CB   . ARG A 1 97  ? 1.704   5.417   -16.504 1.00 15.16 ? 221 ARG A CB   1 
ATOM   760  C  CG   . ARG A 1 97  ? 2.533   6.353   -15.639 1.00 15.24 ? 221 ARG A CG   1 
ATOM   761  C  CD   . ARG A 1 97  ? 4.000   6.310   -16.046 1.00 18.04 ? 221 ARG A CD   1 
ATOM   762  N  NE   . ARG A 1 97  ? 4.172   6.569   -17.475 1.00 19.22 ? 221 ARG A NE   1 
ATOM   763  C  CZ   . ARG A 1 97  ? 4.939   5.842   -18.284 1.00 21.99 ? 221 ARG A CZ   1 
ATOM   764  N  NH1  . ARG A 1 97  ? 5.031   6.155   -19.571 1.00 22.51 ? 221 ARG A NH1  1 
ATOM   765  N  NH2  . ARG A 1 97  ? 5.616   4.803   -17.811 1.00 21.42 ? 221 ARG A NH2  1 
ATOM   766  N  N    . GLU A 1 98  ? -1.101  5.000   -18.212 1.00 15.94 ? 222 GLU A N    1 
ATOM   767  C  CA   . GLU A 1 98  ? -1.812  4.167   -19.175 1.00 17.26 ? 222 GLU A CA   1 
ATOM   768  C  C    . GLU A 1 98  ? -0.888  3.140   -19.821 1.00 16.67 ? 222 GLU A C    1 
ATOM   769  O  O    . GLU A 1 98  ? -1.308  2.021   -20.117 1.00 17.47 ? 222 GLU A O    1 
ATOM   770  C  CB   . GLU A 1 98  ? -2.449  5.034   -20.265 1.00 20.89 ? 222 GLU A CB   1 
ATOM   771  C  CG   . GLU A 1 98  ? -3.535  5.971   -19.766 1.00 25.31 ? 222 GLU A CG   1 
ATOM   772  C  CD   . GLU A 1 98  ? -4.260  6.675   -20.898 1.00 28.51 ? 222 GLU A CD   1 
ATOM   773  O  OE1  . GLU A 1 98  ? -4.910  5.983   -21.711 1.00 29.67 ? 222 GLU A OE1  1 
ATOM   774  O  OE2  . GLU A 1 98  ? -4.180  7.919   -20.976 1.00 30.83 ? 222 GLU A OE2  1 
ATOM   775  N  N    . GLU A 1 99  ? 0.367   3.525   -20.038 1.00 16.04 ? 223 GLU A N    1 
ATOM   776  C  CA   . GLU A 1 99  ? 1.336   2.650   -20.692 1.00 15.55 ? 223 GLU A CA   1 
ATOM   777  C  C    . GLU A 1 99  ? 1.625   1.425   -19.837 1.00 15.35 ? 223 GLU A C    1 
ATOM   778  O  O    . GLU A 1 99  ? 2.149   0.422   -20.326 1.00 14.42 ? 223 GLU A O    1 
ATOM   779  C  CB   . GLU A 1 99  ? 2.643   3.403   -20.956 1.00 17.48 ? 223 GLU A CB   1 
ATOM   780  C  CG   . GLU A 1 99  ? 2.499   4.600   -21.877 1.00 21.94 ? 223 GLU A CG   1 
ATOM   781  C  CD   . GLU A 1 99  ? 2.274   5.894   -21.119 1.00 23.88 ? 223 GLU A CD   1 
ATOM   782  O  OE1  . GLU A 1 99  ? 1.467   5.900   -20.166 1.00 21.20 ? 223 GLU A OE1  1 
ATOM   783  O  OE2  . GLU A 1 99  ? 2.910   6.908   -21.477 1.00 30.32 ? 223 GLU A OE2  1 
ATOM   784  N  N    . LEU A 1 100 ? 1.284   1.519   -18.556 1.00 15.06 ? 224 LEU A N    1 
ATOM   785  C  CA   . LEU A 1 100 ? 1.500   0.430   -17.614 1.00 13.96 ? 224 LEU A CA   1 
ATOM   786  C  C    . LEU A 1 100 ? 0.197   -0.287  -17.270 1.00 12.92 ? 224 LEU A C    1 
ATOM   787  O  O    . LEU A 1 100 ? 0.167   -1.137  -16.382 1.00 14.43 ? 224 LEU A O    1 
ATOM   788  C  CB   . LEU A 1 100 ? 2.148   0.968   -16.338 1.00 14.07 ? 224 LEU A CB   1 
ATOM   789  C  CG   . LEU A 1 100 ? 3.536   1.578   -16.547 1.00 13.69 ? 224 LEU A CG   1 
ATOM   790  C  CD1  . LEU A 1 100 ? 4.001   2.272   -15.273 1.00 14.78 ? 224 LEU A CD1  1 
ATOM   791  C  CD2  . LEU A 1 100 ? 4.509   0.486   -16.951 1.00 15.75 ? 224 LEU A CD2  1 
ATOM   792  N  N    . GLY A 1 101 ? -0.878  0.058   -17.975 1.00 13.99 ? 225 GLY A N    1 
ATOM   793  C  CA   . GLY A 1 101 ? -2.131  -0.652  -17.797 1.00 14.13 ? 225 GLY A CA   1 
ATOM   794  C  C    . GLY A 1 101 ? -3.189  0.091   -17.002 1.00 13.85 ? 225 GLY A C    1 
ATOM   795  O  O    . GLY A 1 101 ? -4.311  -0.395  -16.851 1.00 15.43 ? 225 GLY A O    1 
ATOM   796  N  N    . ALA A 1 102 ? -2.846  1.268   -16.491 1.00 13.77 ? 226 ALA A N    1 
ATOM   797  C  CA   . ALA A 1 102 ? -3.814  2.067   -15.752 1.00 13.58 ? 226 ALA A CA   1 
ATOM   798  C  C    . ALA A 1 102 ? -4.948  2.483   -16.685 1.00 14.22 ? 226 ALA A C    1 
ATOM   799  O  O    . ALA A 1 102 ? -4.729  2.723   -17.875 1.00 15.75 ? 226 ALA A O    1 
ATOM   800  C  CB   . ALA A 1 102 ? -3.138  3.300   -15.156 1.00 13.92 ? 226 ALA A CB   1 
ATOM   801  N  N    . ARG A 1 103 ? -6.158  2.556   -16.140 1.00 12.88 ? 227 ARG A N    1 
ATOM   802  C  CA   . ARG A 1 103 ? -7.340  2.890   -16.927 1.00 14.56 ? 227 ARG A CA   1 
ATOM   803  C  C    . ARG A 1 103 ? -7.808  4.311   -16.632 1.00 16.35 ? 227 ARG A C    1 
ATOM   804  O  O    . ARG A 1 103 ? -8.003  4.688   -15.478 1.00 16.51 ? 227 ARG A O    1 
ATOM   805  C  CB   . ARG A 1 103 ? -8.465  1.900   -16.616 1.00 13.93 ? 227 ARG A CB   1 
ATOM   806  C  CG   . ARG A 1 103 ? -8.127  0.457   -16.960 1.00 13.08 ? 227 ARG A CG   1 
ATOM   807  C  CD   . ARG A 1 103 ? -9.141  -0.510  -16.382 1.00 12.71 ? 227 ARG A CD   1 
ATOM   808  N  NE   . ARG A 1 103 ? -9.044  -0.596  -14.925 1.00 12.61 ? 227 ARG A NE   1 
ATOM   809  C  CZ   . ARG A 1 103 ? -9.833  -1.354  -14.172 1.00 14.64 ? 227 ARG A CZ   1 
ATOM   810  N  NH1  . ARG A 1 103 ? -10.780 -2.092  -14.737 1.00 17.21 ? 227 ARG A NH1  1 
ATOM   811  N  NH2  . ARG A 1 103 ? -9.677  -1.375  -12.853 1.00 12.79 ? 227 ARG A NH2  1 
ATOM   812  N  N    . PRO A 1 104 ? -8.006  5.120   -17.683 1.00 19.34 ? 228 PRO A N    1 
ATOM   813  C  CA   . PRO A 1 104 ? -8.418  6.519   -17.527 1.00 21.06 ? 228 PRO A CA   1 
ATOM   814  C  C    . PRO A 1 104 ? -9.737  6.683   -16.773 1.00 21.81 ? 228 PRO A C    1 
ATOM   815  O  O    . PRO A 1 104 ? -9.944  7.680   -16.083 1.00 23.65 ? 228 PRO A O    1 
ATOM   816  C  CB   . PRO A 1 104 ? -8.516  7.025   -18.967 1.00 22.76 ? 228 PRO A CB   1 
ATOM   817  C  CG   . PRO A 1 104 ? -7.588  6.135   -19.733 1.00 22.67 ? 228 PRO A CG   1 
ATOM   818  C  CD   . PRO A 1 104 ? -7.725  4.784   -19.088 1.00 21.52 ? 228 PRO A CD   1 
ATOM   819  N  N    . ASP A 1 105 ? -10.623 5.702   -16.906 1.00 21.21 ? 229 ASP A N    1 
ATOM   820  C  CA   . ASP A 1 105 ? -11.963 5.806   -16.340 1.00 21.84 ? 229 ASP A CA   1 
ATOM   821  C  C    . ASP A 1 105 ? -12.035 5.262   -14.915 1.00 21.46 ? 229 ASP A C    1 
ATOM   822  O  O    . ASP A 1 105 ? -13.064 5.370   -14.251 1.00 22.93 ? 229 ASP A O    1 
ATOM   823  C  CB   . ASP A 1 105 ? -12.961 5.068   -17.232 1.00 21.71 ? 229 ASP A CB   1 
ATOM   824  N  N    . ALA A 1 106 ? -10.938 4.679   -14.446 1.00 18.26 ? 230 ALA A N    1 
ATOM   825  C  CA   . ALA A 1 106 ? -10.947 3.983   -13.166 1.00 16.42 ? 230 ALA A CA   1 
ATOM   826  C  C    . ALA A 1 106 ? -10.776 4.931   -11.982 1.00 15.27 ? 230 ALA A C    1 
ATOM   827  O  O    . ALA A 1 106 ? -10.171 5.998   -12.099 1.00 16.18 ? 230 ALA A O    1 
ATOM   828  C  CB   . ALA A 1 106 ? -9.848  2.924   -13.149 1.00 15.30 ? 230 ALA A CB   1 
ATOM   829  N  N    . THR A 1 107 ? -11.319 4.529   -10.839 1.00 12.91 ? 231 THR A N    1 
ATOM   830  C  CA   . THR A 1 107 ? -11.071 5.227   -9.587  1.00 12.07 ? 231 THR A CA   1 
ATOM   831  C  C    . THR A 1 107 ? -9.716  4.793   -9.043  1.00 10.64 ? 231 THR A C    1 
ATOM   832  O  O    . THR A 1 107 ? -9.435  3.598   -8.954  1.00 13.02 ? 231 THR A O    1 
ATOM   833  C  CB   . THR A 1 107 ? -12.151 4.890   -8.551  1.00 13.51 ? 231 THR A CB   1 
ATOM   834  O  OG1  . THR A 1 107 ? -13.431 5.287   -9.058  1.00 16.21 ? 231 THR A OG1  1 
ATOM   835  C  CG2  . THR A 1 107 ? -11.878 5.611   -7.236  1.00 15.78 ? 231 THR A CG2  1 
ATOM   836  N  N    . LYS A 1 108 ? -8.888  5.768   -8.683  1.00 11.24 ? 232 LYS A N    1 
ATOM   837  C  CA   . LYS A 1 108 ? -7.529  5.500   -8.225  1.00 10.44 ? 232 LYS A CA   1 
ATOM   838  C  C    . LYS A 1 108 ? -7.503  5.331   -6.714  1.00 10.43 ? 232 LYS A C    1 
ATOM   839  O  O    . LYS A 1 108 ? -7.961  6.203   -5.978  1.00 11.26 ? 232 LYS A O    1 
ATOM   840  C  CB   . LYS A 1 108 ? -6.600  6.654   -8.601  1.00 10.38 ? 232 LYS A CB   1 
ATOM   841  C  CG   . LYS A 1 108 ? -6.442  6.913   -10.094 1.00 14.42 ? 232 LYS A CG   1 
ATOM   842  C  CD   . LYS A 1 108 ? -5.460  8.058   -10.303 1.00 16.53 ? 232 LYS A CD   1 
ATOM   843  C  CE   . LYS A 1 108 ? -5.004  8.165   -11.745 1.00 19.55 ? 232 LYS A CE   1 
ATOM   844  N  NZ   . LYS A 1 108 ? -4.004  9.255   -11.910 1.00 20.56 ? 232 LYS A NZ   1 
ATOM   845  N  N    . VAL A 1 109 ? -6.959  4.210   -6.256  1.00 9.52  ? 233 VAL A N    1 
ATOM   846  C  CA   . VAL A 1 109 ? -6.815  3.964   -4.828  1.00 9.03  ? 233 VAL A CA   1 
ATOM   847  C  C    . VAL A 1 109 ? -5.380  3.579   -4.496  1.00 10.17 ? 233 VAL A C    1 
ATOM   848  O  O    . VAL A 1 109 ? -4.755  2.799   -5.213  1.00 9.85  ? 233 VAL A O    1 
ATOM   849  C  CB   . VAL A 1 109 ? -7.749  2.831   -4.357  1.00 7.50  ? 233 VAL A CB   1 
ATOM   850  C  CG1  . VAL A 1 109 ? -7.557  2.575   -2.871  1.00 9.43  ? 233 VAL A CG1  1 
ATOM   851  C  CG2  . VAL A 1 109 ? -9.197  3.200   -4.649  1.00 11.05 ? 233 VAL A CG2  1 
ATOM   852  N  N    . LEU A 1 110 ? -4.868  4.137   -3.406  1.00 8.44  ? 234 LEU A N    1 
ATOM   853  C  CA   . LEU A 1 110 ? -3.531  3.814   -2.930  1.00 7.65  ? 234 LEU A CA   1 
ATOM   854  C  C    . LEU A 1 110 ? -3.623  3.355   -1.482  1.00 7.81  ? 234 LEU A C    1 
ATOM   855  O  O    . LEU A 1 110 ? -4.147  4.072   -0.625  1.00 8.46  ? 234 LEU A O    1 
ATOM   856  C  CB   . LEU A 1 110 ? -2.625  5.044   -3.044  1.00 8.22  ? 234 LEU A CB   1 
ATOM   857  C  CG   . LEU A 1 110 ? -1.224  4.981   -2.433  1.00 9.06  ? 234 LEU A CG   1 
ATOM   858  C  CD1  . LEU A 1 110 ? -0.467  3.777   -2.968  1.00 9.23  ? 234 LEU A CD1  1 
ATOM   859  C  CD2  . LEU A 1 110 ? -0.484  6.275   -2.765  1.00 8.57  ? 234 LEU A CD2  1 
ATOM   860  N  N    . ILE A 1 111 ? -3.132  2.148   -1.222  1.00 7.29  ? 235 ILE A N    1 
ATOM   861  C  CA   . ILE A 1 111 ? -3.107  1.594   0.128   1.00 7.99  ? 235 ILE A CA   1 
ATOM   862  C  C    . ILE A 1 111 ? -1.659  1.544   0.596   1.00 7.71  ? 235 ILE A C    1 
ATOM   863  O  O    . ILE A 1 111 ? -0.854  0.789   0.052   1.00 9.28  ? 235 ILE A O    1 
ATOM   864  C  CB   . ILE A 1 111 ? -3.679  0.158   0.162   1.00 8.91  ? 235 ILE A CB   1 
ATOM   865  C  CG1  . ILE A 1 111 ? -5.072  0.120   -0.482  1.00 8.71  ? 235 ILE A CG1  1 
ATOM   866  C  CG2  . ILE A 1 111 ? -3.741  -0.340  1.598   1.00 9.70  ? 235 ILE A CG2  1 
ATOM   867  C  CD1  . ILE A 1 111 ? -6.082  1.093   0.126   1.00 8.09  ? 235 ILE A CD1  1 
ATOM   868  N  N    . ILE A 1 112 ? -1.335  2.350   1.602   1.00 8.59  ? 236 ILE A N    1 
ATOM   869  C  CA   . ILE A 1 112 ? 0.030   2.450   2.109   1.00 8.83  ? 236 ILE A CA   1 
ATOM   870  C  C    . ILE A 1 112 ? 0.130   1.664   3.411   1.00 9.69  ? 236 ILE A C    1 
ATOM   871  O  O    . ILE A 1 112 ? -0.732  1.790   4.271   1.00 9.67  ? 236 ILE A O    1 
ATOM   872  C  CB   . ILE A 1 112 ? 0.397   3.917   2.391   1.00 9.22  ? 236 ILE A CB   1 
ATOM   873  C  CG1  . ILE A 1 112 ? 0.178   4.753   1.128   1.00 11.45 ? 236 ILE A CG1  1 
ATOM   874  C  CG2  . ILE A 1 112 ? 1.839   4.012   2.862   1.00 10.52 ? 236 ILE A CG2  1 
ATOM   875  C  CD1  . ILE A 1 112 ? -0.004  6.226   1.395   1.00 12.64 ? 236 ILE A CD1  1 
ATOM   876  N  N    . ILE A 1 113 ? 1.178   0.856   3.552   1.00 8.71  ? 237 ILE A N    1 
ATOM   877  C  CA   . ILE A 1 113 ? 1.345   0.040   4.751   1.00 7.91  ? 237 ILE A CA   1 
ATOM   878  C  C    . ILE A 1 113 ? 2.745   0.267   5.315   1.00 8.59  ? 237 ILE A C    1 
ATOM   879  O  O    . ILE A 1 113 ? 3.734   0.110   4.604   1.00 8.52  ? 237 ILE A O    1 
ATOM   880  C  CB   . ILE A 1 113 ? 1.162   -1.463  4.433   1.00 9.52  ? 237 ILE A CB   1 
ATOM   881  C  CG1  . ILE A 1 113 ? -0.177  -1.680  3.724   1.00 10.39 ? 237 ILE A CG1  1 
ATOM   882  C  CG2  . ILE A 1 113 ? 1.203   -2.273  5.720   1.00 9.03  ? 237 ILE A CG2  1 
ATOM   883  C  CD1  . ILE A 1 113 ? -0.387  -3.096  3.221   1.00 15.57 ? 237 ILE A CD1  1 
ATOM   884  N  N    . THR A 1 114 ? 2.827   0.648   6.589   1.00 7.33  ? 238 THR A N    1 
ATOM   885  C  CA   . THR A 1 114 ? 4.099   1.088   7.155   1.00 7.84  ? 238 THR A CA   1 
ATOM   886  C  C    . THR A 1 114 ? 4.146   0.880   8.668   1.00 8.51  ? 238 THR A C    1 
ATOM   887  O  O    . THR A 1 114 ? 3.106   0.739   9.312   1.00 7.86  ? 238 THR A O    1 
ATOM   888  C  CB   . THR A 1 114 ? 4.348   2.578   6.832   1.00 8.84  ? 238 THR A CB   1 
ATOM   889  O  OG1  . THR A 1 114 ? 5.683   2.931   7.205   1.00 8.14  ? 238 THR A OG1  1 
ATOM   890  C  CG2  . THR A 1 114 ? 3.362   3.468   7.588   1.00 8.40  ? 238 THR A CG2  1 
ATOM   891  N  N    . ASP A 1 115 ? 5.353   0.849   9.232   1.00 9.37  ? 239 ASP A N    1 
ATOM   892  C  CA   . ASP A 1 115 ? 5.501   0.697   10.679  1.00 9.42  ? 239 ASP A CA   1 
ATOM   893  C  C    . ASP A 1 115 ? 6.047   1.942   11.372  1.00 10.62 ? 239 ASP A C    1 
ATOM   894  O  O    . ASP A 1 115 ? 6.322   1.914   12.567  1.00 11.26 ? 239 ASP A O    1 
ATOM   895  C  CB   . ASP A 1 115 ? 6.399   -0.506  11.008  1.00 11.48 ? 239 ASP A CB   1 
ATOM   896  C  CG   . ASP A 1 115 ? 7.884   -0.170  10.954  1.00 11.47 ? 239 ASP A CG   1 
ATOM   897  O  OD1  . ASP A 1 115 ? 8.244   0.892   10.407  1.00 14.82 ? 239 ASP A OD1  1 
ATOM   898  O  OD2  . ASP A 1 115 ? 8.694   -0.971  11.470  1.00 14.36 ? 239 ASP A OD2  1 
ATOM   899  N  N    . GLY A 1 116 ? 6.211   3.036   10.635  1.00 9.21  ? 240 GLY A N    1 
ATOM   900  C  CA   . GLY A 1 116 ? 6.798   4.210   11.253  1.00 11.39 ? 240 GLY A CA   1 
ATOM   901  C  C    . GLY A 1 116 ? 6.689   5.476   10.436  1.00 11.19 ? 240 GLY A C    1 
ATOM   902  O  O    . GLY A 1 116 ? 6.013   5.512   9.407   1.00 12.77 ? 240 GLY A O    1 
ATOM   903  N  N    . GLU A 1 117 ? 7.355   6.525   10.903  1.00 12.41 ? 241 GLU A N    1 
ATOM   904  C  CA   . GLU A 1 117 ? 7.342   7.803   10.208  1.00 13.14 ? 241 GLU A CA   1 
ATOM   905  C  C    . GLU A 1 117 ? 8.304   7.789   9.029   1.00 10.31 ? 241 GLU A C    1 
ATOM   906  O  O    . GLU A 1 117 ? 9.283   7.041   9.012   1.00 11.37 ? 241 GLU A O    1 
ATOM   907  C  CB   . GLU A 1 117 ? 7.732   8.934   11.162  1.00 15.00 ? 241 GLU A CB   1 
ATOM   908  C  CG   . GLU A 1 117 ? 6.848   9.045   12.390  1.00 20.83 ? 241 GLU A CG   1 
ATOM   909  C  CD   . GLU A 1 117 ? 7.266   10.178  13.305  1.00 25.00 ? 241 GLU A CD   1 
ATOM   910  O  OE1  . GLU A 1 117 ? 7.461   9.925   14.511  1.00 28.70 ? 241 GLU A OE1  1 
ATOM   911  O  OE2  . GLU A 1 117 ? 7.399   11.320  12.817  1.00 27.53 ? 241 GLU A OE2  1 
ATOM   912  N  N    . ALA A 1 118 ? 8.018   8.632   8.042   1.00 10.15 ? 242 ALA A N    1 
ATOM   913  C  CA   . ALA A 1 118 ? 8.903   8.791   6.898   1.00 10.03 ? 242 ALA A CA   1 
ATOM   914  C  C    . ALA A 1 118 ? 10.283  9.256   7.338   1.00 11.22 ? 242 ALA A C    1 
ATOM   915  O  O    . ALA A 1 118 ? 10.417  10.078  8.251   1.00 12.15 ? 242 ALA A O    1 
ATOM   916  C  CB   . ALA A 1 118 ? 8.315   9.789   5.922   1.00 11.57 ? 242 ALA A CB   1 
ATOM   917  N  N    . THR A 1 119 ? 11.306  8.728   6.676   1.00 9.92  ? 243 THR A N    1 
ATOM   918  C  CA   . THR A 1 119 ? 12.670  9.196   6.879   1.00 10.71 ? 243 THR A CA   1 
ATOM   919  C  C    . THR A 1 119 ? 13.015  10.376  5.969   1.00 11.60 ? 243 THR A C    1 
ATOM   920  O  O    . THR A 1 119 ? 13.985  11.091  6.225   1.00 12.23 ? 243 THR A O    1 
ATOM   921  C  CB   . THR A 1 119 ? 13.697  8.060   6.646   1.00 11.27 ? 243 THR A CB   1 
ATOM   922  O  OG1  . THR A 1 119 ? 13.366  7.343   5.450   1.00 10.45 ? 243 THR A OG1  1 
ATOM   923  C  CG2  . THR A 1 119 ? 13.705  7.096   7.829   1.00 11.75 ? 243 THR A CG2  1 
ATOM   924  N  N    . ASP A 1 120 ? 12.230  10.586  4.917   1.00 9.80  ? 244 ASP A N    1 
ATOM   925  C  CA   . ASP A 1 120 ? 12.464  11.726  4.034   1.00 9.55  ? 244 ASP A CA   1 
ATOM   926  C  C    . ASP A 1 120 ? 11.471  12.860  4.262   1.00 10.00 ? 244 ASP A C    1 
ATOM   927  O  O    . ASP A 1 120 ? 10.874  12.961  5.337   1.00 10.27 ? 244 ASP A O    1 
ATOM   928  C  CB   . ASP A 1 120 ? 12.478  11.287  2.554   1.00 8.85  ? 244 ASP A CB   1 
ATOM   929  C  CG   . ASP A 1 120 ? 11.170  10.655  2.094   1.00 9.51  ? 244 ASP A CG   1 
ATOM   930  O  OD1  . ASP A 1 120 ? 10.257  10.455  2.920   1.00 9.34  ? 244 ASP A OD1  1 
ATOM   931  O  OD2  . ASP A 1 120 ? 11.071  10.359  0.880   1.00 9.41  ? 244 ASP A OD2  1 
ATOM   932  N  N    . SER A 1 121 ? 11.316  13.733  3.273   1.00 9.00  ? 245 SER A N    1 
ATOM   933  C  CA   . SER A 1 121 ? 10.543  14.957  3.459   1.00 8.04  ? 245 SER A CA   1 
ATOM   934  C  C    . SER A 1 121 ? 10.090  15.534  2.125   1.00 8.97  ? 245 SER A C    1 
ATOM   935  O  O    . SER A 1 121 ? 10.592  15.147  1.068   1.00 9.09  ? 245 SER A O    1 
ATOM   936  C  CB   . SER A 1 121 ? 11.383  16.003  4.196   1.00 10.41 ? 245 SER A CB   1 
ATOM   937  O  OG   . SER A 1 121 ? 12.519  16.357  3.425   1.00 9.98  ? 245 SER A OG   1 
ATOM   938  N  N    . GLY A 1 122 ? 9.149   16.473  2.195   1.00 9.47  ? 246 GLY A N    1 
ATOM   939  C  CA   . GLY A 1 122 ? 8.641   17.129  1.004   1.00 9.82  ? 246 GLY A CA   1 
ATOM   940  C  C    . GLY A 1 122 ? 7.133   17.292  1.055   1.00 10.16 ? 246 GLY A C    1 
ATOM   941  O  O    . GLY A 1 122 ? 6.570   17.678  2.082   1.00 10.49 ? 246 GLY A O    1 
ATOM   942  N  N    . ASN A 1 123 ? 6.473   17.007  -0.060  1.00 8.78  ? 247 ASN A N    1 
ATOM   943  C  CA   . ASN A 1 123 ? 5.018   16.969  -0.073  1.00 9.71  ? 247 ASN A CA   1 
ATOM   944  C  C    . ASN A 1 123 ? 4.550   15.836  -0.970  1.00 9.90  ? 247 ASN A C    1 
ATOM   945  O  O    . ASN A 1 123 ? 5.347   15.262  -1.717  1.00 9.66  ? 247 ASN A O    1 
ATOM   946  C  CB   . ASN A 1 123 ? 4.442   18.313  -0.549  1.00 9.62  ? 247 ASN A CB   1 
ATOM   947  C  CG   . ASN A 1 123 ? 4.671   18.568  -2.026  1.00 11.23 ? 247 ASN A CG   1 
ATOM   948  O  OD1  . ASN A 1 123 ? 4.193   17.820  -2.878  1.00 11.76 ? 247 ASN A OD1  1 
ATOM   949  N  ND2  . ASN A 1 123 ? 5.397   19.637  -2.336  1.00 11.80 ? 247 ASN A ND2  1 
ATOM   950  N  N    . ILE A 1 124 ? 3.265   15.495  -0.880  1.00 9.70  ? 248 ILE A N    1 
ATOM   951  C  CA   . ILE A 1 124 ? 2.695   14.483  -1.765  1.00 10.53 ? 248 ILE A CA   1 
ATOM   952  C  C    . ILE A 1 124 ? 1.565   15.072  -2.602  1.00 12.19 ? 248 ILE A C    1 
ATOM   953  O  O    . ILE A 1 124 ? 0.619   14.378  -2.967  1.00 12.64 ? 248 ILE A O    1 
ATOM   954  C  CB   . ILE A 1 124 ? 2.141   13.264  -0.984  1.00 9.14  ? 248 ILE A CB   1 
ATOM   955  C  CG1  . ILE A 1 124 ? 1.040   13.706  -0.020  1.00 11.83 ? 248 ILE A CG1  1 
ATOM   956  C  CG2  . ILE A 1 124 ? 3.269   12.563  -0.235  1.00 10.15 ? 248 ILE A CG2  1 
ATOM   957  C  CD1  . ILE A 1 124 ? 0.056   12.598  0.307   1.00 10.76 ? 248 ILE A CD1  1 
ATOM   958  N  N    . ASP A 1 125 ? 1.672   16.356  -2.916  1.00 12.64 ? 249 ASP A N    1 
ATOM   959  C  CA   . ASP A 1 125 ? 0.597   17.034  -3.626  1.00 12.18 ? 249 ASP A CA   1 
ATOM   960  C  C    . ASP A 1 125 ? 0.232   16.349  -4.943  1.00 12.36 ? 249 ASP A C    1 
ATOM   961  O  O    . ASP A 1 125 ? -0.935  16.341  -5.340  1.00 12.52 ? 249 ASP A O    1 
ATOM   962  C  CB   . ASP A 1 125 ? 0.987   18.494  -3.858  1.00 17.20 ? 249 ASP A CB   1 
ATOM   963  C  CG   . ASP A 1 125 ? 1.152   19.253  -2.555  1.00 16.27 ? 249 ASP A CG   1 
ATOM   964  O  OD1  . ASP A 1 125 ? 0.547   18.830  -1.544  1.00 22.82 ? 249 ASP A OD1  1 
ATOM   965  O  OD2  . ASP A 1 125 ? 1.878   20.262  -2.534  1.00 22.72 ? 249 ASP A OD2  1 
ATOM   966  N  N    . ALA A 1 126 ? 1.223   15.755  -5.601  1.00 11.11 ? 250 ALA A N    1 
ATOM   967  C  CA   . ALA A 1 126 ? 1.012   15.094  -6.887  1.00 10.60 ? 250 ALA A CA   1 
ATOM   968  C  C    . ALA A 1 126 ? 0.089   13.884  -6.776  1.00 10.64 ? 250 ALA A C    1 
ATOM   969  O  O    . ALA A 1 126 ? -0.437  13.398  -7.780  1.00 12.70 ? 250 ALA A O    1 
ATOM   970  C  CB   . ALA A 1 126 ? 2.349   14.667  -7.476  1.00 12.75 ? 250 ALA A CB   1 
ATOM   971  N  N    . ALA A 1 127 ? -0.095  13.392  -5.554  1.00 10.43 ? 251 ALA A N    1 
ATOM   972  C  CA   . ALA A 1 127 ? -0.893  12.190  -5.326  1.00 8.61  ? 251 ALA A CA   1 
ATOM   973  C  C    . ALA A 1 127 ? -2.215  12.492  -4.630  1.00 9.67  ? 251 ALA A C    1 
ATOM   974  O  O    . ALA A 1 127 ? -2.961  11.574  -4.294  1.00 9.73  ? 251 ALA A O    1 
ATOM   975  C  CB   . ALA A 1 127 ? -0.095  11.190  -4.496  1.00 9.92  ? 251 ALA A CB   1 
ATOM   976  N  N    . LYS A 1 128 ? -2.506  13.772  -4.411  1.00 9.50  ? 252 LYS A N    1 
ATOM   977  C  CA   . LYS A 1 128 ? -3.583  14.154  -3.503  1.00 11.35 ? 252 LYS A CA   1 
ATOM   978  C  C    . LYS A 1 128 ? -4.979  13.775  -3.991  1.00 10.66 ? 252 LYS A C    1 
ATOM   979  O  O    . LYS A 1 128 ? -5.894  13.601  -3.181  1.00 11.33 ? 252 LYS A O    1 
ATOM   980  C  CB   . LYS A 1 128 ? -3.533  15.659  -3.223  1.00 13.26 ? 252 LYS A CB   1 
ATOM   981  C  CG   . LYS A 1 128 ? -2.343  16.098  -2.381  1.00 17.22 ? 252 LYS A CG   1 
ATOM   982  C  CD   . LYS A 1 128 ? -2.526  15.768  -0.903  1.00 17.36 ? 252 LYS A CD   1 
ATOM   983  C  CE   . LYS A 1 128 ? -3.746  16.468  -0.320  1.00 16.23 ? 252 LYS A CE   1 
ATOM   984  N  NZ   . LYS A 1 128 ? -3.607  16.698  1.150   1.00 17.02 ? 252 LYS A NZ   1 
ATOM   985  N  N    . ASP A 1 129 ? -5.147  13.645  -5.304  1.00 10.86 ? 253 ASP A N    1 
ATOM   986  C  CA   . ASP A 1 129 ? -6.452  13.300  -5.858  1.00 12.24 ? 253 ASP A CA   1 
ATOM   987  C  C    . ASP A 1 129 ? -6.747  11.807  -5.771  1.00 11.87 ? 253 ASP A C    1 
ATOM   988  O  O    . ASP A 1 129 ? -7.885  11.377  -5.964  1.00 11.56 ? 253 ASP A O    1 
ATOM   989  C  CB   . ASP A 1 129 ? -6.557  13.760  -7.317  1.00 13.97 ? 253 ASP A CB   1 
ATOM   990  C  CG   . ASP A 1 129 ? -5.542  13.088  -8.222  1.00 18.30 ? 253 ASP A CG   1 
ATOM   991  O  OD1  . ASP A 1 129 ? -4.452  12.713  -7.744  1.00 18.95 ? 253 ASP A OD1  1 
ATOM   992  O  OD2  . ASP A 1 129 ? -5.836  12.939  -9.427  1.00 24.65 ? 253 ASP A OD2  1 
ATOM   993  N  N    . ILE A 1 130 ? -5.721  11.017  -5.479  1.00 9.43  ? 254 ILE A N    1 
ATOM   994  C  CA   . ILE A 1 130 ? -5.897  9.582   -5.297  1.00 8.57  ? 254 ILE A CA   1 
ATOM   995  C  C    . ILE A 1 130 ? -6.571  9.351   -3.947  1.00 8.87  ? 254 ILE A C    1 
ATOM   996  O  O    . ILE A 1 130 ? -6.285  10.056  -2.982  1.00 8.01  ? 254 ILE A O    1 
ATOM   997  C  CB   . ILE A 1 130 ? -4.529  8.862   -5.313  1.00 8.67  ? 254 ILE A CB   1 
ATOM   998  C  CG1  . ILE A 1 130 ? -3.817  9.143   -6.638  1.00 9.19  ? 254 ILE A CG1  1 
ATOM   999  C  CG2  . ILE A 1 130 ? -4.713  7.361   -5.121  1.00 8.46  ? 254 ILE A CG2  1 
ATOM   1000 C  CD1  . ILE A 1 130 ? -2.375  8.694   -6.649  1.00 12.44 ? 254 ILE A CD1  1 
ATOM   1001 N  N    . ILE A 1 131 ? -7.475  8.380   -3.880  1.00 8.79  ? 255 ILE A N    1 
ATOM   1002 C  CA   . ILE A 1 131 ? -8.031  7.968   -2.597  1.00 7.65  ? 255 ILE A CA   1 
ATOM   1003 C  C    . ILE A 1 131 ? -6.955  7.187   -1.858  1.00 7.81  ? 255 ILE A C    1 
ATOM   1004 O  O    . ILE A 1 131 ? -6.506  6.140   -2.327  1.00 8.92  ? 255 ILE A O    1 
ATOM   1005 C  CB   . ILE A 1 131 ? -9.268  7.071   -2.778  1.00 8.28  ? 255 ILE A CB   1 
ATOM   1006 C  CG1  . ILE A 1 131 ? -10.423 7.890   -3.361  1.00 10.09 ? 255 ILE A CG1  1 
ATOM   1007 C  CG2  . ILE A 1 131 ? -9.672  6.468   -1.448  1.00 9.64  ? 255 ILE A CG2  1 
ATOM   1008 C  CD1  . ILE A 1 131 ? -10.971 8.923   -2.398  1.00 15.42 ? 255 ILE A CD1  1 
ATOM   1009 N  N    . ARG A 1 132 ? -6.545  7.701   -0.704  1.00 7.70  ? 256 ARG A N    1 
ATOM   1010 C  CA   . ARG A 1 132 ? -5.381  7.173   -0.005  1.00 8.82  ? 256 ARG A CA   1 
ATOM   1011 C  C    . ARG A 1 132 ? -5.719  6.686   1.397   1.00 8.87  ? 256 ARG A C    1 
ATOM   1012 O  O    . ARG A 1 132 ? -6.148  7.462   2.253   1.00 9.91  ? 256 ARG A O    1 
ATOM   1013 C  CB   . ARG A 1 132 ? -4.287  8.247   0.058   1.00 9.89  ? 256 ARG A CB   1 
ATOM   1014 C  CG   . ARG A 1 132 ? -3.668  8.556   -1.301  1.00 9.68  ? 256 ARG A CG   1 
ATOM   1015 C  CD   . ARG A 1 132 ? -3.038  9.941   -1.339  1.00 8.08  ? 256 ARG A CD   1 
ATOM   1016 N  NE   . ARG A 1 132 ? -4.044  11.001  -1.377  1.00 8.32  ? 256 ARG A NE   1 
ATOM   1017 C  CZ   . ARG A 1 132 ? -4.275  11.852  -0.380  1.00 8.12  ? 256 ARG A CZ   1 
ATOM   1018 N  NH1  . ARG A 1 132 ? -3.577  11.771  0.745   1.00 9.89  ? 256 ARG A NH1  1 
ATOM   1019 N  NH2  . ARG A 1 132 ? -5.205  12.793  -0.510  1.00 9.99  ? 256 ARG A NH2  1 
ATOM   1020 N  N    . TYR A 1 133 ? -5.532  5.389   1.618   1.00 7.39  ? 257 TYR A N    1 
ATOM   1021 C  CA   . TYR A 1 133 ? -5.587  4.813   2.960   1.00 7.56  ? 257 TYR A CA   1 
ATOM   1022 C  C    . TYR A 1 133 ? -4.168  4.548   3.415   1.00 8.57  ? 257 TYR A C    1 
ATOM   1023 O  O    . TYR A 1 133 ? -3.320  4.154   2.616   1.00 8.84  ? 257 TYR A O    1 
ATOM   1024 C  CB   . TYR A 1 133 ? -6.344  3.484   2.957   1.00 8.65  ? 257 TYR A CB   1 
ATOM   1025 C  CG   . TYR A 1 133 ? -7.843  3.614   2.859   1.00 7.27  ? 257 TYR A CG   1 
ATOM   1026 C  CD1  . TYR A 1 133 ? -8.626  3.675   4.005   1.00 8.45  ? 257 TYR A CD1  1 
ATOM   1027 C  CD2  . TYR A 1 133 ? -8.476  3.667   1.623   1.00 8.11  ? 257 TYR A CD2  1 
ATOM   1028 C  CE1  . TYR A 1 133 ? -9.996  3.784   3.926   1.00 8.86  ? 257 TYR A CE1  1 
ATOM   1029 C  CE2  . TYR A 1 133 ? -9.850  3.779   1.532   1.00 9.00  ? 257 TYR A CE2  1 
ATOM   1030 C  CZ   . TYR A 1 133 ? -10.604 3.837   2.686   1.00 9.87  ? 257 TYR A CZ   1 
ATOM   1031 O  OH   . TYR A 1 133 ? -11.970 3.968   2.599   1.00 12.07 ? 257 TYR A OH   1 
ATOM   1032 N  N    . ILE A 1 134 ? -3.906  4.750   4.699   1.00 7.45  ? 258 ILE A N    1 
ATOM   1033 C  CA   . ILE A 1 134 ? -2.626  4.337   5.244   1.00 8.65  ? 258 ILE A CA   1 
ATOM   1034 C  C    . ILE A 1 134 ? -2.843  3.481   6.481   1.00 9.39  ? 258 ILE A C    1 
ATOM   1035 O  O    . ILE A 1 134 ? -3.651  3.810   7.352   1.00 9.63  ? 258 ILE A O    1 
ATOM   1036 C  CB   . ILE A 1 134 ? -1.729  5.563   5.564   1.00 8.78  ? 258 ILE A CB   1 
ATOM   1037 C  CG1  . ILE A 1 134 ? -0.335  5.096   5.988   1.00 9.01  ? 258 ILE A CG1  1 
ATOM   1038 C  CG2  . ILE A 1 134 ? -2.369  6.430   6.646   1.00 9.07  ? 258 ILE A CG2  1 
ATOM   1039 C  CD1  . ILE A 1 134 ? 0.709   6.199   5.916   1.00 9.62  ? 258 ILE A CD1  1 
ATOM   1040 N  N    . ILE A 1 135 ? -2.140  2.353   6.521   1.00 9.27  ? 259 ILE A N    1 
ATOM   1041 C  CA   . ILE A 1 135 ? -2.207  1.428   7.638   1.00 9.80  ? 259 ILE A CA   1 
ATOM   1042 C  C    . ILE A 1 135 ? -0.896  1.529   8.409   1.00 9.60  ? 259 ILE A C    1 
ATOM   1043 O  O    . ILE A 1 135 ? 0.161   1.148   7.905   1.00 9.73  ? 259 ILE A O    1 
ATOM   1044 C  CB   . ILE A 1 135 ? -2.402  -0.021  7.135   1.00 8.51  ? 259 ILE A CB   1 
ATOM   1045 C  CG1  . ILE A 1 135 ? -3.661  -0.103  6.266   1.00 10.25 ? 259 ILE A CG1  1 
ATOM   1046 C  CG2  . ILE A 1 135 ? -2.513  -0.978  8.318   1.00 10.76 ? 259 ILE A CG2  1 
ATOM   1047 C  CD1  . ILE A 1 135 ? -3.798  -1.407  5.499   1.00 9.78  ? 259 ILE A CD1  1 
ATOM   1048 N  N    . GLY A 1 136 ? -0.970  2.072   9.621   1.00 9.83  ? 260 GLY A N    1 
ATOM   1049 C  CA   . GLY A 1 136 ? 0.211   2.196   10.455  1.00 7.80  ? 260 GLY A CA   1 
ATOM   1050 C  C    . GLY A 1 136 ? 0.195   1.130   11.528  1.00 9.09  ? 260 GLY A C    1 
ATOM   1051 O  O    . GLY A 1 136 ? -0.785  0.991   12.255  1.00 9.41  ? 260 GLY A O    1 
ATOM   1052 N  N    . ILE A 1 137 ? 1.277   0.365   11.619  1.00 9.21  ? 261 ILE A N    1 
ATOM   1053 C  CA   . ILE A 1 137 ? 1.265   -0.830  12.446  1.00 9.76  ? 261 ILE A CA   1 
ATOM   1054 C  C    . ILE A 1 137 ? 2.366   -0.813  13.494  1.00 10.39 ? 261 ILE A C    1 
ATOM   1055 O  O    . ILE A 1 137 ? 3.528   -0.555  13.187  1.00 10.99 ? 261 ILE A O    1 
ATOM   1056 C  CB   . ILE A 1 137 ? 1.436   -2.095  11.586  1.00 11.09 ? 261 ILE A CB   1 
ATOM   1057 C  CG1  . ILE A 1 137 ? 0.387   -2.113  10.472  1.00 10.68 ? 261 ILE A CG1  1 
ATOM   1058 C  CG2  . ILE A 1 137 ? 1.293   -3.335  12.458  1.00 12.05 ? 261 ILE A CG2  1 
ATOM   1059 C  CD1  . ILE A 1 137 ? 0.522   -3.284  9.514   1.00 11.30 ? 261 ILE A CD1  1 
ATOM   1060 N  N    . GLY A 1 138 ? 1.988   -1.091  14.738  1.00 11.80 ? 262 GLY A N    1 
ATOM   1061 C  CA   . GLY A 1 138 ? 2.978   -1.418  15.745  1.00 11.86 ? 262 GLY A CA   1 
ATOM   1062 C  C    . GLY A 1 138 ? 3.274   -0.353  16.780  1.00 11.72 ? 262 GLY A C    1 
ATOM   1063 O  O    . GLY A 1 138 ? 2.500   0.582   16.986  1.00 12.98 ? 262 GLY A O    1 
ATOM   1064 N  N    . LYS A 1 139 ? 4.421   -0.509  17.431  1.00 13.00 ? 263 LYS A N    1 
ATOM   1065 C  CA   . LYS A 1 139 ? 4.755   0.244   18.635  1.00 12.74 ? 263 LYS A CA   1 
ATOM   1066 C  C    . LYS A 1 139 ? 4.893   1.748   18.415  1.00 13.02 ? 263 LYS A C    1 
ATOM   1067 O  O    . LYS A 1 139 ? 4.784   2.527   19.362  1.00 15.31 ? 263 LYS A O    1 
ATOM   1068 C  CB   . LYS A 1 139 ? 6.057   -0.295  19.231  1.00 13.45 ? 263 LYS A CB   1 
ATOM   1069 C  CG   . LYS A 1 139 ? 7.296   0.027   18.405  1.00 12.89 ? 263 LYS A CG   1 
ATOM   1070 C  CD   . LYS A 1 139 ? 8.539   -0.594  19.017  1.00 12.82 ? 263 LYS A CD   1 
ATOM   1071 C  CE   . LYS A 1 139 ? 9.800   -0.169  18.277  1.00 11.98 ? 263 LYS A CE   1 
ATOM   1072 N  NZ   . LYS A 1 139 ? 9.880   -0.731  16.898  1.00 13.97 ? 263 LYS A NZ   1 
ATOM   1073 N  N    . HIS A 1 140 ? 5.144   2.161   17.178  1.00 11.61 ? 264 HIS A N    1 
ATOM   1074 C  CA   . HIS A 1 140 ? 5.390   3.572   16.906  1.00 12.09 ? 264 HIS A CA   1 
ATOM   1075 C  C    . HIS A 1 140 ? 4.112   4.396   16.814  1.00 13.23 ? 264 HIS A C    1 
ATOM   1076 O  O    . HIS A 1 140 ? 4.169   5.620   16.701  1.00 15.72 ? 264 HIS A O    1 
ATOM   1077 C  CB   . HIS A 1 140 ? 6.191   3.733   15.614  1.00 11.80 ? 264 HIS A CB   1 
ATOM   1078 C  CG   . HIS A 1 140 ? 7.607   3.261   15.720  1.00 14.20 ? 264 HIS A CG   1 
ATOM   1079 N  ND1  . HIS A 1 140 ? 8.419   3.580   16.788  1.00 14.68 ? 264 HIS A ND1  1 
ATOM   1080 C  CD2  . HIS A 1 140 ? 8.356   2.495   14.892  1.00 14.46 ? 264 HIS A CD2  1 
ATOM   1081 C  CE1  . HIS A 1 140 ? 9.607   3.030   16.614  1.00 14.27 ? 264 HIS A CE1  1 
ATOM   1082 N  NE2  . HIS A 1 140 ? 9.596   2.366   15.470  1.00 14.26 ? 264 HIS A NE2  1 
ATOM   1083 N  N    . PHE A 1 141 ? 2.961   3.733   16.866  1.00 12.54 ? 265 PHE A N    1 
ATOM   1084 C  CA   . PHE A 1 141 ? 1.685   4.431   16.731  1.00 13.15 ? 265 PHE A CA   1 
ATOM   1085 C  C    . PHE A 1 141 ? 0.741   4.170   17.901  1.00 15.35 ? 265 PHE A C    1 
ATOM   1086 O  O    . PHE A 1 141 ? -0.466  4.030   17.716  1.00 15.32 ? 265 PHE A O    1 
ATOM   1087 C  CB   . PHE A 1 141 ? 1.014   4.030   15.416  1.00 13.19 ? 265 PHE A CB   1 
ATOM   1088 C  CG   . PHE A 1 141 ? 1.850   4.324   14.202  1.00 10.45 ? 265 PHE A CG   1 
ATOM   1089 C  CD1  . PHE A 1 141 ? 2.205   5.626   13.893  1.00 11.35 ? 265 PHE A CD1  1 
ATOM   1090 C  CD2  . PHE A 1 141 ? 2.292   3.297   13.378  1.00 9.07  ? 265 PHE A CD2  1 
ATOM   1091 C  CE1  . PHE A 1 141 ? 2.986   5.907   12.785  1.00 13.06 ? 265 PHE A CE1  1 
ATOM   1092 C  CE2  . PHE A 1 141 ? 3.073   3.570   12.269  1.00 11.61 ? 265 PHE A CE2  1 
ATOM   1093 C  CZ   . PHE A 1 141 ? 3.421   4.876   11.972  1.00 12.45 ? 265 PHE A CZ   1 
ATOM   1094 N  N    . GLN A 1 142 ? 1.293   4.112   19.108  1.00 17.77 ? 266 GLN A N    1 
ATOM   1095 C  CA   . GLN A 1 142 ? 0.490   3.809   20.287  1.00 20.55 ? 266 GLN A CA   1 
ATOM   1096 C  C    . GLN A 1 142 ? -0.217  5.038   20.865  1.00 22.26 ? 266 GLN A C    1 
ATOM   1097 O  O    . GLN A 1 142 ? -1.235  4.907   21.548  1.00 25.43 ? 266 GLN A O    1 
ATOM   1098 C  CB   . GLN A 1 142 ? 1.365   3.161   21.364  1.00 21.80 ? 266 GLN A CB   1 
ATOM   1099 C  CG   . GLN A 1 142 ? 1.927   1.806   20.967  1.00 27.43 ? 266 GLN A CG   1 
ATOM   1100 C  CD   . GLN A 1 142 ? 0.843   0.779   20.697  1.00 29.59 ? 266 GLN A CD   1 
ATOM   1101 O  OE1  . GLN A 1 142 ? -0.106  0.641   21.471  1.00 32.09 ? 266 GLN A OE1  1 
ATOM   1102 N  NE2  . GLN A 1 142 ? 0.979   0.049   19.593  1.00 30.31 ? 266 GLN A NE2  1 
ATOM   1103 N  N    . THR A 1 143 ? 0.315   6.225   20.592  1.00 21.75 ? 267 THR A N    1 
ATOM   1104 C  CA   . THR A 1 143 ? -0.282  7.456   21.104  1.00 21.51 ? 267 THR A CA   1 
ATOM   1105 C  C    . THR A 1 143 ? -1.014  8.216   20.003  1.00 21.61 ? 267 THR A C    1 
ATOM   1106 O  O    . THR A 1 143 ? -0.702  8.063   18.823  1.00 19.42 ? 267 THR A O    1 
ATOM   1107 C  CB   . THR A 1 143 ? 0.789   8.382   21.711  1.00 22.29 ? 267 THR A CB   1 
ATOM   1108 O  OG1  . THR A 1 143 ? 1.657   8.857   20.676  1.00 21.88 ? 267 THR A OG1  1 
ATOM   1109 C  CG2  . THR A 1 143 ? 1.614   7.630   22.746  1.00 23.09 ? 267 THR A CG2  1 
ATOM   1110 N  N    . LYS A 1 144 ? -1.988  9.036   20.388  1.00 21.46 ? 268 LYS A N    1 
ATOM   1111 C  CA   . LYS A 1 144 ? -2.730  9.831   19.416  1.00 20.85 ? 268 LYS A CA   1 
ATOM   1112 C  C    . LYS A 1 144 ? -1.772  10.760  18.682  1.00 20.59 ? 268 LYS A C    1 
ATOM   1113 O  O    . LYS A 1 144 ? -1.921  11.007  17.482  1.00 21.55 ? 268 LYS A O    1 
ATOM   1114 C  CB   . LYS A 1 144 ? -3.822  10.641  20.116  1.00 22.65 ? 268 LYS A CB   1 
ATOM   1115 N  N    . GLU A 1 145 ? -0.782  11.266  19.409  1.00 19.04 ? 269 GLU A N    1 
ATOM   1116 C  CA   . GLU A 1 145 ? 0.203   12.169  18.835  1.00 18.13 ? 269 GLU A CA   1 
ATOM   1117 C  C    . GLU A 1 145 ? 0.994   11.482  17.724  1.00 17.41 ? 269 GLU A C    1 
ATOM   1118 O  O    . GLU A 1 145 ? 1.161   12.038  16.640  1.00 17.48 ? 269 GLU A O    1 
ATOM   1119 C  CB   . GLU A 1 145 ? 1.150   12.668  19.926  1.00 19.76 ? 269 GLU A CB   1 
ATOM   1120 N  N    . SER A 1 146 ? 1.473   10.270  17.989  1.00 17.15 ? 270 SER A N    1 
ATOM   1121 C  CA   . SER A 1 146 ? 2.271   9.554   17.003  1.00 16.49 ? 270 SER A CA   1 
ATOM   1122 C  C    . SER A 1 146 ? 1.415   9.113   15.818  1.00 15.95 ? 270 SER A C    1 
ATOM   1123 O  O    . SER A 1 146 ? 1.883   9.088   14.680  1.00 16.21 ? 270 SER A O    1 
ATOM   1124 C  CB   . SER A 1 146 ? 2.956   8.339   17.639  1.00 15.76 ? 270 SER A CB   1 
ATOM   1125 O  OG   . SER A 1 146 ? 2.016   7.427   18.179  1.00 17.17 ? 270 SER A OG   1 
ATOM   1126 N  N    . GLN A 1 147 ? 0.157   8.778   16.083  1.00 15.21 ? 271 GLN A N    1 
ATOM   1127 C  CA   . GLN A 1 147 ? -0.758  8.383   15.018  1.00 15.01 ? 271 GLN A CA   1 
ATOM   1128 C  C    . GLN A 1 147 ? -1.017  9.536   14.050  1.00 16.06 ? 271 GLN A C    1 
ATOM   1129 O  O    . GLN A 1 147 ? -1.230  9.321   12.856  1.00 15.44 ? 271 GLN A O    1 
ATOM   1130 C  CB   . GLN A 1 147 ? -2.082  7.899   15.614  1.00 15.19 ? 271 GLN A CB   1 
ATOM   1131 C  CG   . GLN A 1 147 ? -1.947  6.620   16.424  1.00 15.23 ? 271 GLN A CG   1 
ATOM   1132 C  CD   . GLN A 1 147 ? -3.097  6.399   17.385  1.00 17.52 ? 271 GLN A CD   1 
ATOM   1133 O  OE1  . GLN A 1 147 ? -4.107  7.104   17.342  1.00 21.32 ? 271 GLN A OE1  1 
ATOM   1134 N  NE2  . GLN A 1 147 ? -2.951  5.415   18.260  1.00 19.20 ? 271 GLN A NE2  1 
ATOM   1135 N  N    . GLU A 1 148 ? -0.988  10.760  14.566  1.00 16.08 ? 272 GLU A N    1 
ATOM   1136 C  CA   . GLU A 1 148 ? -1.270  11.935  13.745  1.00 16.58 ? 272 GLU A CA   1 
ATOM   1137 C  C    . GLU A 1 148 ? -0.238  12.165  12.645  1.00 16.58 ? 272 GLU A C    1 
ATOM   1138 O  O    . GLU A 1 148 ? -0.530  12.822  11.646  1.00 15.81 ? 272 GLU A O    1 
ATOM   1139 C  CB   . GLU A 1 148 ? -1.364  13.183  14.626  1.00 20.66 ? 272 GLU A CB   1 
ATOM   1140 C  CG   . GLU A 1 148 ? -2.616  13.237  15.474  1.00 26.94 ? 272 GLU A CG   1 
ATOM   1141 C  CD   . GLU A 1 148 ? -2.693  14.494  16.318  1.00 31.40 ? 272 GLU A CD   1 
ATOM   1142 O  OE1  . GLU A 1 148 ? -3.769  14.759  16.893  1.00 34.74 ? 272 GLU A OE1  1 
ATOM   1143 O  OE2  . GLU A 1 148 ? -1.677  15.215  16.405  1.00 34.86 ? 272 GLU A OE2  1 
ATOM   1144 N  N    . THR A 1 149 ? 0.966   11.630  12.817  1.00 15.09 ? 273 THR A N    1 
ATOM   1145 C  CA   . THR A 1 149 ? 2.012   11.837  11.821  1.00 15.03 ? 273 THR A CA   1 
ATOM   1146 C  C    . THR A 1 149 ? 1.657   11.189  10.487  1.00 14.02 ? 273 THR A C    1 
ATOM   1147 O  O    . THR A 1 149 ? 2.253   11.508  9.460   1.00 16.30 ? 273 THR A O    1 
ATOM   1148 C  CB   . THR A 1 149 ? 3.372   11.268  12.284  1.00 14.56 ? 273 THR A CB   1 
ATOM   1149 O  OG1  . THR A 1 149 ? 3.265   9.853   12.479  1.00 15.93 ? 273 THR A OG1  1 
ATOM   1150 C  CG2  . THR A 1 149 ? 3.809   11.923  13.583  1.00 18.20 ? 273 THR A CG2  1 
ATOM   1151 N  N    . LEU A 1 150 ? 0.686   10.280  10.503  1.00 12.24 ? 274 LEU A N    1 
ATOM   1152 C  CA   . LEU A 1 150 ? 0.304   9.566   9.286   1.00 12.21 ? 274 LEU A CA   1 
ATOM   1153 C  C    . LEU A 1 150 ? -0.768  10.305  8.492   1.00 12.37 ? 274 LEU A C    1 
ATOM   1154 O  O    . LEU A 1 150 ? -0.964  10.038  7.308   1.00 12.72 ? 274 LEU A O    1 
ATOM   1155 C  CB   . LEU A 1 150 ? -0.202  8.162   9.628   1.00 13.24 ? 274 LEU A CB   1 
ATOM   1156 C  CG   . LEU A 1 150 ? 0.830   7.223   10.257  1.00 15.07 ? 274 LEU A CG   1 
ATOM   1157 C  CD1  . LEU A 1 150 ? 0.192   5.877   10.551  1.00 18.54 ? 274 LEU A CD1  1 
ATOM   1158 C  CD2  . LEU A 1 150 ? 2.014   7.066   9.313   1.00 17.52 ? 274 LEU A CD2  1 
ATOM   1159 N  N    . HIS A 1 151 ? -1.455  11.236  9.142   1.00 11.01 ? 275 HIS A N    1 
ATOM   1160 C  CA   . HIS A 1 151 ? -2.624  11.863  8.543   1.00 10.36 ? 275 HIS A CA   1 
ATOM   1161 C  C    . HIS A 1 151 ? -2.288  12.584  7.243   1.00 10.67 ? 275 HIS A C    1 
ATOM   1162 O  O    . HIS A 1 151 ? -3.099  12.617  6.321   1.00 12.16 ? 275 HIS A O    1 
ATOM   1163 C  CB   . HIS A 1 151 ? -3.258  12.846  9.531   1.00 11.77 ? 275 HIS A CB   1 
ATOM   1164 C  CG   . HIS A 1 151 ? -3.841  12.188  10.742  1.00 14.21 ? 275 HIS A CG   1 
ATOM   1165 N  ND1  . HIS A 1 151 ? -4.667  12.850  11.625  1.00 15.32 ? 275 HIS A ND1  1 
ATOM   1166 C  CD2  . HIS A 1 151 ? -3.728  10.923  11.209  1.00 14.68 ? 275 HIS A CD2  1 
ATOM   1167 C  CE1  . HIS A 1 151 ? -5.037  12.021  12.583  1.00 14.51 ? 275 HIS A CE1  1 
ATOM   1168 N  NE2  . HIS A 1 151 ? -4.483  10.845  12.355  1.00 15.63 ? 275 HIS A NE2  1 
ATOM   1169 N  N    . LYS A 1 152 ? -1.087  13.150  7.172   1.00 10.15 ? 276 LYS A N    1 
ATOM   1170 C  CA   . LYS A 1 152 ? -0.674  13.921  6.008   1.00 10.45 ? 276 LYS A CA   1 
ATOM   1171 C  C    . LYS A 1 152 ? -0.597  13.083  4.734   1.00 9.44  ? 276 LYS A C    1 
ATOM   1172 O  O    . LYS A 1 152 ? -0.567  13.626  3.634   1.00 10.57 ? 276 LYS A O    1 
ATOM   1173 C  CB   . LYS A 1 152 ? 0.684   14.578  6.269   1.00 11.60 ? 276 LYS A CB   1 
ATOM   1174 C  CG   . LYS A 1 152 ? 1.826   13.595  6.489   1.00 14.63 ? 276 LYS A CG   1 
ATOM   1175 C  CD   . LYS A 1 152 ? 3.163   14.317  6.603   1.00 17.12 ? 276 LYS A CD   1 
ATOM   1176 C  CE   . LYS A 1 152 ? 3.322   14.977  7.960   1.00 19.60 ? 276 LYS A CE   1 
ATOM   1177 N  NZ   . LYS A 1 152 ? 3.520   13.968  9.035   1.00 22.67 ? 276 LYS A NZ   1 
ATOM   1178 N  N    . PHE A 1 153 ? -0.567  11.761  4.881   1.00 9.94  ? 277 PHE A N    1 
ATOM   1179 C  CA   . PHE A 1 153 ? -0.430  10.880  3.724   1.00 9.48  ? 277 PHE A CA   1 
ATOM   1180 C  C    . PHE A 1 153 ? -1.773  10.378  3.207   1.00 9.67  ? 277 PHE A C    1 
ATOM   1181 O  O    . PHE A 1 153 ? -1.847  9.815   2.115   1.00 9.10  ? 277 PHE A O    1 
ATOM   1182 C  CB   . PHE A 1 153 ? 0.462   9.682   4.072   1.00 8.88  ? 277 PHE A CB   1 
ATOM   1183 C  CG   . PHE A 1 153 ? 1.866   10.062  4.446   1.00 9.75  ? 277 PHE A CG   1 
ATOM   1184 C  CD1  . PHE A 1 153 ? 2.647   10.816  3.582   1.00 11.73 ? 277 PHE A CD1  1 
ATOM   1185 C  CD2  . PHE A 1 153 ? 2.399   9.680   5.664   1.00 11.12 ? 277 PHE A CD2  1 
ATOM   1186 C  CE1  . PHE A 1 153 ? 3.935   11.182  3.929   1.00 11.14 ? 277 PHE A CE1  1 
ATOM   1187 C  CE2  . PHE A 1 153 ? 3.687   10.043  6.018   1.00 12.28 ? 277 PHE A CE2  1 
ATOM   1188 C  CZ   . PHE A 1 153 ? 4.456   10.795  5.150   1.00 11.34 ? 277 PHE A CZ   1 
ATOM   1189 N  N    . ALA A 1 154 ? -2.827  10.586  3.990   1.00 9.19  ? 278 ALA A N    1 
ATOM   1190 C  CA   . ALA A 1 154 ? -4.105  9.928   3.738   1.00 9.23  ? 278 ALA A CA   1 
ATOM   1191 C  C    . ALA A 1 154 ? -5.203  10.905  3.336   1.00 9.69  ? 278 ALA A C    1 
ATOM   1192 O  O    . ALA A 1 154 ? -5.111  12.112  3.585   1.00 9.56  ? 278 ALA A O    1 
ATOM   1193 C  CB   . ALA A 1 154 ? -4.532  9.149   4.974   1.00 10.52 ? 278 ALA A CB   1 
ATOM   1194 N  N    . SER A 1 155 ? -6.245  10.371  2.707   1.00 8.89  ? 279 SER A N    1 
ATOM   1195 C  CA   . SER A 1 155 ? -7.425  11.159  2.373   1.00 8.85  ? 279 SER A CA   1 
ATOM   1196 C  C    . SER A 1 155 ? -8.124  11.619  3.650   1.00 9.16  ? 279 SER A C    1 
ATOM   1197 O  O    . SER A 1 155 ? -7.793  11.172  4.750   1.00 8.72  ? 279 SER A O    1 
ATOM   1198 C  CB   . SER A 1 155 ? -8.386  10.326  1.516   1.00 8.77  ? 279 SER A CB   1 
ATOM   1199 O  OG   . SER A 1 155 ? -7.830  10.072  0.231   1.00 9.10  ? 279 SER A OG   1 
ATOM   1200 N  N    . LYS A 1 156 ? -9.087  12.523  3.503   1.00 8.87  ? 280 LYS A N    1 
ATOM   1201 C  CA   . LYS A 1 156 ? -9.776  13.096  4.657   1.00 9.97  ? 280 LYS A CA   1 
ATOM   1202 C  C    . LYS A 1 156 ? -11.180 12.506  4.766   1.00 9.64  ? 280 LYS A C    1 
ATOM   1203 O  O    . LYS A 1 156 ? -11.864 12.334  3.760   1.00 11.05 ? 280 LYS A O    1 
ATOM   1204 C  CB   . LYS A 1 156 ? -9.875  14.618  4.511   1.00 13.11 ? 280 LYS A CB   1 
ATOM   1205 C  CG   . LYS A 1 156 ? -8.581  15.299  4.080   1.00 14.07 ? 280 LYS A CG   1 
ATOM   1206 C  CD   . LYS A 1 156 ? -7.394  14.849  4.913   1.00 19.77 ? 280 LYS A CD   1 
ATOM   1207 C  CE   . LYS A 1 156 ? -7.499  15.339  6.344   1.00 21.36 ? 280 LYS A CE   1 
ATOM   1208 N  NZ   . LYS A 1 156 ? -6.260  15.048  7.123   1.00 22.50 ? 280 LYS A NZ   1 
ATOM   1209 N  N    . PRO A 1 157 ? -11.640 12.207  5.991   1.00 10.20 ? 281 PRO A N    1 
ATOM   1210 C  CA   . PRO A 1 157 ? -10.982 12.399  7.288   1.00 10.78 ? 281 PRO A CA   1 
ATOM   1211 C  C    . PRO A 1 157 ? -10.090 11.229  7.690   1.00 11.13 ? 281 PRO A C    1 
ATOM   1212 O  O    . PRO A 1 157 ? -10.282 10.102  7.237   1.00 10.34 ? 281 PRO A O    1 
ATOM   1213 C  CB   . PRO A 1 157 ? -12.152 12.553  8.247   1.00 11.87 ? 281 PRO A CB   1 
ATOM   1214 C  CG   . PRO A 1 157 ? -13.171 11.625  7.676   1.00 11.00 ? 281 PRO A CG   1 
ATOM   1215 C  CD   . PRO A 1 157 ? -12.993 11.647  6.164   1.00 10.01 ? 281 PRO A CD   1 
ATOM   1216 N  N    . ALA A 1 158 ? -9.131  11.503  8.564   1.00 11.52 ? 282 ALA A N    1 
ATOM   1217 C  CA   . ALA A 1 158 ? -8.249  10.462  9.079   1.00 11.92 ? 282 ALA A CA   1 
ATOM   1218 C  C    . ALA A 1 158 ? -9.036  9.351   9.769   1.00 12.56 ? 282 ALA A C    1 
ATOM   1219 O  O    . ALA A 1 158 ? -8.612  8.195   9.783   1.00 11.91 ? 282 ALA A O    1 
ATOM   1220 C  CB   . ALA A 1 158 ? -7.246  11.067  10.047  1.00 13.08 ? 282 ALA A CB   1 
ATOM   1221 N  N    . SER A 1 159 ? -10.186 9.692   10.339  1.00 12.21 ? 283 SER A N    1 
ATOM   1222 C  CA   . SER A 1 159 ? -10.980 8.702   11.054  1.00 13.17 ? 283 SER A CA   1 
ATOM   1223 C  C    . SER A 1 159 ? -11.406 7.550   10.144  1.00 12.00 ? 283 SER A C    1 
ATOM   1224 O  O    . SER A 1 159 ? -11.656 6.441   10.614  1.00 15.42 ? 283 SER A O    1 
ATOM   1225 C  CB   . SER A 1 159 ? -12.218 9.359   11.672  1.00 13.51 ? 283 SER A CB   1 
ATOM   1226 O  OG   . SER A 1 159 ? -12.991 10.007  10.683  1.00 16.64 ? 283 SER A OG   1 
ATOM   1227 N  N    . GLU A 1 160 ? -11.486 7.815   8.843   1.00 12.04 ? 284 GLU A N    1 
ATOM   1228 C  CA   . GLU A 1 160 ? -11.805 6.771   7.873   1.00 11.13 ? 284 GLU A CA   1 
ATOM   1229 C  C    . GLU A 1 160 ? -10.550 6.202   7.222   1.00 10.32 ? 284 GLU A C    1 
ATOM   1230 O  O    . GLU A 1 160 ? -10.426 4.992   7.054   1.00 11.58 ? 284 GLU A O    1 
ATOM   1231 C  CB   . GLU A 1 160 ? -12.726 7.314   6.775   1.00 13.10 ? 284 GLU A CB   1 
ATOM   1232 C  CG   . GLU A 1 160 ? -12.793 6.437   5.524   1.00 13.18 ? 284 GLU A CG   1 
ATOM   1233 C  CD   . GLU A 1 160 ? -13.409 5.074   5.782   1.00 15.12 ? 284 GLU A CD   1 
ATOM   1234 O  OE1  . GLU A 1 160 ? -13.982 4.871   6.874   1.00 16.76 ? 284 GLU A OE1  1 
ATOM   1235 O  OE2  . GLU A 1 160 ? -13.323 4.202   4.887   1.00 13.97 ? 284 GLU A OE2  1 
ATOM   1236 N  N    . PHE A 1 161 ? -9.623  7.079   6.856   1.00 8.94  ? 285 PHE A N    1 
ATOM   1237 C  CA   . PHE A 1 161 ? -8.558  6.696   5.940   1.00 9.10  ? 285 PHE A CA   1 
ATOM   1238 C  C    . PHE A 1 161 ? -7.231  6.324   6.593   1.00 10.06 ? 285 PHE A C    1 
ATOM   1239 O  O    . PHE A 1 161 ? -6.315  5.854   5.917   1.00 10.45 ? 285 PHE A O    1 
ATOM   1240 C  CB   . PHE A 1 161 ? -8.354  7.805   4.907   1.00 9.77  ? 285 PHE A CB   1 
ATOM   1241 C  CG   . PHE A 1 161 ? -9.510  7.950   3.956   1.00 8.29  ? 285 PHE A CG   1 
ATOM   1242 C  CD1  . PHE A 1 161 ? -9.677  7.047   2.918   1.00 8.44  ? 285 PHE A CD1  1 
ATOM   1243 C  CD2  . PHE A 1 161 ? -10.448 8.959   4.119   1.00 8.51  ? 285 PHE A CD2  1 
ATOM   1244 C  CE1  . PHE A 1 161 ? -10.759 7.145   2.060   1.00 10.46 ? 285 PHE A CE1  1 
ATOM   1245 C  CE2  . PHE A 1 161 ? -11.532 9.062   3.264   1.00 10.19 ? 285 PHE A CE2  1 
ATOM   1246 C  CZ   . PHE A 1 161 ? -11.689 8.154   2.234   1.00 10.21 ? 285 PHE A CZ   1 
ATOM   1247 N  N    . VAL A 1 162 ? -7.125  6.535   7.902   1.00 9.15  ? 286 VAL A N    1 
ATOM   1248 C  CA   . VAL A 1 162 ? -5.958  6.082   8.653   1.00 10.44 ? 286 VAL A CA   1 
ATOM   1249 C  C    . VAL A 1 162 ? -6.347  4.912   9.551   1.00 10.23 ? 286 VAL A C    1 
ATOM   1250 O  O    . VAL A 1 162 ? -7.197  5.048   10.435  1.00 11.81 ? 286 VAL A O    1 
ATOM   1251 C  CB   . VAL A 1 162 ? -5.381  7.218   9.534   1.00 9.73  ? 286 VAL A CB   1 
ATOM   1252 C  CG1  . VAL A 1 162 ? -4.207  6.698   10.354  1.00 10.49 ? 286 VAL A CG1  1 
ATOM   1253 C  CG2  . VAL A 1 162 ? -4.951  8.394   8.664   1.00 12.12 ? 286 VAL A CG2  1 
ATOM   1254 N  N    . LYS A 1 163 ? -5.739  3.755   9.313   1.00 9.29  ? 287 LYS A N    1 
ATOM   1255 C  CA   . LYS A 1 163 ? -5.981  2.587   10.157  1.00 10.09 ? 287 LYS A CA   1 
ATOM   1256 C  C    . LYS A 1 163 ? -4.761  2.362   11.034  1.00 10.73 ? 287 LYS A C    1 
ATOM   1257 O  O    . LYS A 1 163 ? -3.636  2.334   10.540  1.00 11.95 ? 287 LYS A O    1 
ATOM   1258 C  CB   . LYS A 1 163 ? -6.211  1.335   9.303   1.00 11.62 ? 287 LYS A CB   1 
ATOM   1259 C  CG   . LYS A 1 163 ? -7.185  1.510   8.151   1.00 12.48 ? 287 LYS A CG   1 
ATOM   1260 C  CD   . LYS A 1 163 ? -8.583  1.839   8.643   1.00 13.77 ? 287 LYS A CD   1 
ATOM   1261 C  CE   . LYS A 1 163 ? -9.581  1.786   7.499   1.00 14.53 ? 287 LYS A CE   1 
ATOM   1262 N  NZ   . LYS A 1 163 ? -10.955 2.153   7.945   1.00 14.39 ? 287 LYS A NZ   1 
ATOM   1263 N  N    . ILE A 1 164 ? -4.988  2.208   12.336  1.00 10.58 ? 288 ILE A N    1 
ATOM   1264 C  CA   . ILE A 1 164 ? -3.907  1.934   13.277  1.00 11.25 ? 288 ILE A CA   1 
ATOM   1265 C  C    . ILE A 1 164 ? -4.074  0.526   13.842  1.00 12.33 ? 288 ILE A C    1 
ATOM   1266 O  O    . ILE A 1 164 ? -5.128  0.193   14.389  1.00 13.40 ? 288 ILE A O    1 
ATOM   1267 C  CB   . ILE A 1 164 ? -3.920  2.940   14.447  1.00 12.49 ? 288 ILE A CB   1 
ATOM   1268 C  CG1  . ILE A 1 164 ? -3.883  4.373   13.910  1.00 12.68 ? 288 ILE A CG1  1 
ATOM   1269 C  CG2  . ILE A 1 164 ? -2.725  2.696   15.357  1.00 14.54 ? 288 ILE A CG2  1 
ATOM   1270 C  CD1  . ILE A 1 164 ? -2.605  4.730   13.195  1.00 12.60 ? 288 ILE A CD1  1 
ATOM   1271 N  N    . LEU A 1 165 ? -3.038  -0.297  13.702  1.00 11.84 ? 289 LEU A N    1 
ATOM   1272 C  CA   . LEU A 1 165 ? -3.073  -1.680  14.180  1.00 12.08 ? 289 LEU A CA   1 
ATOM   1273 C  C    . LEU A 1 165 ? -1.957  -1.908  15.194  1.00 12.59 ? 289 LEU A C    1 
ATOM   1274 O  O    . LEU A 1 165 ? -0.836  -1.437  15.008  1.00 12.80 ? 289 LEU A O    1 
ATOM   1275 C  CB   . LEU A 1 165 ? -2.895  -2.657  13.013  1.00 13.97 ? 289 LEU A CB   1 
ATOM   1276 C  CG   . LEU A 1 165 ? -3.883  -2.566  11.847  1.00 14.25 ? 289 LEU A CG   1 
ATOM   1277 C  CD1  . LEU A 1 165 ? -3.582  -3.668  10.831  1.00 13.74 ? 289 LEU A CD1  1 
ATOM   1278 C  CD2  . LEU A 1 165 ? -5.304  -2.686  12.370  1.00 17.58 ? 289 LEU A CD2  1 
ATOM   1279 N  N    . ASP A 1 166 ? -2.262  -2.643  16.258  1.00 14.08 ? 290 ASP A N    1 
ATOM   1280 C  CA   . ASP A 1 166 ? -1.297  -2.883  17.325  1.00 14.01 ? 290 ASP A CA   1 
ATOM   1281 C  C    . ASP A 1 166 ? -0.144  -3.782  16.885  1.00 15.08 ? 290 ASP A C    1 
ATOM   1282 O  O    . ASP A 1 166 ? 1.001   -3.577  17.297  1.00 15.65 ? 290 ASP A O    1 
ATOM   1283 C  CB   . ASP A 1 166 ? -2.003  -3.501  18.533  1.00 15.96 ? 290 ASP A CB   1 
ATOM   1284 N  N    . THR A 1 167 ? -0.449  -4.781  16.060  1.00 14.73 ? 291 THR A N    1 
ATOM   1285 C  CA   . THR A 1 167 ? 0.556   -5.726  15.579  1.00 15.15 ? 291 THR A CA   1 
ATOM   1286 C  C    . THR A 1 167 ? 0.268   -6.108  14.134  1.00 14.76 ? 291 THR A C    1 
ATOM   1287 O  O    . THR A 1 167 ? -0.833  -5.885  13.635  1.00 15.32 ? 291 THR A O    1 
ATOM   1288 C  CB   . THR A 1 167 ? 0.554   -7.027  16.404  1.00 16.93 ? 291 THR A CB   1 
ATOM   1289 O  OG1  . THR A 1 167 ? -0.672  -7.732  16.175  1.00 19.29 ? 291 THR A OG1  1 
ATOM   1290 C  CG2  . THR A 1 167 ? 0.696   -6.720  17.887  1.00 17.94 ? 291 THR A CG2  1 
ATOM   1291 N  N    . PHE A 1 168 ? 1.256   -6.696  13.469  1.00 14.34 ? 292 PHE A N    1 
ATOM   1292 C  CA   . PHE A 1 168 ? 1.065   -7.149  12.097  1.00 13.45 ? 292 PHE A CA   1 
ATOM   1293 C  C    . PHE A 1 168 ? 0.104   -8.334  12.013  1.00 14.15 ? 292 PHE A C    1 
ATOM   1294 O  O    . PHE A 1 168 ? -0.428  -8.639  10.945  1.00 13.85 ? 292 PHE A O    1 
ATOM   1295 C  CB   . PHE A 1 168 ? 2.415   -7.506  11.464  1.00 14.52 ? 292 PHE A CB   1 
ATOM   1296 C  CG   . PHE A 1 168 ? 3.172   -6.311  10.941  1.00 14.30 ? 292 PHE A CG   1 
ATOM   1297 C  CD1  . PHE A 1 168 ? 3.861   -5.475  11.804  1.00 16.96 ? 292 PHE A CD1  1 
ATOM   1298 C  CD2  . PHE A 1 168 ? 3.183   -6.024  9.584   1.00 14.72 ? 292 PHE A CD2  1 
ATOM   1299 C  CE1  . PHE A 1 168 ? 4.549   -4.370  11.323  1.00 14.68 ? 292 PHE A CE1  1 
ATOM   1300 C  CE2  . PHE A 1 168 ? 3.869   -4.923  9.096   1.00 14.54 ? 292 PHE A CE2  1 
ATOM   1301 C  CZ   . PHE A 1 168 ? 4.554   -4.094  9.968   1.00 16.06 ? 292 PHE A CZ   1 
ATOM   1302 N  N    . GLU A 1 169 ? -0.123  -8.995  13.146  1.00 15.67 ? 293 GLU A N    1 
ATOM   1303 C  CA   . GLU A 1 169 ? -1.101  -10.075 13.222  1.00 15.92 ? 293 GLU A CA   1 
ATOM   1304 C  C    . GLU A 1 169 ? -2.513  -9.548  12.980  1.00 15.51 ? 293 GLU A C    1 
ATOM   1305 O  O    . GLU A 1 169 ? -3.398  -10.286 12.541  1.00 15.88 ? 293 GLU A O    1 
ATOM   1306 C  CB   . GLU A 1 169 ? -1.027  -10.750 14.587  1.00 16.96 ? 293 GLU A CB   1 
ATOM   1307 N  N    . LYS A 1 170 ? -2.722  -8.266  13.264  1.00 15.51 ? 294 LYS A N    1 
ATOM   1308 C  CA   . LYS A 1 170 ? -4.045  -7.674  13.130  1.00 15.14 ? 294 LYS A CA   1 
ATOM   1309 C  C    . LYS A 1 170 ? -4.412  -7.382  11.675  1.00 14.12 ? 294 LYS A C    1 
ATOM   1310 O  O    . LYS A 1 170 ? -5.549  -7.022  11.379  1.00 14.82 ? 294 LYS A O    1 
ATOM   1311 C  CB   . LYS A 1 170 ? -4.134  -6.387  13.955  1.00 15.96 ? 294 LYS A CB   1 
ATOM   1312 C  CG   . LYS A 1 170 ? -3.933  -6.598  15.446  1.00 20.54 ? 294 LYS A CG   1 
ATOM   1313 C  CD   . LYS A 1 170 ? -4.825  -5.678  16.264  1.00 26.02 ? 294 LYS A CD   1 
ATOM   1314 C  CE   . LYS A 1 170 ? -4.689  -4.232  15.818  1.00 27.18 ? 294 LYS A CE   1 
ATOM   1315 N  NZ   . LYS A 1 170 ? -5.258  -3.282  16.809  1.00 26.10 ? 294 LYS A NZ   1 
ATOM   1316 N  N    . LEU A 1 171 ? -3.456  -7.541  10.765  1.00 13.99 ? 295 LEU A N    1 
ATOM   1317 C  CA   . LEU A 1 171 ? -3.765  -7.383  9.349   1.00 13.81 ? 295 LEU A CA   1 
ATOM   1318 C  C    . LEU A 1 171 ? -4.823  -8.399  8.916   1.00 15.79 ? 295 LEU A C    1 
ATOM   1319 O  O    . LEU A 1 171 ? -5.656  -8.112  8.057   1.00 14.62 ? 295 LEU A O    1 
ATOM   1320 C  CB   . LEU A 1 171 ? -2.499  -7.552  8.502   1.00 13.39 ? 295 LEU A CB   1 
ATOM   1321 C  CG   . LEU A 1 171 ? -1.592  -6.324  8.383   1.00 12.61 ? 295 LEU A CG   1 
ATOM   1322 C  CD1  . LEU A 1 171 ? -0.300  -6.716  7.684   1.00 13.11 ? 295 LEU A CD1  1 
ATOM   1323 C  CD2  . LEU A 1 171 ? -2.304  -5.217  7.610   1.00 12.44 ? 295 LEU A CD2  1 
ATOM   1324 N  N    . LYS A 1 172 ? -4.792  -9.582  9.522   1.00 17.46 ? 296 LYS A N    1 
ATOM   1325 C  CA   . LYS A 1 172 ? -5.788  -10.605 9.226   1.00 19.22 ? 296 LYS A CA   1 
ATOM   1326 C  C    . LYS A 1 172 ? -7.167  -10.115 9.649   1.00 18.51 ? 296 LYS A C    1 
ATOM   1327 O  O    . LYS A 1 172 ? -8.150  -10.298 8.931   1.00 18.91 ? 296 LYS A O    1 
ATOM   1328 C  CB   . LYS A 1 172 ? -5.460  -11.906 9.967   1.00 22.23 ? 296 LYS A CB   1 
ATOM   1329 C  CG   . LYS A 1 172 ? -4.162  -12.565 9.531   1.00 26.55 ? 296 LYS A CG   1 
ATOM   1330 C  CD   . LYS A 1 172 ? -3.878  -13.816 10.351  1.00 30.74 ? 296 LYS A CD   1 
ATOM   1331 C  CE   . LYS A 1 172 ? -2.515  -14.403 10.018  1.00 32.34 ? 296 LYS A CE   1 
ATOM   1332 N  NZ   . LYS A 1 172 ? -1.403  -13.476 10.386  1.00 34.23 ? 296 LYS A NZ   1 
ATOM   1333 N  N    . ASP A 1 173 ? -7.231  -9.487  10.818  1.00 17.15 ? 297 ASP A N    1 
ATOM   1334 C  CA   . ASP A 1 173 ? -8.484  -8.956  11.336  1.00 17.72 ? 297 ASP A CA   1 
ATOM   1335 C  C    . ASP A 1 173 ? -8.979  -7.788  10.493  1.00 16.94 ? 297 ASP A C    1 
ATOM   1336 O  O    . ASP A 1 173 ? -10.180 -7.634  10.279  1.00 16.89 ? 297 ASP A O    1 
ATOM   1337 C  CB   . ASP A 1 173 ? -8.304  -8.508  12.787  1.00 21.02 ? 297 ASP A CB   1 
ATOM   1338 C  CG   . ASP A 1 173 ? -7.955  -9.658  13.707  1.00 23.82 ? 297 ASP A CG   1 
ATOM   1339 O  OD1  . ASP A 1 173 ? -7.137  -9.459  14.628  1.00 28.48 ? 297 ASP A OD1  1 
ATOM   1340 O  OD2  . ASP A 1 173 ? -8.503  -10.764 13.505  1.00 27.33 ? 297 ASP A OD2  1 
ATOM   1341 N  N    . LEU A 1 174 ? -8.052  -6.966  10.013  1.00 15.58 ? 298 LEU A N    1 
ATOM   1342 C  CA   . LEU A 1 174 ? -8.426  -5.854  9.150   1.00 14.24 ? 298 LEU A CA   1 
ATOM   1343 C  C    . LEU A 1 174 ? -9.038  -6.378  7.858   1.00 14.78 ? 298 LEU A C    1 
ATOM   1344 O  O    . LEU A 1 174 ? -10.057 -5.869  7.397   1.00 15.06 ? 298 LEU A O    1 
ATOM   1345 C  CB   . LEU A 1 174 ? -7.209  -4.978  8.829   1.00 13.16 ? 298 LEU A CB   1 
ATOM   1346 C  CG   . LEU A 1 174 ? -7.483  -3.778  7.915   1.00 14.66 ? 298 LEU A CG   1 
ATOM   1347 C  CD1  . LEU A 1 174 ? -8.525  -2.868  8.558   1.00 14.98 ? 298 LEU A CD1  1 
ATOM   1348 C  CD2  . LEU A 1 174 ? -6.185  -3.018  7.665   1.00 14.03 ? 298 LEU A CD2  1 
ATOM   1349 N  N    . PHE A 1 175 ? -8.420  -7.402  7.279   1.00 14.11 ? 299 PHE A N    1 
ATOM   1350 C  CA   . PHE A 1 175 ? -8.950  -7.999  6.060   1.00 15.11 ? 299 PHE A CA   1 
ATOM   1351 C  C    . PHE A 1 175 ? -10.360 -8.533  6.278   1.00 15.10 ? 299 PHE A C    1 
ATOM   1352 O  O    . PHE A 1 175 ? -11.245 -8.338  5.447   1.00 14.51 ? 299 PHE A O    1 
ATOM   1353 C  CB   . PHE A 1 175 ? -8.053  -9.137  5.577   1.00 16.11 ? 299 PHE A CB   1 
ATOM   1354 C  CG   . PHE A 1 175 ? -8.632  -9.900  4.426   1.00 16.18 ? 299 PHE A CG   1 
ATOM   1355 C  CD1  . PHE A 1 175 ? -8.852  -9.275  3.209   1.00 16.11 ? 299 PHE A CD1  1 
ATOM   1356 C  CD2  . PHE A 1 175 ? -8.983  -11.234 4.565   1.00 16.91 ? 299 PHE A CD2  1 
ATOM   1357 C  CE1  . PHE A 1 175 ? -9.415  -9.964  2.152   1.00 16.10 ? 299 PHE A CE1  1 
ATOM   1358 C  CE2  . PHE A 1 175 ? -9.547  -11.929 3.510   1.00 16.99 ? 299 PHE A CE2  1 
ATOM   1359 C  CZ   . PHE A 1 175 ? -9.763  -11.292 2.303   1.00 16.95 ? 299 PHE A CZ   1 
ATOM   1360 N  N    . THR A 1 176 ? -10.563 -9.208  7.404   1.00 16.02 ? 300 THR A N    1 
ATOM   1361 C  CA   . THR A 1 176 ? -11.871 -9.758  7.734   1.00 17.32 ? 300 THR A CA   1 
ATOM   1362 C  C    . THR A 1 176 ? -12.932 -8.668  7.709   1.00 17.52 ? 300 THR A C    1 
ATOM   1363 O  O    . THR A 1 176 ? -14.034 -8.874  7.202   1.00 18.53 ? 300 THR A O    1 
ATOM   1364 C  CB   . THR A 1 176 ? -11.861 -10.420 9.128   1.00 18.35 ? 300 THR A CB   1 
ATOM   1365 O  OG1  . THR A 1 176 ? -11.023 -11.582 9.095   1.00 20.24 ? 300 THR A OG1  1 
ATOM   1366 C  CG2  . THR A 1 176 ? -13.274 -10.819 9.546   1.00 19.44 ? 300 THR A CG2  1 
ATOM   1367 N  N    . GLU A 1 177 ? -12.589 -7.503  8.250   1.00 16.56 ? 301 GLU A N    1 
ATOM   1368 C  CA   . GLU A 1 177 ? -13.509 -6.374  8.274   1.00 16.98 ? 301 GLU A CA   1 
ATOM   1369 C  C    . GLU A 1 177 ? -13.680 -5.764  6.885   1.00 17.33 ? 301 GLU A C    1 
ATOM   1370 O  O    . GLU A 1 177 ? -14.792 -5.426  6.485   1.00 19.40 ? 301 GLU A O    1 
ATOM   1371 C  CB   . GLU A 1 177 ? -13.010 -5.316  9.252   1.00 17.76 ? 301 GLU A CB   1 
ATOM   1372 N  N    . LEU A 1 178 ? -12.579 -5.626  6.151   1.00 17.56 ? 302 LEU A N    1 
ATOM   1373 C  CA   . LEU A 1 178 ? -12.620 -5.024  4.821   1.00 18.52 ? 302 LEU A CA   1 
ATOM   1374 C  C    . LEU A 1 178 ? -13.422 -5.870  3.837   1.00 21.04 ? 302 LEU A C    1 
ATOM   1375 O  O    . LEU A 1 178 ? -14.172 -5.339  3.019   1.00 19.50 ? 302 LEU A O    1 
ATOM   1376 C  CB   . LEU A 1 178 ? -11.201 -4.832  4.275   1.00 19.74 ? 302 LEU A CB   1 
ATOM   1377 C  CG   . LEU A 1 178 ? -10.303 -3.811  4.976   1.00 19.42 ? 302 LEU A CG   1 
ATOM   1378 C  CD1  . LEU A 1 178 ? -8.905  -3.873  4.376   1.00 19.83 ? 302 LEU A CD1  1 
ATOM   1379 C  CD2  . LEU A 1 178 ? -10.891 -2.417  4.829   1.00 22.47 ? 302 LEU A CD2  1 
ATOM   1380 N  N    . GLN A 1 179 ? -13.257 -7.186  3.917   1.00 23.19 ? 303 GLN A N    1 
ATOM   1381 C  CA   . GLN A 1 179 ? -13.879 -8.091  2.957   1.00 27.96 ? 303 GLN A CA   1 
ATOM   1382 C  C    . GLN A 1 179 ? -15.400 -7.992  3.003   1.00 29.49 ? 303 GLN A C    1 
ATOM   1383 O  O    . GLN A 1 179 ? -16.081 -8.260  2.011   1.00 29.95 ? 303 GLN A O    1 
ATOM   1384 C  CB   . GLN A 1 179 ? -13.432 -9.533  3.232   1.00 30.65 ? 303 GLN A CB   1 
ATOM   1385 C  CG   . GLN A 1 179 ? -14.551 -10.558 3.200   1.00 35.20 ? 303 GLN A CG   1 
ATOM   1386 C  CD   . GLN A 1 179 ? -15.255 -10.691 4.537   1.00 36.79 ? 303 GLN A CD   1 
ATOM   1387 O  OE1  . GLN A 1 179 ? -16.467 -10.505 4.635   1.00 39.32 ? 303 GLN A OE1  1 
ATOM   1388 N  NE2  . GLN A 1 179 ? -14.495 -11.018 5.575   1.00 38.73 ? 303 GLN A NE2  1 
ATOM   1389 N  N    . LYS A 1 180 ? -15.929 -7.597  4.157   1.00 29.60 ? 304 LYS A N    1 
ATOM   1390 C  CA   . LYS A 1 180 ? -17.367 -7.427  4.319   1.00 31.98 ? 304 LYS A CA   1 
ATOM   1391 C  C    . LYS A 1 180 ? -17.881 -6.272  3.465   1.00 32.94 ? 304 LYS A C    1 
ATOM   1392 O  O    . LYS A 1 180 ? -19.057 -6.233  3.101   1.00 33.78 ? 304 LYS A O    1 
ATOM   1393 C  CB   . LYS A 1 180 ? -17.704 -7.164  5.790   1.00 31.56 ? 304 LYS A CB   1 
ATOM   1394 C  CG   . LYS A 1 180 ? -17.340 -8.303  6.725   1.00 32.74 ? 304 LYS A CG   1 
ATOM   1395 C  CD   . LYS A 1 180 ? -17.656 -7.951  8.169   1.00 32.87 ? 304 LYS A CD   1 
ATOM   1396 C  CE   . LYS A 1 180 ? -17.294 -9.091  9.108   1.00 33.60 ? 304 LYS A CE   1 
ATOM   1397 N  NZ   . LYS A 1 180 ? -17.477 -8.708  10.535  1.00 33.91 ? 304 LYS A NZ   1 
ATOM   1398 N  N    . LYS A 1 181 ? -16.994 -5.335  3.146   1.00 33.54 ? 305 LYS A N    1 
ATOM   1399 C  CA   . LYS A 1 181 ? -17.382 -4.124  2.433   1.00 34.39 ? 305 LYS A CA   1 
ATOM   1400 C  C    . LYS A 1 181 ? -17.451 -4.335  0.924   1.00 34.80 ? 305 LYS A C    1 
ATOM   1401 O  O    . LYS A 1 181 ? -17.714 -3.399  0.169   1.00 34.99 ? 305 LYS A O    1 
ATOM   1402 C  CB   . LYS A 1 181 ? -16.406 -2.990  2.761   1.00 34.68 ? 305 LYS A CB   1 
ATOM   1403 C  CG   . LYS A 1 181 ? -16.367 -2.642  4.238   1.00 36.58 ? 305 LYS A CG   1 
ATOM   1404 C  CD   . LYS A 1 181 ? -15.502 -1.426  4.523   1.00 37.79 ? 305 LYS A CD   1 
ATOM   1405 C  CE   . LYS A 1 181 ? -15.540 -1.083  6.005   1.00 38.62 ? 305 LYS A CE   1 
ATOM   1406 N  NZ   . LYS A 1 181 ? -14.696 0.092   6.348   1.00 40.31 ? 305 LYS A NZ   1 
ATOM   1407 N  N    . ILE A 1 182 ? -17.216 -5.567  0.487   1.00 35.02 ? 306 ILE A N    1 
ATOM   1408 C  CA   . ILE A 1 182 ? -17.353 -5.914  -0.922  1.00 36.20 ? 306 ILE A CA   1 
ATOM   1409 C  C    . ILE A 1 182 ? -18.785 -6.355  -1.212  1.00 36.71 ? 306 ILE A C    1 
ATOM   1410 O  O    . ILE A 1 182 ? -18.991 -7.543  -1.541  1.00 38.16 ? 306 ILE A O    1 
ATOM   1411 C  CB   . ILE A 1 182 ? -16.373 -7.042  -1.312  1.00 36.31 ? 306 ILE A CB   1 
ATOM   1412 C  CG1  . ILE A 1 182 ? -14.939 -6.605  -1.012  1.00 36.33 ? 306 ILE A CG1  1 
ATOM   1413 C  CG2  . ILE A 1 182 ? -16.490 -7.353  -2.797  1.00 36.99 ? 306 ILE A CG2  1 
ATOM   1414 C  CD1  . ILE A 1 182 ? -14.510 -5.380  -1.791  1.00 36.15 ? 306 ILE A CD1  1 
HETATM 1415 C  C2   . 2IC B 2 .   ? -7.648  -1.816  1.605   1.00 9.98  ? 1   2IC A C2   1 
HETATM 1416 C  C3   . 2IC B 2 .   ? -7.055  -1.345  2.781   1.00 11.14 ? 1   2IC A C3   1 
HETATM 1417 C  C8   . 2IC B 2 .   ? -9.436  -0.172  1.751   1.00 10.57 ? 1   2IC A C8   1 
HETATM 1418 C  C9   . 2IC B 2 .   ? -8.828  -1.266  1.079   1.00 10.47 ? 1   2IC A C9   1 
HETATM 1419 C  C12  . 2IC B 2 .   ? -11.694 0.656   2.020   1.00 10.02 ? 1   2IC A C12  1 
HETATM 1420 C  C14  . 2IC B 2 .   ? -12.290 1.024   -0.194  1.00 12.18 ? 1   2IC A C14  1 
HETATM 1421 C  C15  . 2IC B 2 .   ? -12.468 2.279   -1.059  1.00 15.45 ? 1   2IC A C15  1 
HETATM 1422 N  N18  . 2IC B 2 .   ? -13.313 1.877   -2.212  1.00 18.80 ? 1   2IC A N18  1 
HETATM 1423 C  C19  . 2IC B 2 .   ? -13.159 0.442   -2.375  1.00 16.07 ? 1   2IC A C19  1 
HETATM 1424 C  C22  . 2IC B 2 .   ? -13.043 -0.063  -0.957  1.00 13.92 ? 1   2IC A C22  1 
HETATM 1425 C  C24  . 2IC B 2 .   ? -12.577 -1.477  -0.745  1.00 12.45 ? 1   2IC A C24  1 
HETATM 1426 C  C27  . 2IC B 2 .   ? -12.686 -3.484  0.659   1.00 13.23 ? 1   2IC A C27  1 
HETATM 1427 C  C30  . 2IC B 2 .   ? -11.086 -3.372  -1.178  1.00 12.36 ? 1   2IC A C30  1 
HETATM 1428 C  C32  . 2IC B 2 .   ? -11.557 -2.094  -1.523  1.00 12.46 ? 1   2IC A C32  1 
HETATM 1429 C  C34  . 2IC B 2 .   ? -11.222 -5.385  0.210   1.00 14.10 ? 1   2IC A C34  1 
HETATM 1430 CL CL1  . 2IC B 2 .   ? -6.896  -3.145  0.795   1.00 12.33 ? 1   2IC A CL1  1 
HETATM 1431 C  C5   . 2IC B 2 .   ? -7.689  -0.287  3.436   1.00 11.00 ? 1   2IC A C5   1 
HETATM 1432 C  C6   . 2IC B 2 .   ? -8.850  0.312   2.935   1.00 10.99 ? 1   2IC A C6   1 
HETATM 1433 N  N11  . 2IC B 2 .   ? -10.584 0.385   1.277   1.00 10.61 ? 1   2IC A N11  1 
HETATM 1434 N  N13  . 2IC B 2 .   ? -12.661 1.099   1.209   1.00 13.27 ? 1   2IC A N13  1 
HETATM 1435 C  C25  . 2IC B 2 .   ? -13.162 -2.209  0.314   1.00 12.77 ? 1   2IC A C25  1 
HETATM 1436 C  C29  . 2IC B 2 .   ? -11.655 -4.059  -0.095  1.00 13.06 ? 1   2IC A C29  1 
HETATM 1437 N  N35  . 2IC B 2 .   ? -10.899 -6.474  0.433   1.00 17.19 ? 1   2IC A N35  1 
HETATM 1438 C  C36  . 2IC B 2 .   ? -13.060 2.433   -3.544  1.00 23.65 ? 1   2IC A C36  1 
HETATM 1439 C  C39  . 2IC B 2 .   ? -13.661 3.795   -3.685  1.00 27.00 ? 1   2IC A C39  1 
HETATM 1440 S  S40  . 2IC B 2 .   ? -12.717 5.167   -3.159  1.00 31.40 ? 1   2IC A S40  1 
HETATM 1441 C  C41  . 2IC B 2 .   ? -14.056 6.237   -3.504  1.00 31.75 ? 1   2IC A C41  1 
HETATM 1442 C  C43  . 2IC B 2 .   ? -15.033 5.596   -4.160  1.00 33.29 ? 1   2IC A C43  1 
HETATM 1443 C  C44  . 2IC B 2 .   ? -14.825 4.146   -4.261  1.00 29.68 ? 1   2IC A C44  1 
HETATM 1444 C  C46  . 2IC B 2 .   ? -16.190 6.316   -4.743  1.00 35.42 ? 1   2IC A C46  1 
HETATM 1445 O  O47  . 2IC B 2 .   ? -17.000 5.670   -5.443  1.00 37.67 ? 1   2IC A O47  1 
HETATM 1446 O  O48  . 2IC B 2 .   ? -16.308 7.542   -4.531  1.00 37.74 ? 1   2IC A O48  1 
HETATM 1447 C  C50  . 2IC B 2 .   ? -10.807 0.652   -0.038  1.00 12.32 ? 1   2IC A C50  1 
HETATM 1448 O  O51  . 2IC B 2 .   ? -10.012 0.616   -0.977  1.00 10.78 ? 1   2IC A O51  1 
HETATM 1449 C  C52  . 2IC B 2 .   ? -14.003 1.477   1.652   1.00 13.75 ? 1   2IC A C52  1 
HETATM 1450 O  O56  . 2IC B 2 .   ? -11.822 0.514   3.235   1.00 11.67 ? 1   2IC A O56  1 
HETATM 1451 CL CL57 . 2IC B 2 .   ? -7.035  0.270   4.922   1.00 13.37 ? 1   2IC A CL57 1 
HETATM 1452 O  O    . HOH C 3 .   ? 5.891   5.729   6.629   1.00 9.96  ? 308 HOH A O    1 
HETATM 1453 O  O    . HOH C 3 .   ? 1.169   0.000   -12.954 1.00 11.65 ? 309 HOH A O    1 
HETATM 1454 O  O    . HOH C 3 .   ? 1.684   17.002  0.973   1.00 13.48 ? 310 HOH A O    1 
HETATM 1455 O  O    . HOH C 3 .   ? 13.373  10.835  -0.593  1.00 12.38 ? 311 HOH A O    1 
HETATM 1456 O  O    . HOH C 3 .   ? 5.582   0.484   14.650  1.00 12.47 ? 312 HOH A O    1 
HETATM 1457 O  O    . HOH C 3 .   ? -6.141  14.319  1.740   1.00 14.31 ? 313 HOH A O    1 
HETATM 1458 O  O    . HOH C 3 .   ? -5.899  12.242  6.716   1.00 13.65 ? 314 HOH A O    1 
HETATM 1459 O  O    . HOH C 3 .   ? -3.073  14.087  2.483   1.00 14.16 ? 315 HOH A O    1 
HETATM 1460 O  O    . HOH C 3 .   ? 9.998   9.948   -5.955  1.00 14.09 ? 316 HOH A O    1 
HETATM 1461 O  O    . HOH C 3 .   ? -0.132  16.199  2.702   1.00 16.96 ? 317 HOH A O    1 
HETATM 1462 O  O    . HOH C 3 .   ? 10.684  -0.611  -10.419 1.00 15.41 ? 318 HOH A O    1 
HETATM 1463 O  O    . HOH C 3 .   ? -1.596  -10.968 6.951   1.00 15.47 ? 319 HOH A O    1 
HETATM 1464 O  O    . HOH C 3 .   ? 8.220   17.111  4.981   1.00 17.49 ? 320 HOH A O    1 
HETATM 1465 O  O    . HOH C 3 .   ? -2.245  11.765  -9.137  1.00 18.03 ? 321 HOH A O    1 
HETATM 1466 O  O    . HOH C 3 .   ? 15.465  0.554   -0.965  1.00 12.84 ? 322 HOH A O    1 
HETATM 1467 O  O    . HOH C 3 .   ? -9.000  -13.906 0.139   1.00 18.87 ? 323 HOH A O    1 
HETATM 1468 O  O    . HOH C 3 .   ? -12.615 1.681   5.661   1.00 15.75 ? 324 HOH A O    1 
HETATM 1469 O  O    . HOH C 3 .   ? -5.764  4.852   -12.989 1.00 14.39 ? 325 HOH A O    1 
HETATM 1470 O  O    . HOH C 3 .   ? -1.718  9.456   -10.268 1.00 19.49 ? 326 HOH A O    1 
HETATM 1471 O  O    . HOH C 3 .   ? 2.701   -2.233  -19.677 1.00 19.19 ? 327 HOH A O    1 
HETATM 1472 O  O    . HOH C 3 .   ? -4.295  -10.452 6.044   1.00 16.81 ? 328 HOH A O    1 
HETATM 1473 O  O    . HOH C 3 .   ? 15.468  10.688  8.583   1.00 16.86 ? 329 HOH A O    1 
HETATM 1474 O  O    . HOH C 3 .   ? 0.420   14.247  9.500   1.00 15.07 ? 330 HOH A O    1 
HETATM 1475 O  O    . HOH C 3 .   ? 8.078   -3.149  13.070  1.00 17.70 ? 331 HOH A O    1 
HETATM 1476 O  O    . HOH C 3 .   ? 10.181  -12.016 5.213   1.00 24.19 ? 332 HOH A O    1 
HETATM 1477 O  O    . HOH C 3 .   ? 5.668   1.204   -12.141 1.00 14.51 ? 333 HOH A O    1 
HETATM 1478 O  O    . HOH C 3 .   ? -8.718  14.151  9.444   1.00 15.85 ? 334 HOH A O    1 
HETATM 1479 O  O    . HOH C 3 .   ? 7.778   -1.142  15.201  1.00 18.85 ? 335 HOH A O    1 
HETATM 1480 O  O    . HOH C 3 .   ? 4.045   16.145  -4.972  1.00 13.50 ? 336 HOH A O    1 
HETATM 1481 O  O    . HOH C 3 .   ? -10.537 12.346  11.482  1.00 17.71 ? 337 HOH A O    1 
HETATM 1482 O  O    . HOH C 3 .   ? 19.930  3.379   2.187   1.00 20.51 ? 338 HOH A O    1 
HETATM 1483 O  O    . HOH C 3 .   ? -1.762  19.042  0.626   1.00 19.58 ? 339 HOH A O    1 
HETATM 1484 O  O    . HOH C 3 .   ? 9.707   1.662   8.317   1.00 15.96 ? 340 HOH A O    1 
HETATM 1485 O  O    . HOH C 3 .   ? 5.792   -9.639  -10.467 1.00 18.17 ? 341 HOH A O    1 
HETATM 1486 O  O    . HOH C 3 .   ? 4.672   20.590  -5.171  1.00 20.56 ? 342 HOH A O    1 
HETATM 1487 O  O    . HOH C 3 .   ? 9.158   -8.995  -7.631  1.00 25.61 ? 343 HOH A O    1 
HETATM 1488 O  O    . HOH C 3 .   ? -1.607  -10.705 9.798   1.00 21.55 ? 344 HOH A O    1 
HETATM 1489 O  O    . HOH C 3 .   ? -9.748  8.510   -9.044  1.00 17.60 ? 345 HOH A O    1 
HETATM 1490 O  O    . HOH C 3 .   ? 9.259   12.581  -6.672  1.00 17.96 ? 346 HOH A O    1 
HETATM 1491 O  O    . HOH C 3 .   ? 4.175   -15.581 -3.704  1.00 20.92 ? 347 HOH A O    1 
HETATM 1492 O  O    . HOH C 3 .   ? 5.792   -2.959  16.913  1.00 18.74 ? 348 HOH A O    1 
HETATM 1493 O  O    . HOH C 3 .   ? -7.942  6.590   -13.461 1.00 19.66 ? 349 HOH A O    1 
HETATM 1494 O  O    . HOH C 3 .   ? -13.663 5.205   0.712   1.00 33.73 ? 350 HOH A O    1 
HETATM 1495 O  O    . HOH C 3 .   ? -7.530  6.839   12.598  1.00 28.14 ? 351 HOH A O    1 
HETATM 1496 O  O    . HOH C 3 .   ? -9.937  -8.600  -10.662 1.00 25.54 ? 352 HOH A O    1 
HETATM 1497 O  O    . HOH C 3 .   ? 5.721   13.785  -8.145  1.00 17.22 ? 353 HOH A O    1 
HETATM 1498 O  O    . HOH C 3 .   ? 14.570  9.360   -3.175  1.00 31.94 ? 354 HOH A O    1 
HETATM 1499 O  O    . HOH C 3 .   ? 9.399   14.457  6.954   1.00 24.69 ? 355 HOH A O    1 
HETATM 1500 O  O    . HOH C 3 .   ? 6.942   -3.785  20.625  1.00 20.00 ? 356 HOH A O    1 
HETATM 1501 O  O    . HOH C 3 .   ? 12.624  -10.310 5.653   1.00 23.83 ? 357 HOH A O    1 
HETATM 1502 O  O    . HOH C 3 .   ? -0.667  19.471  3.167   1.00 24.01 ? 358 HOH A O    1 
HETATM 1503 O  O    . HOH C 3 .   ? 7.584   -11.149 -7.587  1.00 17.56 ? 359 HOH A O    1 
HETATM 1504 O  O    . HOH C 3 .   ? 10.542  4.919   10.131  1.00 20.59 ? 360 HOH A O    1 
HETATM 1505 O  O    . HOH C 3 .   ? 2.189   21.280  -0.235  1.00 19.08 ? 361 HOH A O    1 
HETATM 1506 O  O    . HOH C 3 .   ? 3.707   5.404   20.146  1.00 24.23 ? 362 HOH A O    1 
HETATM 1507 O  O    . HOH C 3 .   ? 6.706   4.460   -15.039 1.00 18.98 ? 363 HOH A O    1 
HETATM 1508 O  O    . HOH C 3 .   ? 9.177   -7.374  -10.216 1.00 25.28 ? 364 HOH A O    1 
HETATM 1509 O  O    . HOH C 3 .   ? 7.420   -0.130  -13.784 1.00 23.37 ? 365 HOH A O    1 
HETATM 1510 O  O    . HOH C 3 .   ? 12.904  -11.213 1.608   1.00 20.83 ? 366 HOH A O    1 
HETATM 1511 O  O    . HOH C 3 .   ? -1.134  8.043   -18.140 1.00 26.52 ? 367 HOH A O    1 
HETATM 1512 O  O    . HOH C 3 .   ? -5.259  8.480   13.671  1.00 23.08 ? 368 HOH A O    1 
HETATM 1513 O  O    . HOH C 3 .   ? 18.162  -3.657  -0.383  1.00 33.09 ? 369 HOH A O    1 
HETATM 1514 O  O    . HOH C 3 .   ? -3.315  -15.333 1.114   1.00 30.19 ? 370 HOH A O    1 
HETATM 1515 O  O    . HOH C 3 .   ? -14.254 -12.231 -6.437  1.00 36.76 ? 371 HOH A O    1 
HETATM 1516 O  O    . HOH C 3 .   ? -6.403  15.045  10.287  1.00 33.21 ? 372 HOH A O    1 
HETATM 1517 O  O    . HOH C 3 .   ? 14.478  -7.310  10.308  1.00 34.24 ? 373 HOH A O    1 
HETATM 1518 O  O    . HOH C 3 .   ? 2.728   -2.452  19.851  1.00 41.17 ? 374 HOH A O    1 
HETATM 1519 O  O    . HOH C 3 .   ? -7.712  -15.372 1.994   1.00 34.05 ? 375 HOH A O    1 
HETATM 1520 O  O    . HOH C 3 .   ? -14.067 2.593   8.363   1.00 33.10 ? 376 HOH A O    1 
HETATM 1521 O  O    . HOH C 3 .   ? 7.483   11.926  -8.837  1.00 27.29 ? 377 HOH A O    1 
HETATM 1522 O  O    . HOH C 3 .   ? -7.673  2.427   13.342  1.00 26.85 ? 378 HOH A O    1 
HETATM 1523 O  O    . HOH C 3 .   ? -6.808  -11.249 -8.048  1.00 21.85 ? 379 HOH A O    1 
HETATM 1524 O  O    . HOH C 3 .   ? 1.520   -19.251 -8.719  1.00 25.64 ? 380 HOH A O    1 
HETATM 1525 O  O    . HOH C 3 .   ? -15.992 2.122   -1.447  1.00 30.76 ? 381 HOH A O    1 
HETATM 1526 O  O    . HOH C 3 .   ? -7.835  5.230   14.833  1.00 36.94 ? 382 HOH A O    1 
HETATM 1527 O  O    . HOH C 3 .   ? 11.783  -7.130  -4.408  1.00 15.95 ? 383 HOH A O    1 
HETATM 1528 O  O    . HOH C 3 .   ? 10.465  -12.339 12.042  1.00 19.51 ? 384 HOH A O    1 
HETATM 1529 O  O    . HOH C 3 .   ? 4.030   -7.097  14.747  1.00 23.19 ? 385 HOH A O    1 
HETATM 1530 O  O    . HOH C 3 .   ? 5.794   10.436  8.558   1.00 20.98 ? 386 HOH A O    1 
HETATM 1531 O  O    . HOH C 3 .   ? 14.050  -6.131  -3.381  1.00 29.45 ? 387 HOH A O    1 
HETATM 1532 O  O    . HOH C 3 .   ? -1.200  -13.670 7.312   1.00 27.48 ? 388 HOH A O    1 
HETATM 1533 O  O    . HOH C 3 .   ? -3.849  6.407   -14.031 1.00 25.55 ? 389 HOH A O    1 
HETATM 1534 O  O    . HOH C 3 .   ? 9.250   5.891   13.195  1.00 35.67 ? 390 HOH A O    1 
HETATM 1535 O  O    . HOH C 3 .   ? 9.817   2.867   11.779  1.00 25.47 ? 391 HOH A O    1 
HETATM 1536 O  O    . HOH C 3 .   ? -16.490 11.254  9.163   1.00 21.97 ? 392 HOH A O    1 
HETATM 1537 O  O    . HOH C 3 .   ? -10.027 4.279   10.557  1.00 32.49 ? 393 HOH A O    1 
HETATM 1538 O  O    . HOH C 3 .   ? -0.959  11.474  22.425  1.00 30.63 ? 394 HOH A O    1 
HETATM 1539 O  O    . HOH C 3 .   ? -1.904  -20.270 -10.233 1.00 27.45 ? 395 HOH A O    1 
HETATM 1540 O  O    . HOH C 3 .   ? -14.627 12.323  10.965  1.00 33.90 ? 396 HOH A O    1 
HETATM 1541 O  O    . HOH C 3 .   ? 4.008   -4.369  -16.797 1.00 29.45 ? 397 HOH A O    1 
HETATM 1542 O  O    . HOH C 3 .   ? 12.157  1.653   -9.667  1.00 31.76 ? 398 HOH A O    1 
HETATM 1543 O  O    . HOH C 3 .   ? 10.165  -11.958 0.752   1.00 37.85 ? 399 HOH A O    1 
HETATM 1544 O  O    . HOH C 3 .   ? -10.188 12.202  -6.835  1.00 30.22 ? 400 HOH A O    1 
HETATM 1545 O  O    . HOH C 3 .   ? 4.818   -14.898 0.014   1.00 30.74 ? 401 HOH A O    1 
HETATM 1546 O  O    . HOH C 3 .   ? 16.527  -9.338  1.900   1.00 26.83 ? 402 HOH A O    1 
HETATM 1547 O  O    . HOH C 3 .   ? -0.301  -18.323 -12.781 1.00 28.61 ? 403 HOH A O    1 
HETATM 1548 O  O    . HOH C 3 .   ? -11.480 -2.774  -17.431 1.00 32.37 ? 404 HOH A O    1 
HETATM 1549 O  O    . HOH C 3 .   ? 11.007  -13.878 -2.549  1.00 35.41 ? 405 HOH A O    1 
HETATM 1550 O  O    . HOH C 3 .   ? -0.835  -16.573 -14.863 1.00 26.13 ? 406 HOH A O    1 
HETATM 1551 O  O    . HOH C 3 .   ? 4.870   -4.407  18.969  1.00 32.37 ? 407 HOH A O    1 
HETATM 1552 O  O    . HOH C 3 .   ? 8.723   -12.422 2.951   1.00 42.22 ? 408 HOH A O    1 
HETATM 1553 O  O    . HOH C 3 .   ? 5.192   21.940  -0.730  1.00 33.85 ? 409 HOH A O    1 
HETATM 1554 O  O    . HOH C 3 .   ? -1.009  14.354  -10.254 1.00 36.23 ? 410 HOH A O    1 
HETATM 1555 O  O    . HOH C 3 .   ? 1.359   18.211  -8.129  1.00 29.02 ? 411 HOH A O    1 
HETATM 1556 O  O    . HOH C 3 .   ? 4.909   -11.172 -13.176 1.00 38.23 ? 412 HOH A O    1 
HETATM 1557 O  O    . HOH C 3 .   ? -16.216 2.980   4.474   1.00 31.54 ? 413 HOH A O    1 
HETATM 1558 O  O    . HOH C 3 .   ? -5.462  -2.549  -18.200 1.00 28.18 ? 414 HOH A O    1 
HETATM 1559 O  O    . HOH C 3 .   ? 2.136   19.832  2.114   1.00 35.20 ? 415 HOH A O    1 
HETATM 1560 O  O    . HOH C 3 .   ? -15.059 8.734   9.576   1.00 36.69 ? 416 HOH A O    1 
HETATM 1561 O  O    . HOH C 3 .   ? 1.289   8.338   -19.265 1.00 37.42 ? 417 HOH A O    1 
HETATM 1562 O  O    . HOH C 3 .   ? 17.982  0.992   -2.354  1.00 30.92 ? 418 HOH A O    1 
HETATM 1563 O  O    . HOH C 3 .   ? -15.614 6.393   8.503   1.00 29.08 ? 419 HOH A O    1 
HETATM 1564 O  O    . HOH C 3 .   ? -8.614  -5.296  -15.791 1.00 34.07 ? 420 HOH A O    1 
HETATM 1565 O  O    . HOH C 3 .   ? 11.714  -8.836  -7.089  1.00 27.02 ? 421 HOH A O    1 
HETATM 1566 O  O    . HOH C 3 .   ? 3.875   -0.917  21.906  1.00 27.96 ? 422 HOH A O    1 
HETATM 1567 O  O    . HOH C 3 .   ? -2.983  -3.667  -19.488 1.00 27.77 ? 423 HOH A O    1 
HETATM 1568 O  O    . HOH C 3 .   ? 12.518  3.211   12.440  1.00 18.12 ? 424 HOH A O    1 
HETATM 1569 O  O    . HOH C 3 .   ? -4.116  14.830  4.700   1.00 30.85 ? 425 HOH A O    1 
HETATM 1570 O  O    . HOH C 3 .   ? -2.652  9.180   23.342  1.00 33.07 ? 426 HOH A O    1 
HETATM 1571 O  O    . HOH C 3 .   ? -8.099  14.933  -10.289 1.00 26.77 ? 427 HOH A O    1 
HETATM 1572 O  O    . HOH C 3 .   ? 4.016   -18.612 -8.220  1.00 30.04 ? 428 HOH A O    1 
HETATM 1573 O  O    . HOH C 3 .   ? 15.303  6.674   -5.858  1.00 28.95 ? 429 HOH A O    1 
HETATM 1574 O  O    . HOH C 3 .   ? -5.808  11.286  -11.338 1.00 31.50 ? 430 HOH A O    1 
HETATM 1575 O  O    . HOH C 3 .   ? 20.924  2.894   4.842   1.00 43.62 ? 431 HOH A O    1 
HETATM 1576 O  O    . HOH C 3 .   ? -3.148  9.009   -14.744 1.00 32.52 ? 432 HOH A O    1 
HETATM 1577 O  O    . HOH C 3 .   ? -6.533  18.040  7.752   1.00 27.22 ? 433 HOH A O    1 
HETATM 1578 O  O    . HOH C 3 .   ? -17.446 -10.458 1.236   1.00 46.55 ? 434 HOH A O    1 
HETATM 1579 O  O    . HOH C 3 .   ? -10.548 6.035   14.042  1.00 49.83 ? 435 HOH A O    1 
HETATM 1580 O  O    . HOH C 3 .   ? -9.958  -17.199 -8.378  1.00 43.39 ? 436 HOH A O    1 
HETATM 1581 O  O    . HOH C 3 .   ? -9.309  8.645   -6.547  1.00 39.33 ? 437 HOH A O    1 
HETATM 1582 O  O    . HOH C 3 .   ? -4.720  -13.833 -18.954 1.00 31.08 ? 438 HOH A O    1 
HETATM 1583 O  O    . HOH C 3 .   ? -9.926  -12.686 -12.483 1.00 44.76 ? 439 HOH A O    1 
HETATM 1584 O  O    . HOH C 3 .   ? 3.204   10.115  -15.101 1.00 33.48 ? 440 HOH A O    1 
HETATM 1585 O  O    . HOH C 3 .   ? 16.697  -5.543  10.070  1.00 27.08 ? 441 HOH A O    1 
HETATM 1586 O  O    . HOH C 3 .   ? -6.951  -13.820 -9.204  1.00 36.54 ? 442 HOH A O    1 
HETATM 1587 O  O    . HOH C 3 .   ? 13.855  11.011  11.275  1.00 40.18 ? 443 HOH A O    1 
HETATM 1588 O  O    . HOH C 3 .   ? -1.408  -9.787  17.812  1.00 36.87 ? 444 HOH A O    1 
HETATM 1589 O  O    . HOH C 3 .   ? 7.003   -13.816 -1.318  1.00 45.35 ? 445 HOH A O    1 
HETATM 1590 O  O    . HOH C 3 .   ? -15.624 -1.494  -4.731  1.00 35.28 ? 446 HOH A O    1 
HETATM 1591 O  O    . HOH C 3 .   ? -0.319  -2.696  22.632  1.00 42.84 ? 447 HOH A O    1 
HETATM 1592 O  O    . HOH C 3 .   ? -16.814 -3.672  7.123   1.00 38.25 ? 448 HOH A O    1 
HETATM 1593 O  O    . HOH C 3 .   ? 6.278   7.135   17.372  1.00 35.21 ? 449 HOH A O    1 
HETATM 1594 O  O    . HOH C 3 .   ? -15.787 -4.328  -9.876  1.00 44.99 ? 450 HOH A O    1 
HETATM 1595 O  O    . HOH C 3 .   ? 9.200   9.480   -8.459  1.00 47.88 ? 451 HOH A O    1 
# 
loop_
_pdbx_poly_seq_scheme.asym_id 
_pdbx_poly_seq_scheme.entity_id 
_pdbx_poly_seq_scheme.seq_id 
_pdbx_poly_seq_scheme.mon_id 
_pdbx_poly_seq_scheme.ndb_seq_num 
_pdbx_poly_seq_scheme.pdb_seq_num 
_pdbx_poly_seq_scheme.auth_seq_num 
_pdbx_poly_seq_scheme.pdb_mon_id 
_pdbx_poly_seq_scheme.auth_mon_id 
_pdbx_poly_seq_scheme.pdb_strand_id 
_pdbx_poly_seq_scheme.pdb_ins_code 
_pdbx_poly_seq_scheme.hetero 
A 1 1   GLY 1   125 ?   ?   ?   A . n 
A 1 2   SER 2   126 ?   ?   ?   A . n 
A 1 3   HIS 3   127 ?   ?   ?   A . n 
A 1 4   MET 4   128 128 MET MET A . n 
A 1 5   ASN 5   129 129 ASN ASN A . n 
A 1 6   VAL 6   130 130 VAL VAL A . n 
A 1 7   ASP 7   131 131 ASP ASP A . n 
A 1 8   LEU 8   132 132 LEU LEU A . n 
A 1 9   VAL 9   133 133 VAL VAL A . n 
A 1 10  PHE 10  134 134 PHE PHE A . n 
A 1 11  LEU 11  135 135 LEU LEU A . n 
A 1 12  PHE 12  136 136 PHE PHE A . n 
A 1 13  ASP 13  137 137 ASP ASP A . n 
A 1 14  GLY 14  138 138 GLY GLY A . n 
A 1 15  SER 15  139 139 SER SER A . n 
A 1 16  MET 16  140 140 MET MET A . n 
A 1 17  SER 17  141 141 SER SER A . n 
A 1 18  LEU 18  142 142 LEU LEU A . n 
A 1 19  GLN 19  143 143 GLN GLN A . n 
A 1 20  PRO 20  144 144 PRO PRO A . n 
A 1 21  ASP 21  145 145 ASP ASP A . n 
A 1 22  GLU 22  146 146 GLU GLU A . n 
A 1 23  PHE 23  147 147 PHE PHE A . n 
A 1 24  GLN 24  148 148 GLN GLN A . n 
A 1 25  LYS 25  149 149 LYS LYS A . n 
A 1 26  ILE 26  150 150 ILE ILE A . n 
A 1 27  LEU 27  151 151 LEU LEU A . n 
A 1 28  ASP 28  152 152 ASP ASP A . n 
A 1 29  PHE 29  153 153 PHE PHE A . n 
A 1 30  MET 30  154 154 MET MET A . n 
A 1 31  LYS 31  155 155 LYS LYS A . n 
A 1 32  ASP 32  156 156 ASP ASP A . n 
A 1 33  VAL 33  157 157 VAL VAL A . n 
A 1 34  MET 34  158 158 MET MET A . n 
A 1 35  LYS 35  159 159 LYS LYS A . n 
A 1 36  LYS 36  160 160 LYS LYS A . n 
A 1 37  LEU 37  161 161 LEU LEU A . n 
A 1 38  SER 38  162 162 SER SER A . n 
A 1 39  ASN 39  163 163 ASN ASN A . n 
A 1 40  THR 40  164 164 THR THR A . n 
A 1 41  SER 41  165 165 SER SER A . n 
A 1 42  TYR 42  166 166 TYR TYR A . n 
A 1 43  GLN 43  167 167 GLN GLN A . n 
A 1 44  PHE 44  168 168 PHE PHE A . n 
A 1 45  ALA 45  169 169 ALA ALA A . n 
A 1 46  ALA 46  170 170 ALA ALA A . n 
A 1 47  VAL 47  171 171 VAL VAL A . n 
A 1 48  GLN 48  172 172 GLN GLN A . n 
A 1 49  PHE 49  173 173 PHE PHE A . n 
A 1 50  SER 50  174 174 SER SER A . n 
A 1 51  THR 51  175 175 THR THR A . n 
A 1 52  SER 52  176 176 SER SER A . n 
A 1 53  TYR 53  177 177 TYR TYR A . n 
A 1 54  LYS 54  178 178 LYS LYS A . n 
A 1 55  THR 55  179 179 THR THR A . n 
A 1 56  GLU 56  180 180 GLU GLU A . n 
A 1 57  PHE 57  181 181 PHE PHE A . n 
A 1 58  ASP 58  182 182 ASP ASP A . n 
A 1 59  PHE 59  183 183 PHE PHE A . n 
A 1 60  SER 60  184 184 SER SER A . n 
A 1 61  ASP 61  185 185 ASP ASP A . n 
A 1 62  TYR 62  186 186 TYR TYR A . n 
A 1 63  VAL 63  187 187 VAL VAL A . n 
A 1 64  LYS 64  188 188 LYS LYS A . n 
A 1 65  ARG 65  189 189 ARG ARG A . n 
A 1 66  LYS 66  190 190 LYS LYS A . n 
A 1 67  ASP 67  191 191 ASP ASP A . n 
A 1 68  PRO 68  192 192 PRO PRO A . n 
A 1 69  ASP 69  193 193 ASP ASP A . n 
A 1 70  ALA 70  194 194 ALA ALA A . n 
A 1 71  LEU 71  195 195 LEU LEU A . n 
A 1 72  LEU 72  196 196 LEU LEU A . n 
A 1 73  LYS 73  197 197 LYS LYS A . n 
A 1 74  HIS 74  198 198 HIS HIS A . n 
A 1 75  VAL 75  199 199 VAL VAL A . n 
A 1 76  LYS 76  200 200 LYS LYS A . n 
A 1 77  HIS 77  201 201 HIS HIS A . n 
A 1 78  MET 78  202 202 MET MET A . n 
A 1 79  LEU 79  203 203 LEU LEU A . n 
A 1 80  LEU 80  204 204 LEU LEU A . n 
A 1 81  LEU 81  205 205 LEU LEU A . n 
A 1 82  THR 82  206 206 THR THR A . n 
A 1 83  ASN 83  207 207 ASN ASN A . n 
A 1 84  THR 84  208 208 THR THR A . n 
A 1 85  PHE 85  209 209 PHE PHE A . n 
A 1 86  GLY 86  210 210 GLY GLY A . n 
A 1 87  ALA 87  211 211 ALA ALA A . n 
A 1 88  ILE 88  212 212 ILE ILE A . n 
A 1 89  ASN 89  213 213 ASN ASN A . n 
A 1 90  TYR 90  214 214 TYR TYR A . n 
A 1 91  VAL 91  215 215 VAL VAL A . n 
A 1 92  ALA 92  216 216 ALA ALA A . n 
A 1 93  THR 93  217 217 THR THR A . n 
A 1 94  GLU 94  218 218 GLU GLU A . n 
A 1 95  VAL 95  219 219 VAL VAL A . n 
A 1 96  PHE 96  220 220 PHE PHE A . n 
A 1 97  ARG 97  221 221 ARG ARG A . n 
A 1 98  GLU 98  222 222 GLU GLU A . n 
A 1 99  GLU 99  223 223 GLU GLU A . n 
A 1 100 LEU 100 224 224 LEU LEU A . n 
A 1 101 GLY 101 225 225 GLY GLY A . n 
A 1 102 ALA 102 226 226 ALA ALA A . n 
A 1 103 ARG 103 227 227 ARG ARG A . n 
A 1 104 PRO 104 228 228 PRO PRO A . n 
A 1 105 ASP 105 229 229 ASP ASP A . n 
A 1 106 ALA 106 230 230 ALA ALA A . n 
A 1 107 THR 107 231 231 THR THR A . n 
A 1 108 LYS 108 232 232 LYS LYS A . n 
A 1 109 VAL 109 233 233 VAL VAL A . n 
A 1 110 LEU 110 234 234 LEU LEU A . n 
A 1 111 ILE 111 235 235 ILE ILE A . n 
A 1 112 ILE 112 236 236 ILE ILE A . n 
A 1 113 ILE 113 237 237 ILE ILE A . n 
A 1 114 THR 114 238 238 THR THR A . n 
A 1 115 ASP 115 239 239 ASP ASP A . n 
A 1 116 GLY 116 240 240 GLY GLY A . n 
A 1 117 GLU 117 241 241 GLU GLU A . n 
A 1 118 ALA 118 242 242 ALA ALA A . n 
A 1 119 THR 119 243 243 THR THR A . n 
A 1 120 ASP 120 244 244 ASP ASP A . n 
A 1 121 SER 121 245 245 SER SER A . n 
A 1 122 GLY 122 246 246 GLY GLY A . n 
A 1 123 ASN 123 247 247 ASN ASN A . n 
A 1 124 ILE 124 248 248 ILE ILE A . n 
A 1 125 ASP 125 249 249 ASP ASP A . n 
A 1 126 ALA 126 250 250 ALA ALA A . n 
A 1 127 ALA 127 251 251 ALA ALA A . n 
A 1 128 LYS 128 252 252 LYS LYS A . n 
A 1 129 ASP 129 253 253 ASP ASP A . n 
A 1 130 ILE 130 254 254 ILE ILE A . n 
A 1 131 ILE 131 255 255 ILE ILE A . n 
A 1 132 ARG 132 256 256 ARG ARG A . n 
A 1 133 TYR 133 257 257 TYR TYR A . n 
A 1 134 ILE 134 258 258 ILE ILE A . n 
A 1 135 ILE 135 259 259 ILE ILE A . n 
A 1 136 GLY 136 260 260 GLY GLY A . n 
A 1 137 ILE 137 261 261 ILE ILE A . n 
A 1 138 GLY 138 262 262 GLY GLY A . n 
A 1 139 LYS 139 263 263 LYS LYS A . n 
A 1 140 HIS 140 264 264 HIS HIS A . n 
A 1 141 PHE 141 265 265 PHE PHE A . n 
A 1 142 GLN 142 266 266 GLN GLN A . n 
A 1 143 THR 143 267 267 THR THR A . n 
A 1 144 LYS 144 268 268 LYS LYS A . n 
A 1 145 GLU 145 269 269 GLU GLU A . n 
A 1 146 SER 146 270 270 SER SER A . n 
A 1 147 GLN 147 271 271 GLN GLN A . n 
A 1 148 GLU 148 272 272 GLU GLU A . n 
A 1 149 THR 149 273 273 THR THR A . n 
A 1 150 LEU 150 274 274 LEU LEU A . n 
A 1 151 HIS 151 275 275 HIS HIS A . n 
A 1 152 LYS 152 276 276 LYS LYS A . n 
A 1 153 PHE 153 277 277 PHE PHE A . n 
A 1 154 ALA 154 278 278 ALA ALA A . n 
A 1 155 SER 155 279 279 SER SER A . n 
A 1 156 LYS 156 280 280 LYS LYS A . n 
A 1 157 PRO 157 281 281 PRO PRO A . n 
A 1 158 ALA 158 282 282 ALA ALA A . n 
A 1 159 SER 159 283 283 SER SER A . n 
A 1 160 GLU 160 284 284 GLU GLU A . n 
A 1 161 PHE 161 285 285 PHE PHE A . n 
A 1 162 VAL 162 286 286 VAL VAL A . n 
A 1 163 LYS 163 287 287 LYS LYS A . n 
A 1 164 ILE 164 288 288 ILE ILE A . n 
A 1 165 LEU 165 289 289 LEU LEU A . n 
A 1 166 ASP 166 290 290 ASP ASP A . n 
A 1 167 THR 167 291 291 THR THR A . n 
A 1 168 PHE 168 292 292 PHE PHE A . n 
A 1 169 GLU 169 293 293 GLU GLU A . n 
A 1 170 LYS 170 294 294 LYS LYS A . n 
A 1 171 LEU 171 295 295 LEU LEU A . n 
A 1 172 LYS 172 296 296 LYS LYS A . n 
A 1 173 ASP 173 297 297 ASP ASP A . n 
A 1 174 LEU 174 298 298 LEU LEU A . n 
A 1 175 PHE 175 299 299 PHE PHE A . n 
A 1 176 THR 176 300 300 THR THR A . n 
A 1 177 GLU 177 301 301 GLU GLU A . n 
A 1 178 LEU 178 302 302 LEU LEU A . n 
A 1 179 GLN 179 303 303 GLN GLN A . n 
A 1 180 LYS 180 304 304 LYS LYS A . n 
A 1 181 LYS 181 305 305 LYS LYS A . n 
A 1 182 ILE 182 306 306 ILE ILE A . n 
A 1 183 TYR 183 307 ?   ?   ?   A . n 
# 
loop_
_pdbx_nonpoly_scheme.asym_id 
_pdbx_nonpoly_scheme.entity_id 
_pdbx_nonpoly_scheme.mon_id 
_pdbx_nonpoly_scheme.ndb_seq_num 
_pdbx_nonpoly_scheme.pdb_seq_num 
_pdbx_nonpoly_scheme.auth_seq_num 
_pdbx_nonpoly_scheme.pdb_mon_id 
_pdbx_nonpoly_scheme.auth_mon_id 
_pdbx_nonpoly_scheme.pdb_strand_id 
_pdbx_nonpoly_scheme.pdb_ins_code 
B 2 2IC 1   1   1   2IC 2IC A . 
C 3 HOH 1   308 1   HOH HOH A . 
C 3 HOH 2   309 2   HOH HOH A . 
C 3 HOH 3   310 3   HOH HOH A . 
C 3 HOH 4   311 4   HOH HOH A . 
C 3 HOH 5   312 5   HOH HOH A . 
C 3 HOH 6   313 6   HOH HOH A . 
C 3 HOH 7   314 7   HOH HOH A . 
C 3 HOH 8   315 8   HOH HOH A . 
C 3 HOH 9   316 9   HOH HOH A . 
C 3 HOH 10  317 10  HOH HOH A . 
C 3 HOH 11  318 11  HOH HOH A . 
C 3 HOH 12  319 12  HOH HOH A . 
C 3 HOH 13  320 13  HOH HOH A . 
C 3 HOH 14  321 14  HOH HOH A . 
C 3 HOH 15  322 15  HOH HOH A . 
C 3 HOH 16  323 16  HOH HOH A . 
C 3 HOH 17  324 17  HOH HOH A . 
C 3 HOH 18  325 18  HOH HOH A . 
C 3 HOH 19  326 19  HOH HOH A . 
C 3 HOH 20  327 20  HOH HOH A . 
C 3 HOH 21  328 21  HOH HOH A . 
C 3 HOH 22  329 22  HOH HOH A . 
C 3 HOH 23  330 23  HOH HOH A . 
C 3 HOH 24  331 24  HOH HOH A . 
C 3 HOH 25  332 25  HOH HOH A . 
C 3 HOH 26  333 26  HOH HOH A . 
C 3 HOH 27  334 27  HOH HOH A . 
C 3 HOH 28  335 28  HOH HOH A . 
C 3 HOH 29  336 29  HOH HOH A . 
C 3 HOH 30  337 31  HOH HOH A . 
C 3 HOH 31  338 32  HOH HOH A . 
C 3 HOH 32  339 33  HOH HOH A . 
C 3 HOH 33  340 34  HOH HOH A . 
C 3 HOH 34  341 35  HOH HOH A . 
C 3 HOH 35  342 36  HOH HOH A . 
C 3 HOH 36  343 37  HOH HOH A . 
C 3 HOH 37  344 38  HOH HOH A . 
C 3 HOH 38  345 39  HOH HOH A . 
C 3 HOH 39  346 40  HOH HOH A . 
C 3 HOH 40  347 41  HOH HOH A . 
C 3 HOH 41  348 42  HOH HOH A . 
C 3 HOH 42  349 43  HOH HOH A . 
C 3 HOH 43  350 44  HOH HOH A . 
C 3 HOH 44  351 45  HOH HOH A . 
C 3 HOH 45  352 46  HOH HOH A . 
C 3 HOH 46  353 47  HOH HOH A . 
C 3 HOH 47  354 49  HOH HOH A . 
C 3 HOH 48  355 50  HOH HOH A . 
C 3 HOH 49  356 51  HOH HOH A . 
C 3 HOH 50  357 52  HOH HOH A . 
C 3 HOH 51  358 53  HOH HOH A . 
C 3 HOH 52  359 54  HOH HOH A . 
C 3 HOH 53  360 55  HOH HOH A . 
C 3 HOH 54  361 56  HOH HOH A . 
C 3 HOH 55  362 57  HOH HOH A . 
C 3 HOH 56  363 58  HOH HOH A . 
C 3 HOH 57  364 59  HOH HOH A . 
C 3 HOH 58  365 60  HOH HOH A . 
C 3 HOH 59  366 61  HOH HOH A . 
C 3 HOH 60  367 62  HOH HOH A . 
C 3 HOH 61  368 63  HOH HOH A . 
C 3 HOH 62  369 64  HOH HOH A . 
C 3 HOH 63  370 65  HOH HOH A . 
C 3 HOH 64  371 66  HOH HOH A . 
C 3 HOH 65  372 67  HOH HOH A . 
C 3 HOH 66  373 68  HOH HOH A . 
C 3 HOH 67  374 69  HOH HOH A . 
C 3 HOH 68  375 70  HOH HOH A . 
C 3 HOH 69  376 71  HOH HOH A . 
C 3 HOH 70  377 72  HOH HOH A . 
C 3 HOH 71  378 73  HOH HOH A . 
C 3 HOH 72  379 74  HOH HOH A . 
C 3 HOH 73  380 75  HOH HOH A . 
C 3 HOH 74  381 76  HOH HOH A . 
C 3 HOH 75  382 77  HOH HOH A . 
C 3 HOH 76  383 78  HOH HOH A . 
C 3 HOH 77  384 79  HOH HOH A . 
C 3 HOH 78  385 80  HOH HOH A . 
C 3 HOH 79  386 81  HOH HOH A . 
C 3 HOH 80  387 82  HOH HOH A . 
C 3 HOH 81  388 83  HOH HOH A . 
C 3 HOH 82  389 84  HOH HOH A . 
C 3 HOH 83  390 85  HOH HOH A . 
C 3 HOH 84  391 86  HOH HOH A . 
C 3 HOH 85  392 87  HOH HOH A . 
C 3 HOH 86  393 88  HOH HOH A . 
C 3 HOH 87  394 89  HOH HOH A . 
C 3 HOH 88  395 90  HOH HOH A . 
C 3 HOH 89  396 91  HOH HOH A . 
C 3 HOH 90  397 92  HOH HOH A . 
C 3 HOH 91  398 93  HOH HOH A . 
C 3 HOH 92  399 94  HOH HOH A . 
C 3 HOH 93  400 95  HOH HOH A . 
C 3 HOH 94  401 96  HOH HOH A . 
C 3 HOH 95  402 97  HOH HOH A . 
C 3 HOH 96  403 98  HOH HOH A . 
C 3 HOH 97  404 99  HOH HOH A . 
C 3 HOH 98  405 100 HOH HOH A . 
C 3 HOH 99  406 101 HOH HOH A . 
C 3 HOH 100 407 102 HOH HOH A . 
C 3 HOH 101 408 103 HOH HOH A . 
C 3 HOH 102 409 104 HOH HOH A . 
C 3 HOH 103 410 105 HOH HOH A . 
C 3 HOH 104 411 106 HOH HOH A . 
C 3 HOH 105 412 107 HOH HOH A . 
C 3 HOH 106 413 108 HOH HOH A . 
C 3 HOH 107 414 109 HOH HOH A . 
C 3 HOH 108 415 110 HOH HOH A . 
C 3 HOH 109 416 111 HOH HOH A . 
C 3 HOH 110 417 112 HOH HOH A . 
C 3 HOH 111 418 113 HOH HOH A . 
C 3 HOH 112 419 114 HOH HOH A . 
C 3 HOH 113 420 115 HOH HOH A . 
C 3 HOH 114 421 116 HOH HOH A . 
C 3 HOH 115 422 117 HOH HOH A . 
C 3 HOH 116 423 118 HOH HOH A . 
C 3 HOH 117 424 119 HOH HOH A . 
C 3 HOH 118 425 120 HOH HOH A . 
C 3 HOH 119 426 121 HOH HOH A . 
C 3 HOH 120 427 122 HOH HOH A . 
C 3 HOH 121 428 123 HOH HOH A . 
C 3 HOH 122 429 124 HOH HOH A . 
C 3 HOH 123 430 125 HOH HOH A . 
C 3 HOH 124 431 126 HOH HOH A . 
C 3 HOH 125 432 127 HOH HOH A . 
C 3 HOH 126 433 128 HOH HOH A . 
C 3 HOH 127 434 129 HOH HOH A . 
C 3 HOH 128 435 130 HOH HOH A . 
C 3 HOH 129 436 131 HOH HOH A . 
C 3 HOH 130 437 132 HOH HOH A . 
C 3 HOH 131 438 133 HOH HOH A . 
C 3 HOH 132 439 134 HOH HOH A . 
C 3 HOH 133 440 135 HOH HOH A . 
C 3 HOH 134 441 136 HOH HOH A . 
C 3 HOH 135 442 137 HOH HOH A . 
C 3 HOH 136 443 138 HOH HOH A . 
C 3 HOH 137 444 139 HOH HOH A . 
C 3 HOH 138 445 140 HOH HOH A . 
C 3 HOH 139 446 141 HOH HOH A . 
C 3 HOH 140 447 142 HOH HOH A . 
C 3 HOH 141 448 143 HOH HOH A . 
C 3 HOH 142 449 144 HOH HOH A . 
C 3 HOH 143 450 145 HOH HOH A . 
C 3 HOH 144 451 146 HOH HOH A . 
# 
_pdbx_struct_assembly.id                   1 
_pdbx_struct_assembly.details              author_defined_assembly 
_pdbx_struct_assembly.method_details       ? 
_pdbx_struct_assembly.oligomeric_details   monomeric 
_pdbx_struct_assembly.oligomeric_count     1 
# 
_pdbx_struct_assembly_gen.assembly_id       1 
_pdbx_struct_assembly_gen.oper_expression   1 
_pdbx_struct_assembly_gen.asym_id_list      A,B,C 
# 
_pdbx_struct_oper_list.id                   1 
_pdbx_struct_oper_list.type                 'identity operation' 
_pdbx_struct_oper_list.name                 1_555 
_pdbx_struct_oper_list.symmetry_operation   x,y,z 
_pdbx_struct_oper_list.matrix[1][1]         1.0000000000 
_pdbx_struct_oper_list.matrix[1][2]         0.0000000000 
_pdbx_struct_oper_list.matrix[1][3]         0.0000000000 
_pdbx_struct_oper_list.vector[1]            0.0000000000 
_pdbx_struct_oper_list.matrix[2][1]         0.0000000000 
_pdbx_struct_oper_list.matrix[2][2]         1.0000000000 
_pdbx_struct_oper_list.matrix[2][3]         0.0000000000 
_pdbx_struct_oper_list.vector[2]            0.0000000000 
_pdbx_struct_oper_list.matrix[3][1]         0.0000000000 
_pdbx_struct_oper_list.matrix[3][2]         0.0000000000 
_pdbx_struct_oper_list.matrix[3][3]         1.0000000000 
_pdbx_struct_oper_list.vector[3]            0.0000000000 
# 
loop_
_pdbx_audit_revision_history.ordinal 
_pdbx_audit_revision_history.data_content_type 
_pdbx_audit_revision_history.major_revision 
_pdbx_audit_revision_history.minor_revision 
_pdbx_audit_revision_history.revision_date 
1 'Structure model' 1 0 2006-12-19 
2 'Structure model' 1 1 2008-05-01 
3 'Structure model' 1 2 2011-07-13 
4 'Structure model' 1 3 2017-10-18 
5 'Structure model' 1 4 2023-08-30 
# 
_pdbx_audit_revision_details.ordinal             1 
_pdbx_audit_revision_details.revision_ordinal    1 
_pdbx_audit_revision_details.data_content_type   'Structure model' 
_pdbx_audit_revision_details.provider            repository 
_pdbx_audit_revision_details.type                'Initial release' 
_pdbx_audit_revision_details.description         ? 
_pdbx_audit_revision_details.details             ? 
# 
loop_
_pdbx_audit_revision_group.ordinal 
_pdbx_audit_revision_group.revision_ordinal 
_pdbx_audit_revision_group.data_content_type 
_pdbx_audit_revision_group.group 
1 2 'Structure model' 'Version format compliance' 
2 3 'Structure model' 'Version format compliance' 
3 4 'Structure model' 'Refinement description'    
4 5 'Structure model' 'Data collection'           
5 5 'Structure model' 'Database references'       
6 5 'Structure model' 'Derived calculations'      
7 5 'Structure model' 'Refinement description'    
# 
loop_
_pdbx_audit_revision_category.ordinal 
_pdbx_audit_revision_category.revision_ordinal 
_pdbx_audit_revision_category.data_content_type 
_pdbx_audit_revision_category.category 
1 4 'Structure model' software                      
2 5 'Structure model' chem_comp_atom                
3 5 'Structure model' chem_comp_bond                
4 5 'Structure model' database_2                    
5 5 'Structure model' pdbx_initial_refinement_model 
6 5 'Structure model' struct_ref_seq_dif            
7 5 'Structure model' struct_site                   
# 
loop_
_pdbx_audit_revision_item.ordinal 
_pdbx_audit_revision_item.revision_ordinal 
_pdbx_audit_revision_item.data_content_type 
_pdbx_audit_revision_item.item 
1 5 'Structure model' '_database_2.pdbx_DOI'                
2 5 'Structure model' '_database_2.pdbx_database_accession' 
3 5 'Structure model' '_struct_ref_seq_dif.details'         
4 5 'Structure model' '_struct_site.pdbx_auth_asym_id'      
5 5 'Structure model' '_struct_site.pdbx_auth_comp_id'      
6 5 'Structure model' '_struct_site.pdbx_auth_seq_id'       
# 
loop_
_software.name 
_software.version 
_software.date 
_software.type 
_software.contact_author 
_software.contact_author_email 
_software.classification 
_software.location 
_software.language 
_software.citation_id 
_software.pdbx_ordinal 
DENZO       .     ?                package 'Zbyszek Otwinowski' zbyszek@mix.swmed.edu    'data reduction'  
http://www.lnls.br/infra/linhasluz/denzo-hkl.htm ?          ? 1 
SCALEPACK   .     ?                package 'Zbyszek Otwinowski' zbyszek@mix.swmed.edu    'data scaling'    
http://www.lnls.br/infra/linhasluz/denzo-hkl.htm ?          ? 2 
CNS         .     ?                package 'Axel T. Brunger'    axel.brunger@yale.edu    refinement        
http://cns.csb.yale.edu/v1.1/                    Fortran_77 ? 3 
PDB_EXTRACT 2.000 'April. 3, 2006' package PDB                  sw-help@rcsb.rutgers.edu 'data extraction' 
http://pdb.rutgers.edu/software/                 C++        ? 4 
AMoRE       .     ?                ?       ?                    ?                        phasing           ? ?          ? 5 
CNX         2005  ?                ?       ?                    ?                        refinement        ? ?          ? 6 
# 
loop_
_pdbx_validate_torsion.id 
_pdbx_validate_torsion.PDB_model_num 
_pdbx_validate_torsion.auth_comp_id 
_pdbx_validate_torsion.auth_asym_id 
_pdbx_validate_torsion.auth_seq_id 
_pdbx_validate_torsion.PDB_ins_code 
_pdbx_validate_torsion.label_alt_id 
_pdbx_validate_torsion.phi 
_pdbx_validate_torsion.psi 
1 1 SER A 174 ? ? -147.10 -102.64 
2 1 LEU A 204 ? ? -124.82 -131.37 
3 1 ASP A 244 ? ? -103.63 -159.29 
# 
loop_
_pdbx_unobs_or_zero_occ_atoms.id 
_pdbx_unobs_or_zero_occ_atoms.PDB_model_num 
_pdbx_unobs_or_zero_occ_atoms.polymer_flag 
_pdbx_unobs_or_zero_occ_atoms.occupancy_flag 
_pdbx_unobs_or_zero_occ_atoms.auth_asym_id 
_pdbx_unobs_or_zero_occ_atoms.auth_comp_id 
_pdbx_unobs_or_zero_occ_atoms.auth_seq_id 
_pdbx_unobs_or_zero_occ_atoms.PDB_ins_code 
_pdbx_unobs_or_zero_occ_atoms.auth_atom_id 
_pdbx_unobs_or_zero_occ_atoms.label_alt_id 
_pdbx_unobs_or_zero_occ_atoms.label_asym_id 
_pdbx_unobs_or_zero_occ_atoms.label_comp_id 
_pdbx_unobs_or_zero_occ_atoms.label_seq_id 
_pdbx_unobs_or_zero_occ_atoms.label_atom_id 
1  1 Y 1 A MET 128 ? CG  ? A MET 4   CG  
2  1 Y 1 A MET 128 ? SD  ? A MET 4   SD  
3  1 Y 1 A MET 128 ? CE  ? A MET 4   CE  
4  1 Y 1 A ASN 163 ? CG  ? A ASN 39  CG  
5  1 Y 1 A ASN 163 ? OD1 ? A ASN 39  OD1 
6  1 Y 1 A ASN 163 ? ND2 ? A ASN 39  ND2 
7  1 Y 1 A ASP 229 ? CG  ? A ASP 105 CG  
8  1 Y 1 A ASP 229 ? OD1 ? A ASP 105 OD1 
9  1 Y 1 A ASP 229 ? OD2 ? A ASP 105 OD2 
10 1 Y 1 A LYS 268 ? CG  ? A LYS 144 CG  
11 1 Y 1 A LYS 268 ? CD  ? A LYS 144 CD  
12 1 Y 1 A LYS 268 ? CE  ? A LYS 144 CE  
13 1 Y 1 A LYS 268 ? NZ  ? A LYS 144 NZ  
14 1 Y 1 A GLU 269 ? CG  ? A GLU 145 CG  
15 1 Y 1 A GLU 269 ? CD  ? A GLU 145 CD  
16 1 Y 1 A GLU 269 ? OE1 ? A GLU 145 OE1 
17 1 Y 1 A GLU 269 ? OE2 ? A GLU 145 OE2 
18 1 Y 1 A ASP 290 ? CG  ? A ASP 166 CG  
19 1 Y 1 A ASP 290 ? OD1 ? A ASP 166 OD1 
20 1 Y 1 A ASP 290 ? OD2 ? A ASP 166 OD2 
21 1 Y 1 A GLU 293 ? CG  ? A GLU 169 CG  
22 1 Y 1 A GLU 293 ? CD  ? A GLU 169 CD  
23 1 Y 1 A GLU 293 ? OE1 ? A GLU 169 OE1 
24 1 Y 1 A GLU 293 ? OE2 ? A GLU 169 OE2 
25 1 Y 1 A GLU 301 ? CG  ? A GLU 177 CG  
26 1 Y 1 A GLU 301 ? CD  ? A GLU 177 CD  
27 1 Y 1 A GLU 301 ? OE1 ? A GLU 177 OE1 
28 1 Y 1 A GLU 301 ? OE2 ? A GLU 177 OE2 
# 
loop_
_pdbx_unobs_or_zero_occ_residues.id 
_pdbx_unobs_or_zero_occ_residues.PDB_model_num 
_pdbx_unobs_or_zero_occ_residues.polymer_flag 
_pdbx_unobs_or_zero_occ_residues.occupancy_flag 
_pdbx_unobs_or_zero_occ_residues.auth_asym_id 
_pdbx_unobs_or_zero_occ_residues.auth_comp_id 
_pdbx_unobs_or_zero_occ_residues.auth_seq_id 
_pdbx_unobs_or_zero_occ_residues.PDB_ins_code 
_pdbx_unobs_or_zero_occ_residues.label_asym_id 
_pdbx_unobs_or_zero_occ_residues.label_comp_id 
_pdbx_unobs_or_zero_occ_residues.label_seq_id 
1 1 Y 1 A GLY 125 ? A GLY 1   
2 1 Y 1 A SER 126 ? A SER 2   
3 1 Y 1 A HIS 127 ? A HIS 3   
4 1 Y 1 A TYR 307 ? A TYR 183 
# 
loop_
_chem_comp_atom.comp_id 
_chem_comp_atom.atom_id 
_chem_comp_atom.type_symbol 
_chem_comp_atom.pdbx_aromatic_flag 
_chem_comp_atom.pdbx_stereo_config 
_chem_comp_atom.pdbx_ordinal 
2IC C2   C  Y N 1   
2IC C3   C  Y N 2   
2IC C8   C  Y N 3   
2IC C9   C  Y N 4   
2IC C12  C  N N 5   
2IC C14  C  N R 6   
2IC C15  C  N N 7   
2IC N18  N  N S 8   
2IC C19  C  N N 9   
2IC C22  C  N S 10  
2IC C24  C  Y N 11  
2IC C27  C  Y N 12  
2IC C30  C  Y N 13  
2IC C32  C  Y N 14  
2IC C34  C  N N 15  
2IC CL1  CL N N 16  
2IC C5   C  Y N 17  
2IC C6   C  Y N 18  
2IC N11  N  N N 19  
2IC N13  N  N N 20  
2IC C25  C  Y N 21  
2IC C29  C  Y N 22  
2IC N35  N  N N 23  
2IC C36  C  N N 24  
2IC C39  C  Y N 25  
2IC S40  S  Y N 26  
2IC C41  C  Y N 27  
2IC C43  C  Y N 28  
2IC C44  C  Y N 29  
2IC C46  C  N N 30  
2IC O47  O  N N 31  
2IC O48  O  N N 32  
2IC C50  C  N N 33  
2IC O51  O  N N 34  
2IC C52  C  N N 35  
2IC O56  O  N N 36  
2IC CL57 CL N N 37  
2IC H3   H  N N 38  
2IC H9   H  N N 39  
2IC H151 H  N N 40  
2IC H152 H  N N 41  
2IC H191 H  N N 42  
2IC H192 H  N N 43  
2IC H22  H  N N 44  
2IC H27  H  N N 45  
2IC H30  H  N N 46  
2IC H32  H  N N 47  
2IC H6   H  N N 48  
2IC H25  H  N N 49  
2IC H361 H  N N 50  
2IC H362 H  N N 51  
2IC H41  H  N N 52  
2IC H44  H  N N 53  
2IC HO48 H  N N 54  
2IC H521 H  N N 55  
2IC H522 H  N N 56  
2IC H523 H  N N 57  
ALA N    N  N N 58  
ALA CA   C  N S 59  
ALA C    C  N N 60  
ALA O    O  N N 61  
ALA CB   C  N N 62  
ALA OXT  O  N N 63  
ALA H    H  N N 64  
ALA H2   H  N N 65  
ALA HA   H  N N 66  
ALA HB1  H  N N 67  
ALA HB2  H  N N 68  
ALA HB3  H  N N 69  
ALA HXT  H  N N 70  
ARG N    N  N N 71  
ARG CA   C  N S 72  
ARG C    C  N N 73  
ARG O    O  N N 74  
ARG CB   C  N N 75  
ARG CG   C  N N 76  
ARG CD   C  N N 77  
ARG NE   N  N N 78  
ARG CZ   C  N N 79  
ARG NH1  N  N N 80  
ARG NH2  N  N N 81  
ARG OXT  O  N N 82  
ARG H    H  N N 83  
ARG H2   H  N N 84  
ARG HA   H  N N 85  
ARG HB2  H  N N 86  
ARG HB3  H  N N 87  
ARG HG2  H  N N 88  
ARG HG3  H  N N 89  
ARG HD2  H  N N 90  
ARG HD3  H  N N 91  
ARG HE   H  N N 92  
ARG HH11 H  N N 93  
ARG HH12 H  N N 94  
ARG HH21 H  N N 95  
ARG HH22 H  N N 96  
ARG HXT  H  N N 97  
ASN N    N  N N 98  
ASN CA   C  N S 99  
ASN C    C  N N 100 
ASN O    O  N N 101 
ASN CB   C  N N 102 
ASN CG   C  N N 103 
ASN OD1  O  N N 104 
ASN ND2  N  N N 105 
ASN OXT  O  N N 106 
ASN H    H  N N 107 
ASN H2   H  N N 108 
ASN HA   H  N N 109 
ASN HB2  H  N N 110 
ASN HB3  H  N N 111 
ASN HD21 H  N N 112 
ASN HD22 H  N N 113 
ASN HXT  H  N N 114 
ASP N    N  N N 115 
ASP CA   C  N S 116 
ASP C    C  N N 117 
ASP O    O  N N 118 
ASP CB   C  N N 119 
ASP CG   C  N N 120 
ASP OD1  O  N N 121 
ASP OD2  O  N N 122 
ASP OXT  O  N N 123 
ASP H    H  N N 124 
ASP H2   H  N N 125 
ASP HA   H  N N 126 
ASP HB2  H  N N 127 
ASP HB3  H  N N 128 
ASP HD2  H  N N 129 
ASP HXT  H  N N 130 
GLN N    N  N N 131 
GLN CA   C  N S 132 
GLN C    C  N N 133 
GLN O    O  N N 134 
GLN CB   C  N N 135 
GLN CG   C  N N 136 
GLN CD   C  N N 137 
GLN OE1  O  N N 138 
GLN NE2  N  N N 139 
GLN OXT  O  N N 140 
GLN H    H  N N 141 
GLN H2   H  N N 142 
GLN HA   H  N N 143 
GLN HB2  H  N N 144 
GLN HB3  H  N N 145 
GLN HG2  H  N N 146 
GLN HG3  H  N N 147 
GLN HE21 H  N N 148 
GLN HE22 H  N N 149 
GLN HXT  H  N N 150 
GLU N    N  N N 151 
GLU CA   C  N S 152 
GLU C    C  N N 153 
GLU O    O  N N 154 
GLU CB   C  N N 155 
GLU CG   C  N N 156 
GLU CD   C  N N 157 
GLU OE1  O  N N 158 
GLU OE2  O  N N 159 
GLU OXT  O  N N 160 
GLU H    H  N N 161 
GLU H2   H  N N 162 
GLU HA   H  N N 163 
GLU HB2  H  N N 164 
GLU HB3  H  N N 165 
GLU HG2  H  N N 166 
GLU HG3  H  N N 167 
GLU HE2  H  N N 168 
GLU HXT  H  N N 169 
GLY N    N  N N 170 
GLY CA   C  N N 171 
GLY C    C  N N 172 
GLY O    O  N N 173 
GLY OXT  O  N N 174 
GLY H    H  N N 175 
GLY H2   H  N N 176 
GLY HA2  H  N N 177 
GLY HA3  H  N N 178 
GLY HXT  H  N N 179 
HIS N    N  N N 180 
HIS CA   C  N S 181 
HIS C    C  N N 182 
HIS O    O  N N 183 
HIS CB   C  N N 184 
HIS CG   C  Y N 185 
HIS ND1  N  Y N 186 
HIS CD2  C  Y N 187 
HIS CE1  C  Y N 188 
HIS NE2  N  Y N 189 
HIS OXT  O  N N 190 
HIS H    H  N N 191 
HIS H2   H  N N 192 
HIS HA   H  N N 193 
HIS HB2  H  N N 194 
HIS HB3  H  N N 195 
HIS HD1  H  N N 196 
HIS HD2  H  N N 197 
HIS HE1  H  N N 198 
HIS HE2  H  N N 199 
HIS HXT  H  N N 200 
HOH O    O  N N 201 
HOH H1   H  N N 202 
HOH H2   H  N N 203 
ILE N    N  N N 204 
ILE CA   C  N S 205 
ILE C    C  N N 206 
ILE O    O  N N 207 
ILE CB   C  N S 208 
ILE CG1  C  N N 209 
ILE CG2  C  N N 210 
ILE CD1  C  N N 211 
ILE OXT  O  N N 212 
ILE H    H  N N 213 
ILE H2   H  N N 214 
ILE HA   H  N N 215 
ILE HB   H  N N 216 
ILE HG12 H  N N 217 
ILE HG13 H  N N 218 
ILE HG21 H  N N 219 
ILE HG22 H  N N 220 
ILE HG23 H  N N 221 
ILE HD11 H  N N 222 
ILE HD12 H  N N 223 
ILE HD13 H  N N 224 
ILE HXT  H  N N 225 
LEU N    N  N N 226 
LEU CA   C  N S 227 
LEU C    C  N N 228 
LEU O    O  N N 229 
LEU CB   C  N N 230 
LEU CG   C  N N 231 
LEU CD1  C  N N 232 
LEU CD2  C  N N 233 
LEU OXT  O  N N 234 
LEU H    H  N N 235 
LEU H2   H  N N 236 
LEU HA   H  N N 237 
LEU HB2  H  N N 238 
LEU HB3  H  N N 239 
LEU HG   H  N N 240 
LEU HD11 H  N N 241 
LEU HD12 H  N N 242 
LEU HD13 H  N N 243 
LEU HD21 H  N N 244 
LEU HD22 H  N N 245 
LEU HD23 H  N N 246 
LEU HXT  H  N N 247 
LYS N    N  N N 248 
LYS CA   C  N S 249 
LYS C    C  N N 250 
LYS O    O  N N 251 
LYS CB   C  N N 252 
LYS CG   C  N N 253 
LYS CD   C  N N 254 
LYS CE   C  N N 255 
LYS NZ   N  N N 256 
LYS OXT  O  N N 257 
LYS H    H  N N 258 
LYS H2   H  N N 259 
LYS HA   H  N N 260 
LYS HB2  H  N N 261 
LYS HB3  H  N N 262 
LYS HG2  H  N N 263 
LYS HG3  H  N N 264 
LYS HD2  H  N N 265 
LYS HD3  H  N N 266 
LYS HE2  H  N N 267 
LYS HE3  H  N N 268 
LYS HZ1  H  N N 269 
LYS HZ2  H  N N 270 
LYS HZ3  H  N N 271 
LYS HXT  H  N N 272 
MET N    N  N N 273 
MET CA   C  N S 274 
MET C    C  N N 275 
MET O    O  N N 276 
MET CB   C  N N 277 
MET CG   C  N N 278 
MET SD   S  N N 279 
MET CE   C  N N 280 
MET OXT  O  N N 281 
MET H    H  N N 282 
MET H2   H  N N 283 
MET HA   H  N N 284 
MET HB2  H  N N 285 
MET HB3  H  N N 286 
MET HG2  H  N N 287 
MET HG3  H  N N 288 
MET HE1  H  N N 289 
MET HE2  H  N N 290 
MET HE3  H  N N 291 
MET HXT  H  N N 292 
PHE N    N  N N 293 
PHE CA   C  N S 294 
PHE C    C  N N 295 
PHE O    O  N N 296 
PHE CB   C  N N 297 
PHE CG   C  Y N 298 
PHE CD1  C  Y N 299 
PHE CD2  C  Y N 300 
PHE CE1  C  Y N 301 
PHE CE2  C  Y N 302 
PHE CZ   C  Y N 303 
PHE OXT  O  N N 304 
PHE H    H  N N 305 
PHE H2   H  N N 306 
PHE HA   H  N N 307 
PHE HB2  H  N N 308 
PHE HB3  H  N N 309 
PHE HD1  H  N N 310 
PHE HD2  H  N N 311 
PHE HE1  H  N N 312 
PHE HE2  H  N N 313 
PHE HZ   H  N N 314 
PHE HXT  H  N N 315 
PRO N    N  N N 316 
PRO CA   C  N S 317 
PRO C    C  N N 318 
PRO O    O  N N 319 
PRO CB   C  N N 320 
PRO CG   C  N N 321 
PRO CD   C  N N 322 
PRO OXT  O  N N 323 
PRO H    H  N N 324 
PRO HA   H  N N 325 
PRO HB2  H  N N 326 
PRO HB3  H  N N 327 
PRO HG2  H  N N 328 
PRO HG3  H  N N 329 
PRO HD2  H  N N 330 
PRO HD3  H  N N 331 
PRO HXT  H  N N 332 
SER N    N  N N 333 
SER CA   C  N S 334 
SER C    C  N N 335 
SER O    O  N N 336 
SER CB   C  N N 337 
SER OG   O  N N 338 
SER OXT  O  N N 339 
SER H    H  N N 340 
SER H2   H  N N 341 
SER HA   H  N N 342 
SER HB2  H  N N 343 
SER HB3  H  N N 344 
SER HG   H  N N 345 
SER HXT  H  N N 346 
THR N    N  N N 347 
THR CA   C  N S 348 
THR C    C  N N 349 
THR O    O  N N 350 
THR CB   C  N R 351 
THR OG1  O  N N 352 
THR CG2  C  N N 353 
THR OXT  O  N N 354 
THR H    H  N N 355 
THR H2   H  N N 356 
THR HA   H  N N 357 
THR HB   H  N N 358 
THR HG1  H  N N 359 
THR HG21 H  N N 360 
THR HG22 H  N N 361 
THR HG23 H  N N 362 
THR HXT  H  N N 363 
TYR N    N  N N 364 
TYR CA   C  N S 365 
TYR C    C  N N 366 
TYR O    O  N N 367 
TYR CB   C  N N 368 
TYR CG   C  Y N 369 
TYR CD1  C  Y N 370 
TYR CD2  C  Y N 371 
TYR CE1  C  Y N 372 
TYR CE2  C  Y N 373 
TYR CZ   C  Y N 374 
TYR OH   O  N N 375 
TYR OXT  O  N N 376 
TYR H    H  N N 377 
TYR H2   H  N N 378 
TYR HA   H  N N 379 
TYR HB2  H  N N 380 
TYR HB3  H  N N 381 
TYR HD1  H  N N 382 
TYR HD2  H  N N 383 
TYR HE1  H  N N 384 
TYR HE2  H  N N 385 
TYR HH   H  N N 386 
TYR HXT  H  N N 387 
VAL N    N  N N 388 
VAL CA   C  N S 389 
VAL C    C  N N 390 
VAL O    O  N N 391 
VAL CB   C  N N 392 
VAL CG1  C  N N 393 
VAL CG2  C  N N 394 
VAL OXT  O  N N 395 
VAL H    H  N N 396 
VAL H2   H  N N 397 
VAL HA   H  N N 398 
VAL HB   H  N N 399 
VAL HG11 H  N N 400 
VAL HG12 H  N N 401 
VAL HG13 H  N N 402 
VAL HG21 H  N N 403 
VAL HG22 H  N N 404 
VAL HG23 H  N N 405 
VAL HXT  H  N N 406 
# 
loop_
_chem_comp_bond.comp_id 
_chem_comp_bond.atom_id_1 
_chem_comp_bond.atom_id_2 
_chem_comp_bond.value_order 
_chem_comp_bond.pdbx_aromatic_flag 
_chem_comp_bond.pdbx_stereo_config 
_chem_comp_bond.pdbx_ordinal 
2IC C2  CL1  sing N N 1   
2IC C2  C9   doub Y N 2   
2IC C2  C3   sing Y N 3   
2IC C3  C5   doub Y N 4   
2IC C3  H3   sing N N 5   
2IC C8  C9   sing Y N 6   
2IC C8  N11  sing N N 7   
2IC C8  C6   doub Y N 8   
2IC C9  H9   sing N N 9   
2IC C12 N11  sing N N 10  
2IC C12 N13  sing N N 11  
2IC C12 O56  doub N N 12  
2IC C14 C22  sing N N 13  
2IC C14 C15  sing N N 14  
2IC C14 C50  sing N N 15  
2IC C14 N13  sing N N 16  
2IC C15 N18  sing N N 17  
2IC C15 H151 sing N N 18  
2IC C15 H152 sing N N 19  
2IC N18 C36  sing N N 20  
2IC N18 C19  sing N N 21  
2IC C19 C22  sing N N 22  
2IC C19 H191 sing N N 23  
2IC C19 H192 sing N N 24  
2IC C22 C24  sing N N 25  
2IC C22 H22  sing N N 26  
2IC C24 C32  sing Y N 27  
2IC C24 C25  doub Y N 28  
2IC C27 C29  doub Y N 29  
2IC C27 C25  sing Y N 30  
2IC C27 H27  sing N N 31  
2IC C30 C32  doub Y N 32  
2IC C30 C29  sing Y N 33  
2IC C30 H30  sing N N 34  
2IC C32 H32  sing N N 35  
2IC C34 N35  trip N N 36  
2IC C34 C29  sing N N 37  
2IC C5  C6   sing Y N 38  
2IC C5  CL57 sing N N 39  
2IC C6  H6   sing N N 40  
2IC N11 C50  sing N N 41  
2IC N13 C52  sing N N 42  
2IC C25 H25  sing N N 43  
2IC C36 C39  sing N N 44  
2IC C36 H361 sing N N 45  
2IC C36 H362 sing N N 46  
2IC C39 C44  doub Y N 47  
2IC C39 S40  sing Y N 48  
2IC S40 C41  sing Y N 49  
2IC C41 C43  doub Y N 50  
2IC C41 H41  sing N N 51  
2IC C43 C46  sing N N 52  
2IC C43 C44  sing Y N 53  
2IC C44 H44  sing N N 54  
2IC C46 O47  doub N N 55  
2IC C46 O48  sing N N 56  
2IC O48 HO48 sing N N 57  
2IC C50 O51  doub N N 58  
2IC C52 H521 sing N N 59  
2IC C52 H522 sing N N 60  
2IC C52 H523 sing N N 61  
ALA N   CA   sing N N 62  
ALA N   H    sing N N 63  
ALA N   H2   sing N N 64  
ALA CA  C    sing N N 65  
ALA CA  CB   sing N N 66  
ALA CA  HA   sing N N 67  
ALA C   O    doub N N 68  
ALA C   OXT  sing N N 69  
ALA CB  HB1  sing N N 70  
ALA CB  HB2  sing N N 71  
ALA CB  HB3  sing N N 72  
ALA OXT HXT  sing N N 73  
ARG N   CA   sing N N 74  
ARG N   H    sing N N 75  
ARG N   H2   sing N N 76  
ARG CA  C    sing N N 77  
ARG CA  CB   sing N N 78  
ARG CA  HA   sing N N 79  
ARG C   O    doub N N 80  
ARG C   OXT  sing N N 81  
ARG CB  CG   sing N N 82  
ARG CB  HB2  sing N N 83  
ARG CB  HB3  sing N N 84  
ARG CG  CD   sing N N 85  
ARG CG  HG2  sing N N 86  
ARG CG  HG3  sing N N 87  
ARG CD  NE   sing N N 88  
ARG CD  HD2  sing N N 89  
ARG CD  HD3  sing N N 90  
ARG NE  CZ   sing N N 91  
ARG NE  HE   sing N N 92  
ARG CZ  NH1  sing N N 93  
ARG CZ  NH2  doub N N 94  
ARG NH1 HH11 sing N N 95  
ARG NH1 HH12 sing N N 96  
ARG NH2 HH21 sing N N 97  
ARG NH2 HH22 sing N N 98  
ARG OXT HXT  sing N N 99  
ASN N   CA   sing N N 100 
ASN N   H    sing N N 101 
ASN N   H2   sing N N 102 
ASN CA  C    sing N N 103 
ASN CA  CB   sing N N 104 
ASN CA  HA   sing N N 105 
ASN C   O    doub N N 106 
ASN C   OXT  sing N N 107 
ASN CB  CG   sing N N 108 
ASN CB  HB2  sing N N 109 
ASN CB  HB3  sing N N 110 
ASN CG  OD1  doub N N 111 
ASN CG  ND2  sing N N 112 
ASN ND2 HD21 sing N N 113 
ASN ND2 HD22 sing N N 114 
ASN OXT HXT  sing N N 115 
ASP N   CA   sing N N 116 
ASP N   H    sing N N 117 
ASP N   H2   sing N N 118 
ASP CA  C    sing N N 119 
ASP CA  CB   sing N N 120 
ASP CA  HA   sing N N 121 
ASP C   O    doub N N 122 
ASP C   OXT  sing N N 123 
ASP CB  CG   sing N N 124 
ASP CB  HB2  sing N N 125 
ASP CB  HB3  sing N N 126 
ASP CG  OD1  doub N N 127 
ASP CG  OD2  sing N N 128 
ASP OD2 HD2  sing N N 129 
ASP OXT HXT  sing N N 130 
GLN N   CA   sing N N 131 
GLN N   H    sing N N 132 
GLN N   H2   sing N N 133 
GLN CA  C    sing N N 134 
GLN CA  CB   sing N N 135 
GLN CA  HA   sing N N 136 
GLN C   O    doub N N 137 
GLN C   OXT  sing N N 138 
GLN CB  CG   sing N N 139 
GLN CB  HB2  sing N N 140 
GLN CB  HB3  sing N N 141 
GLN CG  CD   sing N N 142 
GLN CG  HG2  sing N N 143 
GLN CG  HG3  sing N N 144 
GLN CD  OE1  doub N N 145 
GLN CD  NE2  sing N N 146 
GLN NE2 HE21 sing N N 147 
GLN NE2 HE22 sing N N 148 
GLN OXT HXT  sing N N 149 
GLU N   CA   sing N N 150 
GLU N   H    sing N N 151 
GLU N   H2   sing N N 152 
GLU CA  C    sing N N 153 
GLU CA  CB   sing N N 154 
GLU CA  HA   sing N N 155 
GLU C   O    doub N N 156 
GLU C   OXT  sing N N 157 
GLU CB  CG   sing N N 158 
GLU CB  HB2  sing N N 159 
GLU CB  HB3  sing N N 160 
GLU CG  CD   sing N N 161 
GLU CG  HG2  sing N N 162 
GLU CG  HG3  sing N N 163 
GLU CD  OE1  doub N N 164 
GLU CD  OE2  sing N N 165 
GLU OE2 HE2  sing N N 166 
GLU OXT HXT  sing N N 167 
GLY N   CA   sing N N 168 
GLY N   H    sing N N 169 
GLY N   H2   sing N N 170 
GLY CA  C    sing N N 171 
GLY CA  HA2  sing N N 172 
GLY CA  HA3  sing N N 173 
GLY C   O    doub N N 174 
GLY C   OXT  sing N N 175 
GLY OXT HXT  sing N N 176 
HIS N   CA   sing N N 177 
HIS N   H    sing N N 178 
HIS N   H2   sing N N 179 
HIS CA  C    sing N N 180 
HIS CA  CB   sing N N 181 
HIS CA  HA   sing N N 182 
HIS C   O    doub N N 183 
HIS C   OXT  sing N N 184 
HIS CB  CG   sing N N 185 
HIS CB  HB2  sing N N 186 
HIS CB  HB3  sing N N 187 
HIS CG  ND1  sing Y N 188 
HIS CG  CD2  doub Y N 189 
HIS ND1 CE1  doub Y N 190 
HIS ND1 HD1  sing N N 191 
HIS CD2 NE2  sing Y N 192 
HIS CD2 HD2  sing N N 193 
HIS CE1 NE2  sing Y N 194 
HIS CE1 HE1  sing N N 195 
HIS NE2 HE2  sing N N 196 
HIS OXT HXT  sing N N 197 
HOH O   H1   sing N N 198 
HOH O   H2   sing N N 199 
ILE N   CA   sing N N 200 
ILE N   H    sing N N 201 
ILE N   H2   sing N N 202 
ILE CA  C    sing N N 203 
ILE CA  CB   sing N N 204 
ILE CA  HA   sing N N 205 
ILE C   O    doub N N 206 
ILE C   OXT  sing N N 207 
ILE CB  CG1  sing N N 208 
ILE CB  CG2  sing N N 209 
ILE CB  HB   sing N N 210 
ILE CG1 CD1  sing N N 211 
ILE CG1 HG12 sing N N 212 
ILE CG1 HG13 sing N N 213 
ILE CG2 HG21 sing N N 214 
ILE CG2 HG22 sing N N 215 
ILE CG2 HG23 sing N N 216 
ILE CD1 HD11 sing N N 217 
ILE CD1 HD12 sing N N 218 
ILE CD1 HD13 sing N N 219 
ILE OXT HXT  sing N N 220 
LEU N   CA   sing N N 221 
LEU N   H    sing N N 222 
LEU N   H2   sing N N 223 
LEU CA  C    sing N N 224 
LEU CA  CB   sing N N 225 
LEU CA  HA   sing N N 226 
LEU C   O    doub N N 227 
LEU C   OXT  sing N N 228 
LEU CB  CG   sing N N 229 
LEU CB  HB2  sing N N 230 
LEU CB  HB3  sing N N 231 
LEU CG  CD1  sing N N 232 
LEU CG  CD2  sing N N 233 
LEU CG  HG   sing N N 234 
LEU CD1 HD11 sing N N 235 
LEU CD1 HD12 sing N N 236 
LEU CD1 HD13 sing N N 237 
LEU CD2 HD21 sing N N 238 
LEU CD2 HD22 sing N N 239 
LEU CD2 HD23 sing N N 240 
LEU OXT HXT  sing N N 241 
LYS N   CA   sing N N 242 
LYS N   H    sing N N 243 
LYS N   H2   sing N N 244 
LYS CA  C    sing N N 245 
LYS CA  CB   sing N N 246 
LYS CA  HA   sing N N 247 
LYS C   O    doub N N 248 
LYS C   OXT  sing N N 249 
LYS CB  CG   sing N N 250 
LYS CB  HB2  sing N N 251 
LYS CB  HB3  sing N N 252 
LYS CG  CD   sing N N 253 
LYS CG  HG2  sing N N 254 
LYS CG  HG3  sing N N 255 
LYS CD  CE   sing N N 256 
LYS CD  HD2  sing N N 257 
LYS CD  HD3  sing N N 258 
LYS CE  NZ   sing N N 259 
LYS CE  HE2  sing N N 260 
LYS CE  HE3  sing N N 261 
LYS NZ  HZ1  sing N N 262 
LYS NZ  HZ2  sing N N 263 
LYS NZ  HZ3  sing N N 264 
LYS OXT HXT  sing N N 265 
MET N   CA   sing N N 266 
MET N   H    sing N N 267 
MET N   H2   sing N N 268 
MET CA  C    sing N N 269 
MET CA  CB   sing N N 270 
MET CA  HA   sing N N 271 
MET C   O    doub N N 272 
MET C   OXT  sing N N 273 
MET CB  CG   sing N N 274 
MET CB  HB2  sing N N 275 
MET CB  HB3  sing N N 276 
MET CG  SD   sing N N 277 
MET CG  HG2  sing N N 278 
MET CG  HG3  sing N N 279 
MET SD  CE   sing N N 280 
MET CE  HE1  sing N N 281 
MET CE  HE2  sing N N 282 
MET CE  HE3  sing N N 283 
MET OXT HXT  sing N N 284 
PHE N   CA   sing N N 285 
PHE N   H    sing N N 286 
PHE N   H2   sing N N 287 
PHE CA  C    sing N N 288 
PHE CA  CB   sing N N 289 
PHE CA  HA   sing N N 290 
PHE C   O    doub N N 291 
PHE C   OXT  sing N N 292 
PHE CB  CG   sing N N 293 
PHE CB  HB2  sing N N 294 
PHE CB  HB3  sing N N 295 
PHE CG  CD1  doub Y N 296 
PHE CG  CD2  sing Y N 297 
PHE CD1 CE1  sing Y N 298 
PHE CD1 HD1  sing N N 299 
PHE CD2 CE2  doub Y N 300 
PHE CD2 HD2  sing N N 301 
PHE CE1 CZ   doub Y N 302 
PHE CE1 HE1  sing N N 303 
PHE CE2 CZ   sing Y N 304 
PHE CE2 HE2  sing N N 305 
PHE CZ  HZ   sing N N 306 
PHE OXT HXT  sing N N 307 
PRO N   CA   sing N N 308 
PRO N   CD   sing N N 309 
PRO N   H    sing N N 310 
PRO CA  C    sing N N 311 
PRO CA  CB   sing N N 312 
PRO CA  HA   sing N N 313 
PRO C   O    doub N N 314 
PRO C   OXT  sing N N 315 
PRO CB  CG   sing N N 316 
PRO CB  HB2  sing N N 317 
PRO CB  HB3  sing N N 318 
PRO CG  CD   sing N N 319 
PRO CG  HG2  sing N N 320 
PRO CG  HG3  sing N N 321 
PRO CD  HD2  sing N N 322 
PRO CD  HD3  sing N N 323 
PRO OXT HXT  sing N N 324 
SER N   CA   sing N N 325 
SER N   H    sing N N 326 
SER N   H2   sing N N 327 
SER CA  C    sing N N 328 
SER CA  CB   sing N N 329 
SER CA  HA   sing N N 330 
SER C   O    doub N N 331 
SER C   OXT  sing N N 332 
SER CB  OG   sing N N 333 
SER CB  HB2  sing N N 334 
SER CB  HB3  sing N N 335 
SER OG  HG   sing N N 336 
SER OXT HXT  sing N N 337 
THR N   CA   sing N N 338 
THR N   H    sing N N 339 
THR N   H2   sing N N 340 
THR CA  C    sing N N 341 
THR CA  CB   sing N N 342 
THR CA  HA   sing N N 343 
THR C   O    doub N N 344 
THR C   OXT  sing N N 345 
THR CB  OG1  sing N N 346 
THR CB  CG2  sing N N 347 
THR CB  HB   sing N N 348 
THR OG1 HG1  sing N N 349 
THR CG2 HG21 sing N N 350 
THR CG2 HG22 sing N N 351 
THR CG2 HG23 sing N N 352 
THR OXT HXT  sing N N 353 
TYR N   CA   sing N N 354 
TYR N   H    sing N N 355 
TYR N   H2   sing N N 356 
TYR CA  C    sing N N 357 
TYR CA  CB   sing N N 358 
TYR CA  HA   sing N N 359 
TYR C   O    doub N N 360 
TYR C   OXT  sing N N 361 
TYR CB  CG   sing N N 362 
TYR CB  HB2  sing N N 363 
TYR CB  HB3  sing N N 364 
TYR CG  CD1  doub Y N 365 
TYR CG  CD2  sing Y N 366 
TYR CD1 CE1  sing Y N 367 
TYR CD1 HD1  sing N N 368 
TYR CD2 CE2  doub Y N 369 
TYR CD2 HD2  sing N N 370 
TYR CE1 CZ   doub Y N 371 
TYR CE1 HE1  sing N N 372 
TYR CE2 CZ   sing Y N 373 
TYR CE2 HE2  sing N N 374 
TYR CZ  OH   sing N N 375 
TYR OH  HH   sing N N 376 
TYR OXT HXT  sing N N 377 
VAL N   CA   sing N N 378 
VAL N   H    sing N N 379 
VAL N   H2   sing N N 380 
VAL CA  C    sing N N 381 
VAL CA  CB   sing N N 382 
VAL CA  HA   sing N N 383 
VAL C   O    doub N N 384 
VAL C   OXT  sing N N 385 
VAL CB  CG1  sing N N 386 
VAL CB  CG2  sing N N 387 
VAL CB  HB   sing N N 388 
VAL CG1 HG11 sing N N 389 
VAL CG1 HG12 sing N N 390 
VAL CG1 HG13 sing N N 391 
VAL CG2 HG21 sing N N 392 
VAL CG2 HG22 sing N N 393 
VAL CG2 HG23 sing N N 394 
VAL OXT HXT  sing N N 395 
# 
loop_
_pdbx_entity_nonpoly.entity_id 
_pdbx_entity_nonpoly.name 
_pdbx_entity_nonpoly.comp_id 
2 
;5-[(5S,9R)-9-(4-CYANOPHENYL)-3-(3,5-DICHLOROPHENYL)-1-METHYL-2,4-DIOXO-1,3,7-TRIAZASPIRO [4.4]NON-7-YL]METHYL]-3-THIOPHENECARBOXYLICACID
;
2IC 
3 water HOH 
# 
_pdbx_initial_refinement_model.id               1 
_pdbx_initial_refinement_model.entity_id_list   ? 
_pdbx_initial_refinement_model.type             'experimental model' 
_pdbx_initial_refinement_model.source_name      PDB 
_pdbx_initial_refinement_model.accession_code   1LFA 
_pdbx_initial_refinement_model.details          'PDB ENTRY 1LFA CHAIN A' 
# 
